data_4L90
# 
_entry.id   4L90 
# 
_audit_conform.dict_name       mmcif_pdbx.dic 
_audit_conform.dict_version    5.381 
_audit_conform.dict_location   http://mmcif.pdb.org/dictionaries/ascii/mmcif_pdbx.dic 
# 
loop_
_database_2.database_id 
_database_2.database_code 
_database_2.pdbx_database_accession 
_database_2.pdbx_DOI 
PDB   4L90         pdb_00004l90 10.2210/pdb4l90/pdb 
RCSB  RCSB080332   ?            ?                   
WWPDB D_1000080332 ?            ?                   
# 
loop_
_pdbx_database_related.db_name 
_pdbx_database_related.db_id 
_pdbx_database_related.details 
_pdbx_database_related.content_type 
PDB 4L8Z . unspecified 
PDB 4L91 . unspecified 
PDB 4L93 . unspecified 
PDB 4L94 . unspecified 
# 
_pdbx_database_status.status_code                     REL 
_pdbx_database_status.entry_id                        4L90 
_pdbx_database_status.recvd_initial_deposition_date   2013-06-18 
_pdbx_database_status.deposit_site                    RCSB 
_pdbx_database_status.process_site                    PDBJ 
_pdbx_database_status.methods_development_category    ? 
_pdbx_database_status.status_code_sf                  REL 
_pdbx_database_status.status_code_mr                  ? 
_pdbx_database_status.SG_entry                        ? 
_pdbx_database_status.status_code_cs                  ? 
_pdbx_database_status.pdb_format_compatible           Y 
_pdbx_database_status.status_code_nmr_data            ? 
# 
loop_
_audit_author.name 
_audit_author.pdbx_ordinal 
'Li, J.'    1 
'Ren, J.'   2 
'Yang, M.'  3 
'Xiong, B.' 4 
'He, J.'    5 
# 
_citation.id                        primary 
_citation.title                     'Crystal structure of Human Hsp90 with RL3' 
_citation.journal_abbrev            'to be published' 
_citation.journal_volume            ? 
_citation.page_first                ? 
_citation.page_last                 ? 
_citation.year                      ? 
_citation.journal_id_ASTM           ? 
_citation.country                   ? 
_citation.journal_id_ISSN           ? 
_citation.journal_id_CSD            0353 
_citation.book_publisher            ? 
_citation.pdbx_database_id_PubMed   ? 
_citation.pdbx_database_id_DOI      ? 
# 
loop_
_citation_author.citation_id 
_citation_author.name 
_citation_author.ordinal 
_citation_author.identifier_ORCID 
primary 'Li, J.'    1 ? 
primary 'Ren, J.'   2 ? 
primary 'Yang, M.'  3 ? 
primary 'Xiong, B.' 4 ? 
primary 'He, J.'    5 ? 
# 
_cell.entry_id           4L90 
_cell.length_a           69.880 
_cell.length_b           88.588 
_cell.length_c           97.982 
_cell.angle_alpha        90.00 
_cell.angle_beta         90.00 
_cell.angle_gamma        90.00 
_cell.Z_PDB              8 
_cell.pdbx_unique_axis   ? 
_cell.length_a_esd       ? 
_cell.length_b_esd       ? 
_cell.length_c_esd       ? 
_cell.angle_alpha_esd    ? 
_cell.angle_beta_esd     ? 
_cell.angle_gamma_esd    ? 
# 
_symmetry.entry_id                         4L90 
_symmetry.space_group_name_H-M             'I 2 2 2' 
_symmetry.pdbx_full_space_group_name_H-M   ? 
_symmetry.cell_setting                     ? 
_symmetry.Int_Tables_number                23 
_symmetry.space_group_name_Hall            ? 
# 
loop_
_entity.id 
_entity.type 
_entity.src_method 
_entity.pdbx_description 
_entity.formula_weight 
_entity.pdbx_number_of_molecules 
_entity.pdbx_ec 
_entity.pdbx_mutation 
_entity.pdbx_fragment 
_entity.details 
1 polymer     man 'Heat shock protein HSP 90-alpha'                                                                      25656.768 
1  ? ? 'UNP residues 9-236' ? 
2 non-polymer syn '[5-(6-bromo[1,2,4]triazolo[4,3-a]pyridin-3-yl)-2,4-dihydroxyphenyl](4-methylpiperazin-1-yl)methanone' 432.271   
1  ? ? ?                    ? 
3 water       nat water                                                                                                  18.015    
83 ? ? ?                    ? 
# 
_entity_name_com.entity_id   1 
_entity_name_com.name        'Heat shock 86 kDa, HSP 86, HSP86, Renal carcinoma antigen NY-REN-38' 
# 
_entity_poly.entity_id                      1 
_entity_poly.type                           'polypeptide(L)' 
_entity_poly.nstd_linkage                   no 
_entity_poly.nstd_monomer                   no 
_entity_poly.pdbx_seq_one_letter_code       
;DQPMEEEEVETFAFQAEIAQLMSLIINTFYSNKEIFLRELISNSSDALDKIRYESLTDPSKLDSGKELHINLIPNKQDRT
LTIVDTGIGMTKADLINNLGTIAKSGTKAFMEALQAGADISMIGQFGVGFYSAYLVAEKVTVITKHNDDEQYAWESSAGG
SFTVRTDTGEPMGRGTKVILHLKEDQTEYLEERRIKEIVKKHSQFIGYPITLFVEKERDKEVSDDEAE
;
_entity_poly.pdbx_seq_one_letter_code_can   
;DQPMEEEEVETFAFQAEIAQLMSLIINTFYSNKEIFLRELISNSSDALDKIRYESLTDPSKLDSGKELHINLIPNKQDRT
LTIVDTGIGMTKADLINNLGTIAKSGTKAFMEALQAGADISMIGQFGVGFYSAYLVAEKVTVITKHNDDEQYAWESSAGG
SFTVRTDTGEPMGRGTKVILHLKEDQTEYLEERRIKEIVKKHSQFIGYPITLFVEKERDKEVSDDEAE
;
_entity_poly.pdbx_strand_id                 A 
_entity_poly.pdbx_target_identifier         ? 
# 
loop_
_entity_poly_seq.entity_id 
_entity_poly_seq.num 
_entity_poly_seq.mon_id 
_entity_poly_seq.hetero 
1 1   ASP n 
1 2   GLN n 
1 3   PRO n 
1 4   MET n 
1 5   GLU n 
1 6   GLU n 
1 7   GLU n 
1 8   GLU n 
1 9   VAL n 
1 10  GLU n 
1 11  THR n 
1 12  PHE n 
1 13  ALA n 
1 14  PHE n 
1 15  GLN n 
1 16  ALA n 
1 17  GLU n 
1 18  ILE n 
1 19  ALA n 
1 20  GLN n 
1 21  LEU n 
1 22  MET n 
1 23  SER n 
1 24  LEU n 
1 25  ILE n 
1 26  ILE n 
1 27  ASN n 
1 28  THR n 
1 29  PHE n 
1 30  TYR n 
1 31  SER n 
1 32  ASN n 
1 33  LYS n 
1 34  GLU n 
1 35  ILE n 
1 36  PHE n 
1 37  LEU n 
1 38  ARG n 
1 39  GLU n 
1 40  LEU n 
1 41  ILE n 
1 42  SER n 
1 43  ASN n 
1 44  SER n 
1 45  SER n 
1 46  ASP n 
1 47  ALA n 
1 48  LEU n 
1 49  ASP n 
1 50  LYS n 
1 51  ILE n 
1 52  ARG n 
1 53  TYR n 
1 54  GLU n 
1 55  SER n 
1 56  LEU n 
1 57  THR n 
1 58  ASP n 
1 59  PRO n 
1 60  SER n 
1 61  LYS n 
1 62  LEU n 
1 63  ASP n 
1 64  SER n 
1 65  GLY n 
1 66  LYS n 
1 67  GLU n 
1 68  LEU n 
1 69  HIS n 
1 70  ILE n 
1 71  ASN n 
1 72  LEU n 
1 73  ILE n 
1 74  PRO n 
1 75  ASN n 
1 76  LYS n 
1 77  GLN n 
1 78  ASP n 
1 79  ARG n 
1 80  THR n 
1 81  LEU n 
1 82  THR n 
1 83  ILE n 
1 84  VAL n 
1 85  ASP n 
1 86  THR n 
1 87  GLY n 
1 88  ILE n 
1 89  GLY n 
1 90  MET n 
1 91  THR n 
1 92  LYS n 
1 93  ALA n 
1 94  ASP n 
1 95  LEU n 
1 96  ILE n 
1 97  ASN n 
1 98  ASN n 
1 99  LEU n 
1 100 GLY n 
1 101 THR n 
1 102 ILE n 
1 103 ALA n 
1 104 LYS n 
1 105 SER n 
1 106 GLY n 
1 107 THR n 
1 108 LYS n 
1 109 ALA n 
1 110 PHE n 
1 111 MET n 
1 112 GLU n 
1 113 ALA n 
1 114 LEU n 
1 115 GLN n 
1 116 ALA n 
1 117 GLY n 
1 118 ALA n 
1 119 ASP n 
1 120 ILE n 
1 121 SER n 
1 122 MET n 
1 123 ILE n 
1 124 GLY n 
1 125 GLN n 
1 126 PHE n 
1 127 GLY n 
1 128 VAL n 
1 129 GLY n 
1 130 PHE n 
1 131 TYR n 
1 132 SER n 
1 133 ALA n 
1 134 TYR n 
1 135 LEU n 
1 136 VAL n 
1 137 ALA n 
1 138 GLU n 
1 139 LYS n 
1 140 VAL n 
1 141 THR n 
1 142 VAL n 
1 143 ILE n 
1 144 THR n 
1 145 LYS n 
1 146 HIS n 
1 147 ASN n 
1 148 ASP n 
1 149 ASP n 
1 150 GLU n 
1 151 GLN n 
1 152 TYR n 
1 153 ALA n 
1 154 TRP n 
1 155 GLU n 
1 156 SER n 
1 157 SER n 
1 158 ALA n 
1 159 GLY n 
1 160 GLY n 
1 161 SER n 
1 162 PHE n 
1 163 THR n 
1 164 VAL n 
1 165 ARG n 
1 166 THR n 
1 167 ASP n 
1 168 THR n 
1 169 GLY n 
1 170 GLU n 
1 171 PRO n 
1 172 MET n 
1 173 GLY n 
1 174 ARG n 
1 175 GLY n 
1 176 THR n 
1 177 LYS n 
1 178 VAL n 
1 179 ILE n 
1 180 LEU n 
1 181 HIS n 
1 182 LEU n 
1 183 LYS n 
1 184 GLU n 
1 185 ASP n 
1 186 GLN n 
1 187 THR n 
1 188 GLU n 
1 189 TYR n 
1 190 LEU n 
1 191 GLU n 
1 192 GLU n 
1 193 ARG n 
1 194 ARG n 
1 195 ILE n 
1 196 LYS n 
1 197 GLU n 
1 198 ILE n 
1 199 VAL n 
1 200 LYS n 
1 201 LYS n 
1 202 HIS n 
1 203 SER n 
1 204 GLN n 
1 205 PHE n 
1 206 ILE n 
1 207 GLY n 
1 208 TYR n 
1 209 PRO n 
1 210 ILE n 
1 211 THR n 
1 212 LEU n 
1 213 PHE n 
1 214 VAL n 
1 215 GLU n 
1 216 LYS n 
1 217 GLU n 
1 218 ARG n 
1 219 ASP n 
1 220 LYS n 
1 221 GLU n 
1 222 VAL n 
1 223 SER n 
1 224 ASP n 
1 225 ASP n 
1 226 GLU n 
1 227 ALA n 
1 228 GLU n 
# 
_entity_src_gen.entity_id                          1 
_entity_src_gen.pdbx_src_id                        1 
_entity_src_gen.pdbx_alt_source_flag               sample 
_entity_src_gen.pdbx_seq_type                      ? 
_entity_src_gen.pdbx_beg_seq_num                   ? 
_entity_src_gen.pdbx_end_seq_num                   ? 
_entity_src_gen.gene_src_common_name               human 
_entity_src_gen.gene_src_genus                     ? 
_entity_src_gen.pdbx_gene_src_gene                 HSP90AA1 
_entity_src_gen.gene_src_species                   ? 
_entity_src_gen.gene_src_strain                    ? 
_entity_src_gen.gene_src_tissue                    ? 
_entity_src_gen.gene_src_tissue_fraction           ? 
_entity_src_gen.gene_src_details                   ? 
_entity_src_gen.pdbx_gene_src_fragment             ? 
_entity_src_gen.pdbx_gene_src_scientific_name      'Homo sapiens' 
_entity_src_gen.pdbx_gene_src_ncbi_taxonomy_id     9606 
_entity_src_gen.pdbx_gene_src_variant              ? 
_entity_src_gen.pdbx_gene_src_cell_line            ? 
_entity_src_gen.pdbx_gene_src_atcc                 ? 
_entity_src_gen.pdbx_gene_src_organ                ? 
_entity_src_gen.pdbx_gene_src_organelle            ? 
_entity_src_gen.pdbx_gene_src_cell                 ? 
_entity_src_gen.pdbx_gene_src_cellular_location    ? 
_entity_src_gen.host_org_common_name               ? 
_entity_src_gen.pdbx_host_org_scientific_name      'Escherichia coli' 
_entity_src_gen.pdbx_host_org_ncbi_taxonomy_id     562 
_entity_src_gen.host_org_genus                     ? 
_entity_src_gen.pdbx_host_org_gene                 ? 
_entity_src_gen.pdbx_host_org_organ                ? 
_entity_src_gen.host_org_species                   ? 
_entity_src_gen.pdbx_host_org_tissue               ? 
_entity_src_gen.pdbx_host_org_tissue_fraction      ? 
_entity_src_gen.pdbx_host_org_strain               ? 
_entity_src_gen.pdbx_host_org_variant              ? 
_entity_src_gen.pdbx_host_org_cell_line            ? 
_entity_src_gen.pdbx_host_org_atcc                 ? 
_entity_src_gen.pdbx_host_org_culture_collection   ? 
_entity_src_gen.pdbx_host_org_cell                 ? 
_entity_src_gen.pdbx_host_org_organelle            ? 
_entity_src_gen.pdbx_host_org_cellular_location    ? 
_entity_src_gen.pdbx_host_org_vector_type          ? 
_entity_src_gen.pdbx_host_org_vector               ? 
_entity_src_gen.host_org_details                   ? 
_entity_src_gen.expression_system_id               ? 
_entity_src_gen.plasmid_name                       ? 
_entity_src_gen.plasmid_details                    ? 
_entity_src_gen.pdbx_description                   ? 
# 
_struct_ref.id                         1 
_struct_ref.db_name                    UNP 
_struct_ref.db_code                    HS90A_HUMAN 
_struct_ref.pdbx_db_accession          P07900 
_struct_ref.entity_id                  1 
_struct_ref.pdbx_seq_one_letter_code   
;DQPMEEEEVETFAFQAEIAQLMSLIINTFYSNKEIFLRELISNSSDALDKIRYESLTDPSKLDSGKELHINLIPNKQDRT
LTIVDTGIGMTKADLINNLGTIAKSGTKAFMEALQAGADISMIGQFGVGFYSAYLVAEKVTVITKHNDDEQYAWESSAGG
SFTVRTDTGEPMGRGTKVILHLKEDQTEYLEERRIKEIVKKHSQFIGYPITLFVEKERDKEVSDDEAE
;
_struct_ref.pdbx_align_begin           9 
_struct_ref.pdbx_db_isoform            ? 
# 
_struct_ref_seq.align_id                      1 
_struct_ref_seq.ref_id                        1 
_struct_ref_seq.pdbx_PDB_id_code              4L90 
_struct_ref_seq.pdbx_strand_id                A 
_struct_ref_seq.seq_align_beg                 1 
_struct_ref_seq.pdbx_seq_align_beg_ins_code   ? 
_struct_ref_seq.seq_align_end                 228 
_struct_ref_seq.pdbx_seq_align_end_ins_code   ? 
_struct_ref_seq.pdbx_db_accession             P07900 
_struct_ref_seq.db_align_beg                  9 
_struct_ref_seq.pdbx_db_align_beg_ins_code    ? 
_struct_ref_seq.db_align_end                  236 
_struct_ref_seq.pdbx_db_align_end_ins_code    ? 
_struct_ref_seq.pdbx_auth_seq_align_beg       9 
_struct_ref_seq.pdbx_auth_seq_align_end       236 
# 
loop_
_chem_comp.id 
_chem_comp.type 
_chem_comp.mon_nstd_flag 
_chem_comp.name 
_chem_comp.pdbx_synonyms 
_chem_comp.formula 
_chem_comp.formula_weight 
ALA 'L-peptide linking' y ALANINE                                                                                                ? 
'C3 H7 N O2'       89.093  
ARG 'L-peptide linking' y ARGININE                                                                                               ? 
'C6 H15 N4 O2 1'   175.209 
ASN 'L-peptide linking' y ASPARAGINE                                                                                             ? 
'C4 H8 N2 O3'      132.118 
ASP 'L-peptide linking' y 'ASPARTIC ACID'                                                                                        ? 
'C4 H7 N O4'       133.103 
GLN 'L-peptide linking' y GLUTAMINE                                                                                              ? 
'C5 H10 N2 O3'     146.144 
GLU 'L-peptide linking' y 'GLUTAMIC ACID'                                                                                        ? 
'C5 H9 N O4'       147.129 
GLY 'peptide linking'   y GLYCINE                                                                                                ? 
'C2 H5 N O2'       75.067  
HIS 'L-peptide linking' y HISTIDINE                                                                                              ? 
'C6 H10 N3 O2 1'   156.162 
HOH non-polymer         . WATER                                                                                                  ? 
'H2 O'             18.015  
ILE 'L-peptide linking' y ISOLEUCINE                                                                                             ? 
'C6 H13 N O2'      131.173 
LEU 'L-peptide linking' y LEUCINE                                                                                                ? 
'C6 H13 N O2'      131.173 
LYS 'L-peptide linking' y LYSINE                                                                                                 ? 
'C6 H15 N2 O2 1'   147.195 
MET 'L-peptide linking' y METHIONINE                                                                                             ? 
'C5 H11 N O2 S'    149.211 
PHE 'L-peptide linking' y PHENYLALANINE                                                                                          ? 
'C9 H11 N O2'      165.189 
PRO 'L-peptide linking' y PROLINE                                                                                                ? 
'C5 H9 N O2'       115.130 
RL3 non-polymer         . '[5-(6-bromo[1,2,4]triazolo[4,3-a]pyridin-3-yl)-2,4-dihydroxyphenyl](4-methylpiperazin-1-yl)methanone' ? 
'C18 H18 Br N5 O3' 432.271 
SER 'L-peptide linking' y SERINE                                                                                                 ? 
'C3 H7 N O3'       105.093 
THR 'L-peptide linking' y THREONINE                                                                                              ? 
'C4 H9 N O3'       119.119 
TRP 'L-peptide linking' y TRYPTOPHAN                                                                                             ? 
'C11 H12 N2 O2'    204.225 
TYR 'L-peptide linking' y TYROSINE                                                                                               ? 
'C9 H11 N O3'      181.189 
VAL 'L-peptide linking' y VALINE                                                                                                 ? 
'C5 H11 N O2'      117.146 
# 
_exptl.entry_id          4L90 
_exptl.method            'X-RAY DIFFRACTION' 
_exptl.crystals_number   1 
# 
_exptl_crystal.id                    1 
_exptl_crystal.density_meas          ? 
_exptl_crystal.density_Matthews      2.96 
_exptl_crystal.density_percent_sol   58.38 
_exptl_crystal.description           ? 
_exptl_crystal.F_000                 ? 
_exptl_crystal.preparation           ? 
# 
_diffrn.id                     1 
_diffrn.ambient_temp           100 
_diffrn.ambient_temp_details   ? 
_diffrn.crystal_id             1 
# 
_diffrn_detector.diffrn_id              1 
_diffrn_detector.detector               CCD 
_diffrn_detector.type                   'ADSC QUANTUM 315r' 
_diffrn_detector.pdbx_collection_date   ? 
_diffrn_detector.details                ? 
# 
_diffrn_radiation.diffrn_id                        1 
_diffrn_radiation.wavelength_id                    1 
_diffrn_radiation.pdbx_monochromatic_or_laue_m_l   M 
_diffrn_radiation.monochromator                    'Si 111 CHANNEL' 
_diffrn_radiation.pdbx_diffrn_protocol             'SINGLE WAVELENGTH' 
_diffrn_radiation.pdbx_scattering_type             x-ray 
# 
_diffrn_radiation_wavelength.id           1 
_diffrn_radiation_wavelength.wavelength   0.9792 
_diffrn_radiation_wavelength.wt           1.0 
# 
_diffrn_source.diffrn_id                   1 
_diffrn_source.source                      SYNCHROTRON 
_diffrn_source.type                        'SSRF BEAMLINE BL17U' 
_diffrn_source.pdbx_synchrotron_site       SSRF 
_diffrn_source.pdbx_synchrotron_beamline   BL17U 
_diffrn_source.pdbx_wavelength             ? 
_diffrn_source.pdbx_wavelength_list        0.9792 
# 
_reflns.entry_id                     4L90 
_reflns.observed_criterion_sigma_I   2.0 
_reflns.observed_criterion_sigma_F   2.0 
_reflns.d_resolution_low             36.543 
_reflns.d_resolution_high            2.0 
_reflns.number_obs                   20890 
_reflns.number_all                   ? 
_reflns.percent_possible_obs         99.8 
_reflns.pdbx_Rmerge_I_obs            ? 
_reflns.pdbx_Rsym_value              ? 
_reflns.pdbx_netI_over_sigmaI        ? 
_reflns.B_iso_Wilson_estimate        25.650 
_reflns.pdbx_redundancy              ? 
_reflns.R_free_details               ? 
_reflns.limit_h_max                  ? 
_reflns.limit_h_min                  ? 
_reflns.limit_k_max                  ? 
_reflns.limit_k_min                  ? 
_reflns.limit_l_max                  ? 
_reflns.limit_l_min                  ? 
_reflns.observed_criterion_F_max     ? 
_reflns.observed_criterion_F_min     ? 
_reflns.pdbx_chi_squared             ? 
_reflns.pdbx_scaling_rejects         ? 
_reflns.pdbx_ordinal                 1 
_reflns.pdbx_diffrn_id               1 
# 
_refine.entry_id                                 4L90 
_refine.ls_number_reflns_obs                     20833 
_refine.ls_number_reflns_all                     ? 
_refine.pdbx_ls_sigma_I                          ? 
_refine.pdbx_ls_sigma_F                          1.35 
_refine.pdbx_data_cutoff_high_absF               ? 
_refine.pdbx_data_cutoff_low_absF                ? 
_refine.pdbx_data_cutoff_high_rms_absF           ? 
_refine.ls_d_res_low                             36.543 
_refine.ls_d_res_high                            2.001 
_refine.ls_percent_reflns_obs                    99.69 
_refine.ls_R_factor_all                          ? 
_refine.ls_R_factor_obs                          0.1906 
_refine.ls_R_factor_R_work                       0.1875 
_refine.ls_wR_factor_R_work                      ? 
_refine.ls_R_factor_R_free                       0.2194 
_refine.ls_R_factor_R_free_error                 ? 
_refine.ls_R_factor_R_free_error_details         ? 
_refine.ls_percent_reflns_R_free                 9.60 
_refine.ls_number_reflns_R_free                  2000 
_refine.ls_number_parameters                     ? 
_refine.ls_number_restraints                     ? 
_refine.B_iso_mean                               27.6867 
_refine.aniso_B[1][1]                            ? 
_refine.aniso_B[2][2]                            ? 
_refine.aniso_B[3][3]                            ? 
_refine.aniso_B[1][2]                            ? 
_refine.aniso_B[1][3]                            ? 
_refine.aniso_B[2][3]                            ? 
_refine.solvent_model_details                    'FLAT BULK SOLVENT MODEL' 
_refine.solvent_model_param_ksol                 ? 
_refine.solvent_model_param_bsol                 ? 
_refine.pdbx_solvent_vdw_probe_radii             1.11 
_refine.pdbx_solvent_ion_probe_radii             ? 
_refine.pdbx_solvent_shrinkage_radii             0.90 
_refine.pdbx_ls_cross_valid_method               ? 
_refine.details                                  ? 
_refine.pdbx_starting_model                      3T0Z 
_refine.pdbx_method_to_determine_struct          'MOLECULAR REPLACEMENT' 
_refine.pdbx_isotropic_thermal_model             ? 
_refine.pdbx_stereochemistry_target_values       ML 
_refine.pdbx_stereochem_target_val_spec_case     ? 
_refine.pdbx_R_Free_selection_details            ? 
_refine.pdbx_overall_ESU_R                       ? 
_refine.pdbx_overall_ESU_R_Free                  ? 
_refine.overall_SU_ML                            0.18 
_refine.overall_FOM_work_R_set                   0.8612 
_refine.B_iso_max                                70.740 
_refine.B_iso_min                                13.610 
_refine.pdbx_overall_phase_error                 20.7700 
_refine.occupancy_max                            1.000 
_refine.occupancy_min                            0.430 
_refine.pdbx_diffrn_id                           1 
_refine.pdbx_refine_id                           'X-RAY DIFFRACTION' 
_refine.ls_redundancy_reflns_obs                 ? 
_refine.overall_SU_B                             ? 
_refine.correlation_coeff_Fo_to_Fc               ? 
_refine.correlation_coeff_Fo_to_Fc_free          ? 
_refine.overall_SU_R_Cruickshank_DPI             ? 
_refine.overall_SU_R_free                        ? 
_refine.ls_wR_factor_R_free                      ? 
_refine.overall_FOM_free_R_set                   ? 
_refine.pdbx_TLS_residual_ADP_flag               ? 
_refine.pdbx_overall_SU_R_free_Cruickshank_DPI   ? 
_refine.pdbx_overall_SU_R_Blow_DPI               ? 
_refine.pdbx_overall_SU_R_free_Blow_DPI          ? 
# 
_refine_hist.pdbx_refine_id                   'X-RAY DIFFRACTION' 
_refine_hist.cycle_id                         LAST 
_refine_hist.pdbx_number_atoms_protein        1635 
_refine_hist.pdbx_number_atoms_nucleic_acid   0 
_refine_hist.pdbx_number_atoms_ligand         27 
_refine_hist.number_atoms_solvent             83 
_refine_hist.number_atoms_total               1745 
_refine_hist.d_res_high                       2.001 
_refine_hist.d_res_low                        36.543 
# 
loop_
_refine_ls_restr.pdbx_refine_id 
_refine_ls_restr.type 
_refine_ls_restr.number 
_refine_ls_restr.dev_ideal 
_refine_ls_restr.dev_ideal_target 
_refine_ls_restr.weight 
_refine_ls_restr.pdbx_restraint_function 
'X-RAY DIFFRACTION' f_bond_d           1698 0.007  ? ? ? 
'X-RAY DIFFRACTION' f_angle_d          2294 1.098  ? ? ? 
'X-RAY DIFFRACTION' f_chiral_restr     259  0.078  ? ? ? 
'X-RAY DIFFRACTION' f_plane_restr      290  0.004  ? ? ? 
'X-RAY DIFFRACTION' f_dihedral_angle_d 640  18.290 ? ? ? 
# 
loop_
_refine_ls_shell.d_res_high 
_refine_ls_shell.d_res_low 
_refine_ls_shell.pdbx_total_number_of_bins_used 
_refine_ls_shell.percent_reflns_obs 
_refine_ls_shell.number_reflns_R_work 
_refine_ls_shell.R_factor_all 
_refine_ls_shell.R_factor_R_work 
_refine_ls_shell.R_factor_R_free 
_refine_ls_shell.percent_reflns_R_free 
_refine_ls_shell.number_reflns_R_free 
_refine_ls_shell.R_factor_R_free_error 
_refine_ls_shell.number_reflns_all 
_refine_ls_shell.number_reflns_obs 
_refine_ls_shell.pdbx_refine_id 
_refine_ls_shell.redundancy_reflns_obs 
2.0008 2.0508  14 99.0000  1306 . 0.2385 0.2309 . 139 . 1445 . 'X-RAY DIFFRACTION' . 
2.0508 2.1063  14 100.0000 1324 . 0.2015 0.2405 . 140 . 1464 . 'X-RAY DIFFRACTION' . 
2.1063 2.1682  14 100.0000 1329 . 0.1935 0.2271 . 141 . 1470 . 'X-RAY DIFFRACTION' . 
2.1682 2.2382  14 100.0000 1342 . 0.1923 0.2114 . 143 . 1485 . 'X-RAY DIFFRACTION' . 
2.2382 2.3182  14 100.0000 1330 . 0.1938 0.2452 . 141 . 1471 . 'X-RAY DIFFRACTION' . 
2.3182 2.4110  14 100.0000 1348 . 0.1974 0.2454 . 143 . 1491 . 'X-RAY DIFFRACTION' . 
2.4110 2.5207  14 100.0000 1319 . 0.2009 0.2478 . 140 . 1459 . 'X-RAY DIFFRACTION' . 
2.5207 2.6536  14 100.0000 1348 . 0.2042 0.2512 . 143 . 1491 . 'X-RAY DIFFRACTION' . 
2.6536 2.8198  14 100.0000 1334 . 0.2037 0.2149 . 142 . 1476 . 'X-RAY DIFFRACTION' . 
2.8198 3.0374  14 100.0000 1359 . 0.2000 0.2492 . 144 . 1503 . 'X-RAY DIFFRACTION' . 
3.0374 3.3429  14 100.0000 1350 . 0.2039 0.2301 . 144 . 1494 . 'X-RAY DIFFRACTION' . 
3.3429 3.8261  14 100.0000 1348 . 0.1855 0.2112 . 143 . 1491 . 'X-RAY DIFFRACTION' . 
3.8261 4.8188  14 99.0000  1365 . 0.1470 0.1857 . 144 . 1509 . 'X-RAY DIFFRACTION' . 
4.8188 36.5489 14 98.0000  1431 . 0.1805 0.2025 . 153 . 1584 . 'X-RAY DIFFRACTION' . 
# 
_struct.entry_id                  4L90 
_struct.title                     'Crystal structure of Human Hsp90 with RL3' 
_struct.pdbx_model_details        ? 
_struct.pdbx_CASP_flag            ? 
_struct.pdbx_model_type_details   ? 
# 
_struct_keywords.entry_id        4L90 
_struct_keywords.pdbx_keywords   'Chaperone/Chaperone Inhibitor' 
_struct_keywords.text            'ATP hydrolysis, Hsp90N-Hsp90N Inhibitor complex, Chaperone-Chaperone Inhibitor complex' 
# 
loop_
_struct_asym.id 
_struct_asym.pdbx_blank_PDB_chainid_flag 
_struct_asym.pdbx_modified 
_struct_asym.entity_id 
_struct_asym.details 
A N N 1 ? 
B N N 2 ? 
C N N 3 ? 
# 
_struct_biol.id        1 
_struct_biol.details   ? 
# 
loop_
_struct_conf.conf_type_id 
_struct_conf.id 
_struct_conf.pdbx_PDB_helix_id 
_struct_conf.beg_label_comp_id 
_struct_conf.beg_label_asym_id 
_struct_conf.beg_label_seq_id 
_struct_conf.pdbx_beg_PDB_ins_code 
_struct_conf.end_label_comp_id 
_struct_conf.end_label_asym_id 
_struct_conf.end_label_seq_id 
_struct_conf.pdbx_end_PDB_ins_code 
_struct_conf.beg_auth_comp_id 
_struct_conf.beg_auth_asym_id 
_struct_conf.beg_auth_seq_id 
_struct_conf.end_auth_comp_id 
_struct_conf.end_auth_asym_id 
_struct_conf.end_auth_seq_id 
_struct_conf.pdbx_PDB_helix_class 
_struct_conf.details 
_struct_conf.pdbx_PDB_helix_length 
HELX_P HELX_P1 1 GLN A 15  ? THR A 28  ? GLN A 23  THR A 36  1 ? 14 
HELX_P HELX_P2 2 GLU A 34  ? ASP A 58  ? GLU A 42  ASP A 66  1 ? 25 
HELX_P HELX_P3 3 PRO A 59  ? ASP A 63  ? PRO A 67  ASP A 71  5 ? 5  
HELX_P HELX_P4 4 THR A 91  ? ASN A 97  ? THR A 99  ASN A 105 1 ? 7  
HELX_P HELX_P5 5 ASN A 97  ? ALA A 116 ? ASN A 105 ALA A 124 1 ? 20 
HELX_P HELX_P6 6 ASP A 119 ? GLY A 127 ? ASP A 127 GLY A 135 5 ? 9  
HELX_P HELX_P7 7 VAL A 128 ? LEU A 135 ? VAL A 136 LEU A 143 5 ? 8  
HELX_P HELX_P8 8 GLU A 184 ? LEU A 190 ? GLU A 192 LEU A 198 5 ? 7  
HELX_P HELX_P9 9 GLU A 191 ? SER A 203 ? GLU A 199 SER A 211 1 ? 13 
# 
_struct_conf_type.id          HELX_P 
_struct_conf_type.criteria    ? 
_struct_conf_type.reference   ? 
# 
_struct_sheet.id               A 
_struct_sheet.type             ? 
_struct_sheet.number_strands   8 
_struct_sheet.details          ? 
# 
loop_
_struct_sheet_order.sheet_id 
_struct_sheet_order.range_id_1 
_struct_sheet_order.range_id_2 
_struct_sheet_order.offset 
_struct_sheet_order.sense 
A 1 2 ? anti-parallel 
A 2 3 ? anti-parallel 
A 3 4 ? anti-parallel 
A 4 5 ? anti-parallel 
A 5 6 ? anti-parallel 
A 6 7 ? anti-parallel 
A 7 8 ? parallel      
# 
loop_
_struct_sheet_range.sheet_id 
_struct_sheet_range.id 
_struct_sheet_range.beg_label_comp_id 
_struct_sheet_range.beg_label_asym_id 
_struct_sheet_range.beg_label_seq_id 
_struct_sheet_range.pdbx_beg_PDB_ins_code 
_struct_sheet_range.end_label_comp_id 
_struct_sheet_range.end_label_asym_id 
_struct_sheet_range.end_label_seq_id 
_struct_sheet_range.pdbx_end_PDB_ins_code 
_struct_sheet_range.beg_auth_comp_id 
_struct_sheet_range.beg_auth_asym_id 
_struct_sheet_range.beg_auth_seq_id 
_struct_sheet_range.end_auth_comp_id 
_struct_sheet_range.end_auth_asym_id 
_struct_sheet_range.end_auth_seq_id 
A 1 GLU A 10  ? ALA A 13  ? GLU A 18  ALA A 21  
A 2 SER A 161 ? THR A 166 ? SER A 169 THR A 174 
A 3 TYR A 152 ? SER A 156 ? TYR A 160 SER A 164 
A 4 ALA A 137 ? LYS A 145 ? ALA A 145 LYS A 153 
A 5 GLY A 175 ? LEU A 182 ? GLY A 183 LEU A 190 
A 6 THR A 80  ? ASP A 85  ? THR A 88  ASP A 93  
A 7 ILE A 70  ? ASN A 75  ? ILE A 78  ASN A 83  
A 8 ILE A 210 ? LEU A 212 ? ILE A 218 LEU A 220 
# 
loop_
_pdbx_struct_sheet_hbond.sheet_id 
_pdbx_struct_sheet_hbond.range_id_1 
_pdbx_struct_sheet_hbond.range_id_2 
_pdbx_struct_sheet_hbond.range_1_label_atom_id 
_pdbx_struct_sheet_hbond.range_1_label_comp_id 
_pdbx_struct_sheet_hbond.range_1_label_asym_id 
_pdbx_struct_sheet_hbond.range_1_label_seq_id 
_pdbx_struct_sheet_hbond.range_1_PDB_ins_code 
_pdbx_struct_sheet_hbond.range_1_auth_atom_id 
_pdbx_struct_sheet_hbond.range_1_auth_comp_id 
_pdbx_struct_sheet_hbond.range_1_auth_asym_id 
_pdbx_struct_sheet_hbond.range_1_auth_seq_id 
_pdbx_struct_sheet_hbond.range_2_label_atom_id 
_pdbx_struct_sheet_hbond.range_2_label_comp_id 
_pdbx_struct_sheet_hbond.range_2_label_asym_id 
_pdbx_struct_sheet_hbond.range_2_label_seq_id 
_pdbx_struct_sheet_hbond.range_2_PDB_ins_code 
_pdbx_struct_sheet_hbond.range_2_auth_atom_id 
_pdbx_struct_sheet_hbond.range_2_auth_comp_id 
_pdbx_struct_sheet_hbond.range_2_auth_asym_id 
_pdbx_struct_sheet_hbond.range_2_auth_seq_id 
A 1 2 N PHE A 12  ? N PHE A 20  O PHE A 162 ? O PHE A 170 
A 2 3 O ARG A 165 ? O ARG A 173 N ALA A 153 ? N ALA A 161 
A 3 4 O TRP A 154 ? O TRP A 162 N VAL A 142 ? N VAL A 150 
A 4 5 N THR A 141 ? N THR A 149 O ILE A 179 ? O ILE A 187 
A 5 6 O THR A 176 ? O THR A 184 N ASP A 85  ? N ASP A 93  
A 6 7 O VAL A 84  ? O VAL A 92  N ASN A 71  ? N ASN A 79  
A 7 8 N LEU A 72  ? N LEU A 80  O THR A 211 ? O THR A 219 
# 
_struct_site.id                   AC1 
_struct_site.pdbx_evidence_code   Software 
_struct_site.pdbx_auth_asym_id    A 
_struct_site.pdbx_auth_comp_id    RL3 
_struct_site.pdbx_auth_seq_id     301 
_struct_site.pdbx_auth_ins_code   ? 
_struct_site.pdbx_num_residues    15 
_struct_site.details              'BINDING SITE FOR RESIDUE RL3 A 301' 
# 
loop_
_struct_site_gen.id 
_struct_site_gen.site_id 
_struct_site_gen.pdbx_num_res 
_struct_site_gen.label_comp_id 
_struct_site_gen.label_asym_id 
_struct_site_gen.label_seq_id 
_struct_site_gen.pdbx_auth_ins_code 
_struct_site_gen.auth_comp_id 
_struct_site_gen.auth_asym_id 
_struct_site_gen.auth_seq_id 
_struct_site_gen.label_atom_id 
_struct_site_gen.label_alt_id 
_struct_site_gen.symmetry 
_struct_site_gen.details 
1  AC1 15 ASN A 43  ? ASN A 51  . ? 1_555 ? 
2  AC1 15 ALA A 47  ? ALA A 55  . ? 1_555 ? 
3  AC1 15 ASP A 85  ? ASP A 93  . ? 1_555 ? 
4  AC1 15 ILE A 88  ? ILE A 96  . ? 1_555 ? 
5  AC1 15 GLY A 89  ? GLY A 97  . ? 1_555 ? 
6  AC1 15 MET A 90  ? MET A 98  . ? 1_555 ? 
7  AC1 15 LEU A 95  ? LEU A 103 . ? 1_555 ? 
8  AC1 15 LEU A 99  ? LEU A 107 . ? 1_555 ? 
9  AC1 15 PHE A 130 ? PHE A 138 . ? 1_555 ? 
10 AC1 15 TRP A 154 ? TRP A 162 . ? 1_555 ? 
11 AC1 15 THR A 176 ? THR A 184 . ? 1_555 ? 
12 AC1 15 HOH C .   ? HOH A 404 . ? 1_555 ? 
13 AC1 15 HOH C .   ? HOH A 408 . ? 1_555 ? 
14 AC1 15 HOH C .   ? HOH A 434 . ? 1_555 ? 
15 AC1 15 HOH C .   ? HOH A 446 . ? 1_555 ? 
# 
_atom_sites.entry_id                    4L90 
_atom_sites.fract_transf_matrix[1][1]   0.01333997 
_atom_sites.fract_transf_matrix[1][2]   0.00322229 
_atom_sites.fract_transf_matrix[1][3]   0.00405439 
_atom_sites.fract_transf_matrix[2][1]   -0.00372078 
_atom_sites.fract_transf_matrix[2][2]   0.00961168 
_atom_sites.fract_transf_matrix[2][3]   0.00460329 
_atom_sites.fract_transf_matrix[3][1]   -0.00152500 
_atom_sites.fract_transf_matrix[3][2]   -0.00483306 
_atom_sites.fract_transf_matrix[3][3]   0.00885880 
_atom_sites.fract_transf_vector[1]      0.020216 
_atom_sites.fract_transf_vector[2]      0.165599 
_atom_sites.fract_transf_vector[3]      0.210827 
# 
loop_
_atom_type.symbol 
BR 
C  
N  
O  
S  
# 
loop_
_atom_site.group_PDB 
_atom_site.id 
_atom_site.type_symbol 
_atom_site.label_atom_id 
_atom_site.label_alt_id 
_atom_site.label_comp_id 
_atom_site.label_asym_id 
_atom_site.label_entity_id 
_atom_site.label_seq_id 
_atom_site.pdbx_PDB_ins_code 
_atom_site.Cartn_x 
_atom_site.Cartn_y 
_atom_site.Cartn_z 
_atom_site.occupancy 
_atom_site.B_iso_or_equiv 
_atom_site.pdbx_formal_charge 
_atom_site.auth_seq_id 
_atom_site.auth_comp_id 
_atom_site.auth_asym_id 
_atom_site.auth_atom_id 
_atom_site.pdbx_PDB_model_num 
ATOM   1    N  N   . VAL A 1 9   ? 2.344   5.068   21.230  1.00 33.13 ? 17  VAL A N   1 
ATOM   2    C  CA  . VAL A 1 9   ? 2.917   5.269   19.898  1.00 30.70 ? 17  VAL A CA  1 
ATOM   3    C  C   . VAL A 1 9   ? 4.412   5.009   19.897  1.00 27.21 ? 17  VAL A C   1 
ATOM   4    O  O   . VAL A 1 9   ? 5.148   5.635   20.654  1.00 30.88 ? 17  VAL A O   1 
ATOM   5    C  CB  . VAL A 1 9   ? 2.710   6.697   19.424  1.00 31.28 ? 17  VAL A CB  1 
ATOM   6    C  CG1 . VAL A 1 9   ? 3.241   6.857   18.005  1.00 29.81 ? 17  VAL A CG1 1 
ATOM   7    C  CG2 . VAL A 1 9   ? 1.245   7.070   19.510  1.00 38.00 ? 17  VAL A CG2 1 
ATOM   8    N  N   . GLU A 1 10  ? 4.871   4.100   19.044  1.00 21.56 ? 18  GLU A N   1 
ATOM   9    C  CA  . GLU A 1 10  ? 6.306   3.816   18.942  1.00 22.72 ? 18  GLU A CA  1 
ATOM   10   C  C   . GLU A 1 10  ? 6.868   4.317   17.621  1.00 25.71 ? 18  GLU A C   1 
ATOM   11   O  O   . GLU A 1 10  ? 6.231   4.146   16.575  1.00 18.99 ? 18  GLU A O   1 
ATOM   12   C  CB  . GLU A 1 10  ? 6.566   2.317   19.075  1.00 25.30 ? 18  GLU A CB  1 
ATOM   13   C  CG  . GLU A 1 10  ? 5.985   1.683   20.334  1.00 29.08 ? 18  GLU A CG  1 
ATOM   14   C  CD  . GLU A 1 10  ? 6.295   0.199   20.418  1.00 34.15 ? 18  GLU A CD  1 
ATOM   15   O  OE1 . GLU A 1 10  ? 5.710   -0.578  19.633  1.00 34.52 ? 18  GLU A OE1 1 
ATOM   16   O  OE2 . GLU A 1 10  ? 7.136   -0.190  21.256  1.00 39.39 ? 18  GLU A OE2 1 
ATOM   17   N  N   . THR A 1 11  ? 8.062   4.921   17.662  1.00 21.75 ? 19  THR A N   1 
ATOM   18   C  CA  . THR A 1 11  ? 8.694   5.454   16.455  1.00 19.40 ? 19  THR A CA  1 
ATOM   19   C  C   . THR A 1 11  ? 9.913   4.621   16.068  1.00 21.61 ? 19  THR A C   1 
ATOM   20   O  O   . THR A 1 11  ? 10.744  4.306   16.917  1.00 22.56 ? 19  THR A O   1 
ATOM   21   C  CB  . THR A 1 11  ? 9.108   6.933   16.641  1.00 22.35 ? 19  THR A CB  1 
ATOM   22   O  OG1 . THR A 1 11  ? 7.949   7.718   16.960  1.00 22.52 ? 19  THR A OG1 1 
ATOM   23   C  CG2 . THR A 1 11  ? 9.733   7.476   15.378  1.00 23.66 ? 19  THR A CG2 1 
ATOM   24   N  N   . PHE A 1 12  ? 10.017  4.263   14.788  1.00 20.12 ? 20  PHE A N   1 
ATOM   25   C  CA  . PHE A 1 12  ? 11.109  3.417   14.304  1.00 21.99 ? 20  PHE A CA  1 
ATOM   26   C  C   . PHE A 1 12  ? 11.825  4.095   13.149  1.00 18.94 ? 20  PHE A C   1 
ATOM   27   O  O   . PHE A 1 12  ? 11.226  4.889   12.436  1.00 19.88 ? 20  PHE A O   1 
ATOM   28   C  CB  . PHE A 1 12  ? 10.557  2.073   13.804  1.00 19.89 ? 20  PHE A CB  1 
ATOM   29   C  CG  . PHE A 1 12  ? 9.728   1.335   14.822  1.00 18.77 ? 20  PHE A CG  1 
ATOM   30   C  CD1 . PHE A 1 12  ? 8.367   1.589   14.960  1.00 19.08 ? 20  PHE A CD1 1 
ATOM   31   C  CD2 . PHE A 1 12  ? 10.304  0.375   15.632  1.00 23.71 ? 20  PHE A CD2 1 
ATOM   32   C  CE1 . PHE A 1 12  ? 7.604   0.908   15.897  1.00 20.76 ? 20  PHE A CE1 1 
ATOM   33   C  CE2 . PHE A 1 12  ? 9.536   -0.307  16.574  1.00 23.13 ? 20  PHE A CE2 1 
ATOM   34   C  CZ  . PHE A 1 12  ? 8.191   -0.030  16.706  1.00 17.24 ? 20  PHE A CZ  1 
ATOM   35   N  N   . ALA A 1 13  ? 13.096  3.766   12.939  1.00 19.83 ? 21  ALA A N   1 
ATOM   36   C  CA  . ALA A 1 13  ? 13.790  4.198   11.723  1.00 21.10 ? 21  ALA A CA  1 
ATOM   37   C  C   . ALA A 1 13  ? 13.580  3.158   10.631  1.00 20.47 ? 21  ALA A C   1 
ATOM   38   O  O   . ALA A 1 13  ? 13.613  1.960   10.906  1.00 19.63 ? 21  ALA A O   1 
ATOM   39   C  CB  . ALA A 1 13  ? 15.283  4.368   11.981  1.00 22.51 ? 21  ALA A CB  1 
ATOM   40   N  N   . PHE A 1 14  ? 13.369  3.611   9.397   1.00 19.94 ? 22  PHE A N   1 
ATOM   41   C  CA  . PHE A 1 14  ? 13.410  2.710   8.251   1.00 21.86 ? 22  PHE A CA  1 
ATOM   42   C  C   . PHE A 1 14  ? 14.811  2.134   8.137   1.00 24.58 ? 22  PHE A C   1 
ATOM   43   O  O   . PHE A 1 14  ? 15.776  2.765   8.563   1.00 22.74 ? 22  PHE A O   1 
ATOM   44   C  CB  . PHE A 1 14  ? 13.115  3.471   6.958   1.00 20.21 ? 22  PHE A CB  1 
ATOM   45   C  CG  . PHE A 1 14  ? 11.670  3.813   6.764   1.00 21.11 ? 22  PHE A CG  1 
ATOM   46   C  CD1 . PHE A 1 14  ? 10.751  2.822   6.430   1.00 20.07 ? 22  PHE A CD1 1 
ATOM   47   C  CD2 . PHE A 1 14  ? 11.230  5.125   6.897   1.00 20.37 ? 22  PHE A CD2 1 
ATOM   48   C  CE1 . PHE A 1 14  ? 9.409   3.129   6.235   1.00 20.34 ? 22  PHE A CE1 1 
ATOM   49   C  CE2 . PHE A 1 14  ? 9.883   5.448   6.702   1.00 19.70 ? 22  PHE A CE2 1 
ATOM   50   C  CZ  . PHE A 1 14  ? 8.975   4.450   6.367   1.00 20.33 ? 22  PHE A CZ  1 
ATOM   51   N  N   . GLN A 1 15  ? 14.924  0.946   7.549   1.00 26.03 ? 23  GLN A N   1 
ATOM   52   C  CA  . GLN A 1 15  ? 16.216  0.435   7.109   1.00 29.47 ? 23  GLN A CA  1 
ATOM   53   C  C   . GLN A 1 15  ? 16.853  1.500   6.223   1.00 28.65 ? 23  GLN A C   1 
ATOM   54   O  O   . GLN A 1 15  ? 16.150  2.162   5.457   1.00 23.54 ? 23  GLN A O   1 
ATOM   55   C  CB  . GLN A 1 15  ? 16.014  -0.827  6.280   1.00 30.02 ? 23  GLN A CB  1 
ATOM   56   C  CG  . GLN A 1 15  ? 15.433  -1.997  7.048   1.00 36.34 ? 23  GLN A CG  1 
ATOM   57   C  CD  . GLN A 1 15  ? 16.494  -2.983  7.456   1.00 41.17 ? 23  GLN A CD  1 
ATOM   58   O  OE1 . GLN A 1 15  ? 17.564  -3.044  6.848   1.00 45.74 ? 23  GLN A OE1 1 
ATOM   59   N  NE2 . GLN A 1 15  ? 16.207  -3.768  8.489   1.00 45.62 ? 23  GLN A NE2 1 
ATOM   60   N  N   . ALA A 1 16  ? 18.173  1.653   6.311   1.00 27.58 ? 24  ALA A N   1 
ATOM   61   C  CA  . ALA A 1 16  ? 18.874  2.703   5.576   1.00 26.71 ? 24  ALA A CA  1 
ATOM   62   C  C   . ALA A 1 16  ? 18.552  2.690   4.087   1.00 25.22 ? 24  ALA A C   1 
ATOM   63   O  O   . ALA A 1 16  ? 18.344  3.748   3.484   1.00 24.42 ? 24  ALA A O   1 
ATOM   64   C  CB  . ALA A 1 16  ? 20.381  2.586   5.790   1.00 33.45 ? 24  ALA A CB  1 
ATOM   65   N  N   . GLU A 1 17  ? 18.525  1.495   3.500   1.00 24.92 ? 25  GLU A N   1 
ATOM   66   C  CA  . GLU A 1 17  ? 18.295  1.355   2.059   1.00 28.53 ? 25  GLU A CA  1 
ATOM   67   C  C   . GLU A 1 17  ? 16.919  1.869   1.681   1.00 24.47 ? 25  GLU A C   1 
ATOM   68   O  O   . GLU A 1 17  ? 16.743  2.462   0.619   1.00 21.72 ? 25  GLU A O   1 
ATOM   69   C  CB  . GLU A 1 17  ? 18.415  -0.108  1.609   1.00 29.26 ? 25  GLU A CB  1 
ATOM   70   C  CG  . GLU A 1 17  ? 19.817  -0.702  1.686   1.00 43.44 ? 25  GLU A CG  1 
ATOM   71   C  CD  . GLU A 1 17  ? 20.226  -1.110  3.099   1.00 47.69 ? 25  GLU A CD  1 
ATOM   72   O  OE1 . GLU A 1 17  ? 19.456  -0.863  4.055   1.00 39.51 ? 25  GLU A OE1 1 
ATOM   73   O  OE2 . GLU A 1 17  ? 21.329  -1.684  3.255   1.00 57.52 ? 25  GLU A OE2 1 
ATOM   74   N  N   . ILE A 1 18  ? 15.940  1.610   2.543   1.00 23.12 ? 26  ILE A N   1 
ATOM   75   C  CA  . ILE A 1 18  ? 14.570  2.024   2.266   1.00 22.84 ? 26  ILE A CA  1 
ATOM   76   C  C   . ILE A 1 18  ? 14.423  3.534   2.441   1.00 22.17 ? 26  ILE A C   1 
ATOM   77   O  O   . ILE A 1 18  ? 13.754  4.189   1.652   1.00 20.00 ? 26  ILE A O   1 
ATOM   78   C  CB  . ILE A 1 18  ? 13.567  1.255   3.140   1.00 23.55 ? 26  ILE A CB  1 
ATOM   79   C  CG1 . ILE A 1 18  ? 13.702  -0.248  2.851   1.00 27.55 ? 26  ILE A CG1 1 
ATOM   80   C  CG2 . ILE A 1 18  ? 12.145  1.742   2.869   1.00 24.58 ? 26  ILE A CG2 1 
ATOM   81   C  CD1 . ILE A 1 18  ? 12.819  -1.168  3.701   1.00 31.83 ? 26  ILE A CD1 1 
ATOM   82   N  N   . ALA A 1 19  ? 15.062  4.094   3.460   1.00 21.00 ? 27  ALA A N   1 
ATOM   83   C  CA  . ALA A 1 19  ? 15.038  5.545   3.634   1.00 24.33 ? 27  ALA A CA  1 
ATOM   84   C  C   . ALA A 1 19  ? 15.633  6.244   2.400   1.00 21.70 ? 27  ALA A C   1 
ATOM   85   O  O   . ALA A 1 19  ? 15.125  7.271   1.956   1.00 21.44 ? 27  ALA A O   1 
ATOM   86   C  CB  . ALA A 1 19  ? 15.789  5.944   4.906   1.00 22.93 ? 27  ALA A CB  1 
ATOM   87   N  N   . GLN A 1 20  ? 16.691  5.668   1.837   1.00 23.80 ? 28  GLN A N   1 
ATOM   88   C  CA  . GLN A 1 20  ? 17.315  6.236   0.640   1.00 25.47 ? 28  GLN A CA  1 
ATOM   89   C  C   . GLN A 1 20  ? 16.390  6.106   -0.571  1.00 24.24 ? 28  GLN A C   1 
ATOM   90   O  O   . GLN A 1 20  ? 16.283  7.022   -1.390  1.00 22.27 ? 28  GLN A O   1 
ATOM   91   C  CB  . GLN A 1 20  ? 18.634  5.528   0.331   1.00 27.87 ? 28  GLN A CB  1 
ATOM   92   C  CG  . GLN A 1 20  ? 19.819  5.861   1.214   1.00 35.45 ? 28  GLN A CG  1 
ATOM   93   C  CD  . GLN A 1 20  ? 21.042  5.038   0.821   1.00 44.57 ? 28  GLN A CD  1 
ATOM   94   O  OE1 . GLN A 1 20  ? 21.133  3.851   1.139   1.00 46.78 ? 28  GLN A OE1 1 
ATOM   95   N  NE2 . GLN A 1 20  ? 21.970  5.660   0.103   1.00 49.04 ? 28  GLN A NE2 1 
ATOM   96   N  N   . LEU A 1 21  ? 15.731  4.958   -0.694  1.00 21.74 ? 29  LEU A N   1 
ATOM   97   C  CA  . LEU A 1 21  ? 14.764  4.776   -1.781  1.00 23.95 ? 29  LEU A CA  1 
ATOM   98   C  C   . LEU A 1 21  ? 13.640  5.783   -1.650  1.00 21.75 ? 29  LEU A C   1 
ATOM   99   O  O   . LEU A 1 21  ? 13.219  6.372   -2.648  1.00 23.56 ? 29  LEU A O   1 
ATOM   100  C  CB  . LEU A 1 21  ? 14.193  3.354   -1.798  1.00 21.83 ? 29  LEU A CB  1 
ATOM   101  C  CG  . LEU A 1 21  ? 13.043  3.148   -2.794  1.00 23.52 ? 29  LEU A CG  1 
ATOM   102  C  CD1 . LEU A 1 21  ? 13.495  3.437   -4.226  1.00 23.77 ? 29  LEU A CD1 1 
ATOM   103  C  CD2 . LEU A 1 21  ? 12.497  1.744   -2.672  1.00 24.78 ? 29  LEU A CD2 1 
ATOM   104  N  N   . MET A 1 22  ? 13.159  6.002   -0.426  1.00 19.15 ? 30  MET A N   1 
ATOM   105  C  CA  . MET A 1 22  ? 12.047  6.932   -0.236  1.00 19.23 ? 30  MET A CA  1 
ATOM   106  C  C   . MET A 1 22  ? 12.436  8.364   -0.594  1.00 22.11 ? 30  MET A C   1 
ATOM   107  O  O   . MET A 1 22  ? 11.667  9.095   -1.217  1.00 23.83 ? 30  MET A O   1 
ATOM   108  C  CB  . MET A 1 22  ? 11.503  6.854   1.188   1.00 20.76 ? 30  MET A CB  1 
ATOM   109  C  CG  . MET A 1 22  ? 10.778  5.544   1.463   1.00 20.13 ? 30  MET A CG  1 
ATOM   110  S  SD  . MET A 1 22  ? 10.293  5.390   3.189   1.00 22.49 ? 30  MET A SD  1 
ATOM   111  C  CE  . MET A 1 22  ? 9.079   6.696   3.236   1.00 19.13 ? 30  MET A CE  1 
ATOM   112  N  N   . SER A 1 23  ? 13.643  8.756   -0.213  1.00 21.45 ? 31  SER A N   1 
ATOM   113  C  CA  . SER A 1 23  ? 14.113  10.092  -0.524  1.00 25.17 ? 31  SER A CA  1 
ATOM   114  C  C   . SER A 1 23  ? 14.263  10.288  -2.034  1.00 25.38 ? 31  SER A C   1 
ATOM   115  O  O   . SER A 1 23  ? 13.926  11.347  -2.569  1.00 28.46 ? 31  SER A O   1 
ATOM   116  C  CB  . SER A 1 23  ? 15.437  10.370  0.192   1.00 27.56 ? 31  SER A CB  1 
ATOM   117  O  OG  . SER A 1 23  ? 16.016  11.544  -0.333  1.00 36.16 ? 31  SER A OG  1 
ATOM   118  N  N   . LEU A 1 24  ? 14.750  9.264   -2.724  1.00 22.72 ? 32  LEU A N   1 
ATOM   119  C  CA  . LEU A 1 24  ? 14.845  9.322   -4.178  1.00 29.62 ? 32  LEU A CA  1 
ATOM   120  C  C   . LEU A 1 24  ? 13.462  9.460   -4.838  1.00 29.89 ? 32  LEU A C   1 
ATOM   121  O  O   . LEU A 1 24  ? 13.272  10.271  -5.742  1.00 27.51 ? 32  LEU A O   1 
ATOM   122  C  CB  . LEU A 1 24  ? 15.592  8.092   -4.712  1.00 30.10 ? 32  LEU A CB  1 
ATOM   123  C  CG  . LEU A 1 24  ? 15.931  8.077   -6.205  1.00 37.83 ? 32  LEU A CG  1 
ATOM   124  C  CD1 . LEU A 1 24  ? 17.224  7.300   -6.457  1.00 37.33 ? 32  LEU A CD1 1 
ATOM   125  C  CD2 . LEU A 1 24  ? 14.789  7.486   -7.026  1.00 33.22 ? 32  LEU A CD2 1 
ATOM   126  N  N   . ILE A 1 25  ? 12.493  8.679   -4.376  1.00 23.73 ? 33  ILE A N   1 
ATOM   127  C  CA  . ILE A 1 25  ? 11.155  8.731   -4.961  1.00 24.64 ? 33  ILE A CA  1 
ATOM   128  C  C   . ILE A 1 25  ? 10.529  10.108  -4.732  1.00 26.45 ? 33  ILE A C   1 
ATOM   129  O  O   . ILE A 1 25  ? 9.875   10.670  -5.612  1.00 28.68 ? 33  ILE A O   1 
ATOM   130  C  CB  . ILE A 1 25  ? 10.258  7.606   -4.390  1.00 20.56 ? 33  ILE A CB  1 
ATOM   131  C  CG1 . ILE A 1 25  ? 10.698  6.247   -4.937  1.00 21.45 ? 33  ILE A CG1 1 
ATOM   132  C  CG2 . ILE A 1 25  ? 8.792   7.842   -4.713  1.00 21.70 ? 33  ILE A CG2 1 
ATOM   133  C  CD1 . ILE A 1 25  ? 10.133  5.093   -4.145  1.00 25.03 ? 33  ILE A CD1 1 
ATOM   134  N  N   . ILE A 1 26  ? 10.748  10.657  -3.547  1.00 26.95 ? 34  ILE A N   1 
ATOM   135  C  CA  . ILE A 1 26  ? 10.192  11.956  -3.189  1.00 28.43 ? 34  ILE A CA  1 
ATOM   136  C  C   . ILE A 1 26  ? 10.840  13.130  -3.936  1.00 31.57 ? 34  ILE A C   1 
ATOM   137  O  O   . ILE A 1 26  ? 10.176  14.117  -4.254  1.00 35.52 ? 34  ILE A O   1 
ATOM   138  C  CB  . ILE A 1 26  ? 10.286  12.159  -1.670  1.00 32.46 ? 34  ILE A CB  1 
ATOM   139  C  CG1 . ILE A 1 26  ? 9.223   11.302  -0.990  1.00 25.19 ? 34  ILE A CG1 1 
ATOM   140  C  CG2 . ILE A 1 26  ? 10.111  13.616  -1.281  1.00 32.94 ? 34  ILE A CG2 1 
ATOM   141  C  CD1 . ILE A 1 26  ? 9.217   11.446  0.487   1.00 26.62 ? 34  ILE A CD1 1 
ATOM   142  N  N   . ASN A 1 27  ? 12.120  13.004  -4.259  1.00 29.10 ? 35  ASN A N   1 
ATOM   143  C  CA  . ASN A 1 27  ? 12.868  14.136  -4.800  1.00 34.93 ? 35  ASN A CA  1 
ATOM   144  C  C   . ASN A 1 27  ? 13.114  14.133  -6.311  1.00 37.63 ? 35  ASN A C   1 
ATOM   145  O  O   . ASN A 1 27  ? 13.410  15.177  -6.888  1.00 40.96 ? 35  ASN A O   1 
ATOM   146  C  CB  . ASN A 1 27  ? 14.186  14.304  -4.038  1.00 31.86 ? 35  ASN A CB  1 
ATOM   147  C  CG  . ASN A 1 27  ? 13.965  14.732  -2.599  1.00 36.13 ? 35  ASN A CG  1 
ATOM   148  O  OD1 . ASN A 1 27  ? 13.213  15.670  -2.327  1.00 42.03 ? 35  ASN A OD1 1 
ATOM   149  N  ND2 . ASN A 1 27  ? 14.592  14.032  -1.671  1.00 35.54 ? 35  ASN A ND2 1 
ATOM   150  N  N   . THR A 1 28  ? 12.986  12.973  -6.953  1.00 36.54 ? 36  THR A N   1 
ATOM   151  C  CA  . THR A 1 28  ? 13.247  12.874  -8.387  1.00 36.90 ? 36  THR A CA  1 
ATOM   152  C  C   . THR A 1 28  ? 12.073  13.415  -9.205  1.00 36.05 ? 36  THR A C   1 
ATOM   153  O  O   . THR A 1 28  ? 10.910  13.191  -8.874  1.00 30.30 ? 36  THR A O   1 
ATOM   154  C  CB  . THR A 1 28  ? 13.578  11.429  -8.811  1.00 35.89 ? 36  THR A CB  1 
ATOM   155  O  OG1 . THR A 1 28  ? 14.728  10.971  -8.085  1.00 40.35 ? 36  THR A OG1 1 
ATOM   156  C  CG2 . THR A 1 28  ? 13.878  11.361  -10.301 1.00 38.19 ? 36  THR A CG2 1 
ATOM   157  N  N   . PHE A 1 29  ? 12.387  14.167  -10.253 1.00 31.42 ? 37  PHE A N   1 
ATOM   158  C  CA  . PHE A 1 29  ? 11.359  14.668  -11.144 1.00 31.55 ? 37  PHE A CA  1 
ATOM   159  C  C   . PHE A 1 29  ? 10.914  13.497  -12.005 1.00 30.27 ? 37  PHE A C   1 
ATOM   160  O  O   . PHE A 1 29  ? 11.717  12.918  -12.734 1.00 30.32 ? 37  PHE A O   1 
ATOM   161  C  CB  . PHE A 1 29  ? 11.899  15.803  -12.011 1.00 32.24 ? 37  PHE A CB  1 
ATOM   162  C  CG  . PHE A 1 29  ? 10.895  16.339  -12.989 1.00 33.02 ? 37  PHE A CG  1 
ATOM   163  C  CD1 . PHE A 1 29  ? 9.943   17.264  -12.591 1.00 33.28 ? 37  PHE A CD1 1 
ATOM   164  C  CD2 . PHE A 1 29  ? 10.884  15.895  -14.302 1.00 28.74 ? 37  PHE A CD2 1 
ATOM   165  C  CE1 . PHE A 1 29  ? 9.002   17.747  -13.492 1.00 31.06 ? 37  PHE A CE1 1 
ATOM   166  C  CE2 . PHE A 1 29  ? 9.951   16.373  -15.199 1.00 26.92 ? 37  PHE A CE2 1 
ATOM   167  C  CZ  . PHE A 1 29  ? 9.008   17.301  -14.792 1.00 25.12 ? 37  PHE A CZ  1 
ATOM   168  N  N   . TYR A 1 30  ? 9.637   13.142  -11.901 1.00 28.58 ? 38  TYR A N   1 
ATOM   169  C  CA  . TYR A 1 30  ? 9.093   11.978  -12.600 1.00 29.32 ? 38  TYR A CA  1 
ATOM   170  C  C   . TYR A 1 30  ? 7.594   12.175  -12.804 1.00 29.08 ? 38  TYR A C   1 
ATOM   171  O  O   . TYR A 1 30  ? 6.823   12.192  -11.844 1.00 26.20 ? 38  TYR A O   1 
ATOM   172  C  CB  . TYR A 1 30  ? 9.358   10.698  -11.803 1.00 25.89 ? 38  TYR A CB  1 
ATOM   173  C  CG  . TYR A 1 30  ? 8.952   9.436   -12.537 1.00 27.60 ? 38  TYR A CG  1 
ATOM   174  C  CD1 . TYR A 1 30  ? 9.713   8.952   -13.597 1.00 27.65 ? 38  TYR A CD1 1 
ATOM   175  C  CD2 . TYR A 1 30  ? 7.808   8.733   -12.174 1.00 29.55 ? 38  TYR A CD2 1 
ATOM   176  C  CE1 . TYR A 1 30  ? 9.349   7.800   -14.282 1.00 29.44 ? 38  TYR A CE1 1 
ATOM   177  C  CE2 . TYR A 1 30  ? 7.436   7.575   -12.848 1.00 29.83 ? 38  TYR A CE2 1 
ATOM   178  C  CZ  . TYR A 1 30  ? 8.209   7.119   -13.905 1.00 30.91 ? 38  TYR A CZ  1 
ATOM   179  O  OH  . TYR A 1 30  ? 7.849   5.975   -14.580 1.00 37.38 ? 38  TYR A OH  1 
ATOM   180  N  N   . SER A 1 31  ? 7.183   12.331  -14.056 1.00 27.59 ? 39  SER A N   1 
ATOM   181  C  CA  . SER A 1 31  ? 5.800   12.698  -14.357 1.00 26.68 ? 39  SER A CA  1 
ATOM   182  C  C   . SER A 1 31  ? 4.817   11.520  -14.395 1.00 25.90 ? 39  SER A C   1 
ATOM   183  O  O   . SER A 1 31  ? 3.615   11.717  -14.179 1.00 28.20 ? 39  SER A O   1 
ATOM   184  C  CB  . SER A 1 31  ? 5.726   13.490  -15.666 1.00 29.25 ? 39  SER A CB  1 
ATOM   185  O  OG  . SER A 1 31  ? 6.459   14.706  -15.572 1.00 26.78 ? 39  SER A OG  1 
ATOM   186  N  N   . ASN A 1 32  ? 5.311   10.313  -14.679 1.00 24.13 ? 40  ASN A N   1 
ATOM   187  C  CA  . ASN A 1 32  ? 4.443   9.126   -14.775 1.00 29.30 ? 40  ASN A CA  1 
ATOM   188  C  C   . ASN A 1 32  ? 4.057   8.588   -13.393 1.00 24.71 ? 40  ASN A C   1 
ATOM   189  O  O   . ASN A 1 32  ? 4.326   7.426   -13.065 1.00 26.14 ? 40  ASN A O   1 
ATOM   190  C  CB  . ASN A 1 32  ? 5.124   8.025   -15.601 1.00 27.52 ? 40  ASN A CB  1 
ATOM   191  C  CG  . ASN A 1 32  ? 4.212   6.825   -15.857 1.00 30.31 ? 40  ASN A CG  1 
ATOM   192  O  OD1 . ASN A 1 32  ? 3.000   6.972   -16.004 1.00 28.90 ? 40  ASN A OD1 1 
ATOM   193  N  ND2 . ASN A 1 32  ? 4.797   5.632   -15.891 1.00 26.01 ? 40  ASN A ND2 1 
ATOM   194  N  N   . LYS A 1 33  ? 3.422   9.430   -12.587 1.00 23.18 ? 41  LYS A N   1 
ATOM   195  C  CA  . LYS A 1 33  ? 3.150   9.089   -11.191 1.00 25.16 ? 41  LYS A CA  1 
ATOM   196  C  C   . LYS A 1 33  ? 2.045   8.047   -10.961 1.00 22.13 ? 41  LYS A C   1 
ATOM   197  O  O   . LYS A 1 33  ? 1.997   7.425   -9.890  1.00 21.65 ? 41  LYS A O   1 
ATOM   198  C  CB  . LYS A 1 33  ? 2.877   10.360  -10.376 1.00 24.01 ? 41  LYS A CB  1 
ATOM   199  C  CG  . LYS A 1 33  ? 4.101   11.293  -10.238 1.00 25.08 ? 41  LYS A CG  1 
ATOM   200  C  CD  . LYS A 1 33  ? 3.778   12.512  -9.370  1.00 24.83 ? 41  LYS A CD  1 
ATOM   201  C  CE  . LYS A 1 33  ? 4.944   13.505  -9.303  1.00 24.00 ? 41  LYS A CE  1 
ATOM   202  N  NZ  . LYS A 1 33  ? 6.148   12.879  -8.704  1.00 36.09 ? 41  LYS A NZ  1 
ATOM   203  N  N   . GLU A 1 34  ? 1.192   7.837   -11.964 1.00 20.06 ? 42  GLU A N   1 
ATOM   204  C  CA  . GLU A 1 34  ? 0.001   6.994   -11.823 1.00 20.69 ? 42  GLU A CA  1 
ATOM   205  C  C   . GLU A 1 34  ? 0.312   5.539   -11.508 1.00 22.76 ? 42  GLU A C   1 
ATOM   206  O  O   . GLU A 1 34  ? -0.583  4.787   -11.124 1.00 20.27 ? 42  GLU A O   1 
ATOM   207  C  CB  . GLU A 1 34  ? -0.847  7.039   -13.105 1.00 23.42 ? 42  GLU A CB  1 
ATOM   208  C  CG  . GLU A 1 34  ? -0.232  6.290   -14.273 1.00 23.11 ? 42  GLU A CG  1 
ATOM   209  C  CD  . GLU A 1 34  ? -1.056  6.425   -15.544 1.00 30.51 ? 42  GLU A CD  1 
ATOM   210  O  OE1 . GLU A 1 34  ? -1.257  7.569   -15.993 1.00 29.88 ? 42  GLU A OE1 1 
ATOM   211  O  OE2 . GLU A 1 34  ? -1.514  5.395   -16.086 1.00 34.94 ? 42  GLU A OE2 1 
ATOM   212  N  N   . ILE A 1 35  ? 1.572   5.141   -11.679 1.00 19.13 ? 43  ILE A N   1 
ATOM   213  C  CA  . ILE A 1 35  ? 1.983   3.767   -11.436 1.00 20.79 ? 43  ILE A CA  1 
ATOM   214  C  C   . ILE A 1 35  ? 1.791   3.360   -9.976  1.00 19.76 ? 43  ILE A C   1 
ATOM   215  O  O   . ILE A 1 35  ? 1.769   2.167   -9.669  1.00 21.18 ? 43  ILE A O   1 
ATOM   216  C  CB  . ILE A 1 35  ? 3.467   3.551   -11.788 1.00 21.00 ? 43  ILE A CB  1 
ATOM   217  C  CG1 . ILE A 1 35  ? 4.336   4.517   -10.974 1.00 24.28 ? 43  ILE A CG1 1 
ATOM   218  C  CG2 . ILE A 1 35  ? 3.702   3.719   -13.291 1.00 25.37 ? 43  ILE A CG2 1 
ATOM   219  C  CD1 . ILE A 1 35  ? 5.802   4.132   -10.922 1.00 28.54 ? 43  ILE A CD1 1 
ATOM   220  N  N   . PHE A 1 36  ? 1.691   4.338   -9.073  1.00 17.63 ? 44  PHE A N   1 
ATOM   221  C  CA  . PHE A 1 36  ? 1.521   4.027   -7.656  1.00 17.67 ? 44  PHE A CA  1 
ATOM   222  C  C   . PHE A 1 36  ? 0.267   3.174   -7.440  1.00 17.33 ? 44  PHE A C   1 
ATOM   223  O  O   . PHE A 1 36  ? 0.256   2.284   -6.593  1.00 15.94 ? 44  PHE A O   1 
ATOM   224  C  CB  . PHE A 1 36  ? 1.418   5.303   -6.802  1.00 18.25 ? 44  PHE A CB  1 
ATOM   225  C  CG  . PHE A 1 36  ? 0.042   5.914   -6.799  1.00 17.80 ? 44  PHE A CG  1 
ATOM   226  C  CD1 . PHE A 1 36  ? -0.310  6.843   -7.756  1.00 17.61 ? 44  PHE A CD1 1 
ATOM   227  C  CD2 . PHE A 1 36  ? -0.909  5.535   -5.843  1.00 17.24 ? 44  PHE A CD2 1 
ATOM   228  C  CE1 . PHE A 1 36  ? -1.589  7.396   -7.774  1.00 21.55 ? 44  PHE A CE1 1 
ATOM   229  C  CE2 . PHE A 1 36  ? -2.188  6.077   -5.857  1.00 18.05 ? 44  PHE A CE2 1 
ATOM   230  C  CZ  . PHE A 1 36  ? -2.528  7.012   -6.823  1.00 22.54 ? 44  PHE A CZ  1 
ATOM   231  N  N   . LEU A 1 37  ? -0.795  3.444   -8.200  1.00 18.22 ? 45  LEU A N   1 
ATOM   232  C  CA  . LEU A 1 37  ? -2.067  2.775   -7.937  1.00 20.40 ? 45  LEU A CA  1 
ATOM   233  C  C   . LEU A 1 37  ? -1.992  1.319   -8.370  1.00 21.89 ? 45  LEU A C   1 
ATOM   234  O  O   . LEU A 1 37  ? -2.499  0.425   -7.681  1.00 20.20 ? 45  LEU A O   1 
ATOM   235  C  CB  . LEU A 1 37  ? -3.227  3.503   -8.614  1.00 18.50 ? 45  LEU A CB  1 
ATOM   236  C  CG  . LEU A 1 37  ? -4.631  2.960   -8.322  1.00 21.80 ? 45  LEU A CG  1 
ATOM   237  C  CD1 . LEU A 1 37  ? -4.913  2.955   -6.813  1.00 18.10 ? 45  LEU A CD1 1 
ATOM   238  C  CD2 . LEU A 1 37  ? -5.662  3.824   -9.063  1.00 18.97 ? 45  LEU A CD2 1 
ATOM   239  N  N   . ARG A 1 38  ? -1.346  1.093   -9.508  1.00 21.21 ? 46  ARG A N   1 
ATOM   240  C  CA  . ARG A 1 38  ? -1.076  -0.257  -9.995  1.00 21.11 ? 46  ARG A CA  1 
ATOM   241  C  C   . ARG A 1 38  ? -0.310  -1.075  -8.951  1.00 19.69 ? 46  ARG A C   1 
ATOM   242  O  O   . ARG A 1 38  ? -0.632  -2.238  -8.693  1.00 19.27 ? 46  ARG A O   1 
ATOM   243  C  CB  . ARG A 1 38  ? -0.270  -0.168  -11.293 1.00 27.70 ? 46  ARG A CB  1 
ATOM   244  C  CG  . ARG A 1 38  ? 0.319   -1.478  -11.800 1.00 34.01 ? 46  ARG A CG  1 
ATOM   245  C  CD  . ARG A 1 38  ? 1.247   -1.231  -13.006 1.00 37.89 ? 46  ARG A CD  1 
ATOM   246  N  NE  . ARG A 1 38  ? 2.550   -0.692  -12.603 1.00 44.71 ? 46  ARG A NE  1 
ATOM   247  C  CZ  . ARG A 1 38  ? 3.445   -0.171  -13.440 1.00 42.88 ? 46  ARG A CZ  1 
ATOM   248  N  NH1 . ARG A 1 38  ? 3.185   -0.100  -14.739 1.00 40.83 ? 46  ARG A NH1 1 
ATOM   249  N  NH2 . ARG A 1 38  ? 4.605   0.284   -12.976 1.00 40.58 ? 46  ARG A NH2 1 
ATOM   250  N  N   . GLU A 1 39  ? 0.703   -0.462  -8.344  1.00 18.82 ? 47  GLU A N   1 
ATOM   251  C  CA  . GLU A 1 39  ? 1.528   -1.162  -7.363  1.00 18.95 ? 47  GLU A CA  1 
ATOM   252  C  C   . GLU A 1 39  ? 0.756   -1.504  -6.101  1.00 20.60 ? 47  GLU A C   1 
ATOM   253  O  O   . GLU A 1 39  ? 0.927   -2.598  -5.545  1.00 17.92 ? 47  GLU A O   1 
ATOM   254  C  CB  . GLU A 1 39  ? 2.769   -0.338  -6.989  1.00 19.91 ? 47  GLU A CB  1 
ATOM   255  C  CG  . GLU A 1 39  ? 3.688   -0.030  -8.161  1.00 22.16 ? 47  GLU A CG  1 
ATOM   256  C  CD  . GLU A 1 39  ? 4.137   -1.281  -8.899  1.00 32.93 ? 47  GLU A CD  1 
ATOM   257  O  OE1 . GLU A 1 39  ? 4.440   -2.300  -8.236  1.00 28.81 ? 47  GLU A OE1 1 
ATOM   258  O  OE2 . GLU A 1 39  ? 4.195   -1.247  -10.151 1.00 36.36 ? 47  GLU A OE2 1 
ATOM   259  N  N   . LEU A 1 40  ? -0.066  -0.567  -5.626  1.00 14.50 ? 48  LEU A N   1 
ATOM   260  C  CA  . LEU A 1 40  ? -0.845  -0.820  -4.402  1.00 18.57 ? 48  LEU A CA  1 
ATOM   261  C  C   . LEU A 1 40  ? -1.915  -1.876  -4.637  1.00 15.76 ? 48  LEU A C   1 
ATOM   262  O  O   . LEU A 1 40  ? -2.158  -2.726  -3.773  1.00 18.81 ? 48  LEU A O   1 
ATOM   263  C  CB  . LEU A 1 40  ? -1.484  0.466   -3.867  1.00 15.20 ? 48  LEU A CB  1 
ATOM   264  C  CG  . LEU A 1 40  ? -0.480  1.505   -3.374  1.00 18.67 ? 48  LEU A CG  1 
ATOM   265  C  CD1 . LEU A 1 40  ? -1.210  2.749   -2.905  1.00 18.31 ? 48  LEU A CD1 1 
ATOM   266  C  CD2 . LEU A 1 40  ? 0.394   0.924   -2.260  1.00 16.66 ? 48  LEU A CD2 1 
ATOM   267  N  N   . ILE A 1 41  ? -2.561  -1.836  -5.798  1.00 16.43 ? 49  ILE A N   1 
ATOM   268  C  CA  . ILE A 1 41  ? -3.546  -2.872  -6.120  1.00 16.87 ? 49  ILE A CA  1 
ATOM   269  C  C   . ILE A 1 41  ? -2.860  -4.238  -6.223  1.00 17.89 ? 49  ILE A C   1 
ATOM   270  O  O   . ILE A 1 41  ? -3.381  -5.238  -5.733  1.00 15.71 ? 49  ILE A O   1 
ATOM   271  C  CB  . ILE A 1 41  ? -4.315  -2.541  -7.422  1.00 15.18 ? 49  ILE A CB  1 
ATOM   272  C  CG1 . ILE A 1 41  ? -5.264  -1.355  -7.178  1.00 17.29 ? 49  ILE A CG1 1 
ATOM   273  C  CG2 . ILE A 1 41  ? -5.097  -3.744  -7.913  1.00 20.74 ? 49  ILE A CG2 1 
ATOM   274  C  CD1 . ILE A 1 41  ? -5.891  -0.789  -8.455  1.00 19.40 ? 49  ILE A CD1 1 
ATOM   275  N  N   . SER A 1 42  ? -1.693  -4.290  -6.858  1.00 16.24 ? 50  SER A N   1 
ATOM   276  C  CA  . SER A 1 42  ? -0.976  -5.561  -6.961  1.00 16.74 ? 50  SER A CA  1 
ATOM   277  C  C   . SER A 1 42  ? -0.583  -6.117  -5.583  1.00 18.84 ? 50  SER A C   1 
ATOM   278  O  O   . SER A 1 42  ? -0.688  -7.322  -5.346  1.00 18.50 ? 50  SER A O   1 
ATOM   279  C  CB  . SER A 1 42  ? 0.233   -5.427  -7.906  1.00 20.14 ? 50  SER A CB  1 
ATOM   280  O  OG  . SER A 1 42  ? 1.174   -6.457  -7.661  1.00 34.68 ? 50  SER A OG  1 
ATOM   281  N  N   . ASN A 1 43  ? -0.167  -5.250  -4.658  1.00 17.96 ? 51  ASN A N   1 
ATOM   282  C  CA  . ASN A 1 43  ? 0.121   -5.704  -3.296  1.00 15.06 ? 51  ASN A CA  1 
ATOM   283  C  C   . ASN A 1 43  ? -1.120  -6.249  -2.584  1.00 16.99 ? 51  ASN A C   1 
ATOM   284  O  O   . ASN A 1 43  ? -1.063  -7.268  -1.889  1.00 13.61 ? 51  ASN A O   1 
ATOM   285  C  CB  . ASN A 1 43  ? 0.755   -4.575  -2.467  1.00 16.94 ? 51  ASN A CB  1 
ATOM   286  C  CG  . ASN A 1 43  ? 2.216   -4.332  -2.829  1.00 20.05 ? 51  ASN A CG  1 
ATOM   287  O  OD1 . ASN A 1 43  ? 2.717   -4.841  -3.834  1.00 19.78 ? 51  ASN A OD1 1 
ATOM   288  N  ND2 . ASN A 1 43  ? 2.906   -3.565  -2.001  1.00 20.49 ? 51  ASN A ND2 1 
ATOM   289  N  N   . SER A 1 44  ? -2.246  -5.570  -2.756  1.00 15.32 ? 52  SER A N   1 
ATOM   290  C  CA  . SER A 1 44  ? -3.500  -6.041  -2.179  1.00 16.24 ? 52  SER A CA  1 
ATOM   291  C  C   . SER A 1 44  ? -3.855  -7.407  -2.745  1.00 16.46 ? 52  SER A C   1 
ATOM   292  O  O   . SER A 1 44  ? -4.267  -8.311  -2.012  1.00 15.21 ? 52  SER A O   1 
ATOM   293  C  CB  . SER A 1 44  ? -4.627  -5.059  -2.491  1.00 16.74 ? 52  SER A CB  1 
ATOM   294  O  OG  . SER A 1 44  ? -4.409  -3.813  -1.843  1.00 17.54 ? 52  SER A OG  1 
ATOM   295  N  N   . SER A 1 45  ? -3.684  -7.561  -4.052  1.00 16.24 ? 53  SER A N   1 
ATOM   296  C  CA  . SER A 1 45  ? -4.019  -8.831  -4.707  1.00 20.03 ? 53  SER A CA  1 
ATOM   297  C  C   . SER A 1 45  ? -3.194  -9.962  -4.116  1.00 18.30 ? 53  SER A C   1 
ATOM   298  O  O   . SER A 1 45  ? -3.710  -11.058 -3.871  1.00 19.65 ? 53  SER A O   1 
ATOM   299  C  CB  . SER A 1 45  ? -3.774  -8.741  -6.218  1.00 20.74 ? 53  SER A CB  1 
ATOM   300  O  OG  . SER A 1 45  ? -4.127  -9.963  -6.848  1.00 25.02 ? 53  SER A OG  1 
ATOM   301  N  N   . ASP A 1 46  ? -1.914  -9.697  -3.878  1.00 18.32 ? 54  ASP A N   1 
ATOM   302  C  CA  . ASP A 1 46  ? -1.055  -10.682 -3.214  1.00 19.50 ? 54  ASP A CA  1 
ATOM   303  C  C   . ASP A 1 46  ? -1.555  -11.041 -1.810  1.00 17.62 ? 54  ASP A C   1 
ATOM   304  O  O   . ASP A 1 46  ? -1.554  -12.205 -1.431  1.00 17.17 ? 54  ASP A O   1 
ATOM   305  C  CB  . ASP A 1 46  ? 0.396   -10.205 -3.147  1.00 23.01 ? 54  ASP A CB  1 
ATOM   306  C  CG  . ASP A 1 46  ? 1.053   -10.137 -4.518  1.00 30.22 ? 54  ASP A CG  1 
ATOM   307  O  OD1 . ASP A 1 46  ? 0.439   -10.603 -5.508  1.00 30.28 ? 54  ASP A OD1 1 
ATOM   308  O  OD2 . ASP A 1 46  ? 2.189   -9.619  -4.599  1.00 37.05 ? 54  ASP A OD2 1 
ATOM   309  N  N   . ALA A 1 47  ? -1.983  -10.051 -1.034  1.00 17.53 ? 55  ALA A N   1 
ATOM   310  C  CA  . ALA A 1 47  ? -2.497  -10.321 0.319   1.00 18.45 ? 55  ALA A CA  1 
ATOM   311  C  C   . ALA A 1 47  ? -3.804  -11.118 0.260   1.00 15.35 ? 55  ALA A C   1 
ATOM   312  O  O   . ALA A 1 47  ? -4.091  -11.945 1.131   1.00 15.71 ? 55  ALA A O   1 
ATOM   313  C  CB  . ALA A 1 47  ? -2.723  -9.028  1.068   1.00 17.45 ? 55  ALA A CB  1 
ATOM   314  N  N   . LEU A 1 48  ? -4.601  -10.851 -0.762  1.00 17.18 ? 56  LEU A N   1 
ATOM   315  C  CA  . LEU A 1 48  ? -5.845  -11.588 -0.959  1.00 16.66 ? 56  LEU A CA  1 
ATOM   316  C  C   . LEU A 1 48  ? -5.552  -13.043 -1.357  1.00 20.06 ? 56  LEU A C   1 
ATOM   317  O  O   . LEU A 1 48  ? -6.191  -13.975 -0.855  1.00 19.64 ? 56  LEU A O   1 
ATOM   318  C  CB  . LEU A 1 48  ? -6.715  -10.878 -2.001  1.00 16.19 ? 56  LEU A CB  1 
ATOM   319  C  CG  . LEU A 1 48  ? -7.386  -9.598  -1.483  1.00 15.98 ? 56  LEU A CG  1 
ATOM   320  C  CD1 . LEU A 1 48  ? -7.855  -8.749  -2.646  1.00 15.84 ? 56  LEU A CD1 1 
ATOM   321  C  CD2 . LEU A 1 48  ? -8.580  -9.967  -0.581  1.00 15.04 ? 56  LEU A CD2 1 
ATOM   322  N  N   . ASP A 1 49  ? -4.572  -13.243 -2.235  1.00 15.92 ? 57  ASP A N   1 
ATOM   323  C  CA  . ASP A 1 49  ? -4.155  -14.604 -2.598  1.00 19.97 ? 57  ASP A CA  1 
ATOM   324  C  C   . ASP A 1 49  ? -3.782  -15.406 -1.363  1.00 18.84 ? 57  ASP A C   1 
ATOM   325  O  O   . ASP A 1 49  ? -4.082  -16.592 -1.273  1.00 17.46 ? 57  ASP A O   1 
ATOM   326  C  CB  . ASP A 1 49  ? -2.949  -14.585 -3.551  1.00 18.94 ? 57  ASP A CB  1 
ATOM   327  C  CG  . ASP A 1 49  ? -3.311  -14.123 -4.948  1.00 22.17 ? 57  ASP A CG  1 
ATOM   328  O  OD1 . ASP A 1 49  ? -4.492  -14.237 -5.327  1.00 24.21 ? 57  ASP A OD1 1 
ATOM   329  O  OD2 . ASP A 1 49  ? -2.404  -13.666 -5.676  1.00 28.26 ? 57  ASP A OD2 1 
ATOM   330  N  N   . LYS A 1 50  ? -3.102  -14.770 -0.409  1.00 17.89 ? 58  LYS A N   1 
ATOM   331  C  CA  . LYS A 1 50  ? -2.612  -15.510 0.752   1.00 20.04 ? 58  LYS A CA  1 
ATOM   332  C  C   . LYS A 1 50  ? -3.743  -15.966 1.672   1.00 22.60 ? 58  LYS A C   1 
ATOM   333  O  O   . LYS A 1 50  ? -3.746  -17.116 2.131   1.00 18.74 ? 58  LYS A O   1 
ATOM   334  C  CB  . LYS A 1 50  ? -1.562  -14.716 1.534   1.00 20.30 ? 58  LYS A CB  1 
ATOM   335  C  CG  . LYS A 1 50  ? -0.951  -15.514 2.659   1.00 30.17 ? 58  LYS A CG  1 
ATOM   336  C  CD  . LYS A 1 50  ? 0.314   -14.866 3.234   1.00 33.12 ? 58  LYS A CD  1 
ATOM   337  C  CE  . LYS A 1 50  ? 1.008   -15.827 4.208   1.00 41.13 ? 58  LYS A CE  1 
ATOM   338  N  NZ  . LYS A 1 50  ? 2.346   -15.323 4.636   1.00 41.33 ? 58  LYS A NZ  1 
ATOM   339  N  N   . ILE A 1 51  ? -4.705  -15.088 1.947   1.00 21.26 ? 59  ILE A N   1 
ATOM   340  C  CA  . ILE A 1 51  ? -5.834  -15.510 2.767   1.00 17.45 ? 59  ILE A CA  1 
ATOM   341  C  C   . ILE A 1 51  ? -6.668  -16.546 2.010   1.00 20.86 ? 59  ILE A C   1 
ATOM   342  O  O   . ILE A 1 51  ? -7.126  -17.521 2.602   1.00 21.23 ? 59  ILE A O   1 
ATOM   343  C  CB  . ILE A 1 51  ? -6.713  -14.337 3.310   1.00 19.94 ? 59  ILE A CB  1 
ATOM   344  C  CG1 . ILE A 1 51  ? -7.736  -14.870 4.332   1.00 21.35 ? 59  ILE A CG1 1 
ATOM   345  C  CG2 . ILE A 1 51  ? -7.434  -13.616 2.198   1.00 17.82 ? 59  ILE A CG2 1 
ATOM   346  C  CD1 . ILE A 1 51  ? -7.087  -15.505 5.561   1.00 22.94 ? 59  ILE A CD1 1 
ATOM   347  N  N   . ARG A 1 52  ? -6.830  -16.372 0.702   1.00 20.20 ? 60  ARG A N   1 
ATOM   348  C  CA  . ARG A 1 52  ? -7.603  -17.351 -0.063  1.00 22.70 ? 60  ARG A CA  1 
ATOM   349  C  C   . ARG A 1 52  ? -6.975  -18.741 0.023   1.00 24.50 ? 60  ARG A C   1 
ATOM   350  O  O   . ARG A 1 52  ? -7.668  -19.729 0.292   1.00 22.46 ? 60  ARG A O   1 
ATOM   351  C  CB  . ARG A 1 52  ? -7.790  -16.932 -1.527  1.00 22.66 ? 60  ARG A CB  1 
ATOM   352  C  CG  . ARG A 1 52  ? -8.718  -17.884 -2.288  1.00 24.42 ? 60  ARG A CG  1 
ATOM   353  C  CD  . ARG A 1 52  ? -8.897  -17.485 -3.744  1.00 37.90 ? 60  ARG A CD  1 
ATOM   354  N  NE  . ARG A 1 52  ? -7.612  -17.399 -4.426  1.00 39.76 ? 60  ARG A NE  1 
ATOM   355  C  CZ  . ARG A 1 52  ? -7.445  -16.960 -5.670  1.00 44.86 ? 60  ARG A CZ  1 
ATOM   356  N  NH1 . ARG A 1 52  ? -8.491  -16.556 -6.385  1.00 42.90 ? 60  ARG A NH1 1 
ATOM   357  N  NH2 . ARG A 1 52  ? -6.226  -16.919 -6.197  1.00 40.48 ? 60  ARG A NH2 1 
ATOM   358  N  N   . TYR A 1 53  ? -5.660  -18.813 -0.173  1.00 22.12 ? 61  TYR A N   1 
ATOM   359  C  CA  . TYR A 1 53  ? -4.942  -20.081 -0.040  1.00 22.42 ? 61  TYR A CA  1 
ATOM   360  C  C   . TYR A 1 53  ? -5.016  -20.689 1.360   1.00 24.67 ? 61  TYR A C   1 
ATOM   361  O  O   . TYR A 1 53  ? -5.207  -21.897 1.507   1.00 25.71 ? 61  TYR A O   1 
ATOM   362  C  CB  . TYR A 1 53  ? -3.477  -19.930 -0.464  1.00 20.87 ? 61  TYR A CB  1 
ATOM   363  C  CG  . TYR A 1 53  ? -2.657  -21.194 -0.268  1.00 25.39 ? 61  TYR A CG  1 
ATOM   364  C  CD1 . TYR A 1 53  ? -2.671  -22.205 -1.216  1.00 25.35 ? 61  TYR A CD1 1 
ATOM   365  C  CD2 . TYR A 1 53  ? -1.859  -21.364 0.861   1.00 28.40 ? 61  TYR A CD2 1 
ATOM   366  C  CE1 . TYR A 1 53  ? -1.925  -23.363 -1.040  1.00 22.83 ? 61  TYR A CE1 1 
ATOM   367  C  CE2 . TYR A 1 53  ? -1.110  -22.514 1.045   1.00 30.93 ? 61  TYR A CE2 1 
ATOM   368  C  CZ  . TYR A 1 53  ? -1.149  -23.510 0.091   1.00 24.74 ? 61  TYR A CZ  1 
ATOM   369  O  OH  . TYR A 1 53  ? -0.401  -24.656 0.271   1.00 28.21 ? 61  TYR A OH  1 
ATOM   370  N  N   . GLU A 1 54  ? -4.845  -19.871 2.390   1.00 22.01 ? 62  GLU A N   1 
ATOM   371  C  CA  . GLU A 1 54  ? -4.902  -20.399 3.743   1.00 27.50 ? 62  GLU A CA  1 
ATOM   372  C  C   . GLU A 1 54  ? -6.281  -20.962 4.027   1.00 27.72 ? 62  GLU A C   1 
ATOM   373  O  O   . GLU A 1 54  ? -6.418  -21.981 4.706   1.00 26.64 ? 62  GLU A O   1 
ATOM   374  C  CB  . GLU A 1 54  ? -4.554  -19.323 4.774   1.00 28.87 ? 62  GLU A CB  1 
ATOM   375  C  CG  . GLU A 1 54  ? -3.064  -19.085 4.938   1.00 31.98 ? 62  GLU A CG  1 
ATOM   376  C  CD  . GLU A 1 54  ? -2.752  -18.236 6.152   1.00 40.25 ? 62  GLU A CD  1 
ATOM   377  O  OE1 . GLU A 1 54  ? -3.708  -17.795 6.835   1.00 42.06 ? 62  GLU A OE1 1 
ATOM   378  O  OE2 . GLU A 1 54  ? -1.552  -17.997 6.419   1.00 49.34 ? 62  GLU A OE2 1 
ATOM   379  N  N   . SER A 1 55  ? -7.307  -20.305 3.498   1.00 22.55 ? 63  SER A N   1 
ATOM   380  C  CA  . SER A 1 55  ? -8.678  -20.715 3.796   1.00 26.43 ? 63  SER A CA  1 
ATOM   381  C  C   . SER A 1 55  ? -9.061  -22.053 3.152   1.00 30.25 ? 63  SER A C   1 
ATOM   382  O  O   . SER A 1 55  ? -10.058 -22.663 3.545   1.00 27.61 ? 63  SER A O   1 
ATOM   383  C  CB  . SER A 1 55  ? -9.669  -19.628 3.383   1.00 22.64 ? 63  SER A CB  1 
ATOM   384  O  OG  . SER A 1 55  ? -9.873  -19.638 1.988   1.00 25.65 ? 63  SER A OG  1 
ATOM   385  N  N   . LEU A 1 56  ? -8.275  -22.511 2.174   1.00 25.91 ? 64  LEU A N   1 
ATOM   386  C  CA  . LEU A 1 56  ? -8.536  -23.804 1.515   1.00 29.06 ? 64  LEU A CA  1 
ATOM   387  C  C   . LEU A 1 56  ? -8.342  -24.974 2.476   1.00 33.94 ? 64  LEU A C   1 
ATOM   388  O  O   . LEU A 1 56  ? -9.030  -25.981 2.386   1.00 36.15 ? 64  LEU A O   1 
ATOM   389  C  CB  . LEU A 1 56  ? -7.630  -23.998 0.291   1.00 25.96 ? 64  LEU A CB  1 
ATOM   390  C  CG  . LEU A 1 56  ? -7.771  -22.936 -0.799  1.00 26.40 ? 64  LEU A CG  1 
ATOM   391  C  CD1 . LEU A 1 56  ? -6.826  -23.196 -1.970  1.00 26.37 ? 64  LEU A CD1 1 
ATOM   392  C  CD2 . LEU A 1 56  ? -9.211  -22.875 -1.274  1.00 26.00 ? 64  LEU A CD2 1 
ATOM   393  N  N   . THR A 1 57  ? -7.395  -24.839 3.393   1.00 32.38 ? 65  THR A N   1 
ATOM   394  C  CA  . THR A 1 57  ? -7.124  -25.901 4.351   1.00 37.24 ? 65  THR A CA  1 
ATOM   395  C  C   . THR A 1 57  ? -7.754  -25.599 5.709   1.00 39.58 ? 65  THR A C   1 
ATOM   396  O  O   . THR A 1 57  ? -7.886  -26.490 6.549   1.00 36.20 ? 65  THR A O   1 
ATOM   397  C  CB  . THR A 1 57  ? -5.627  -26.101 4.521   1.00 33.90 ? 65  THR A CB  1 
ATOM   398  O  OG1 . THR A 1 57  ? -5.018  -24.830 4.761   1.00 44.55 ? 65  THR A OG1 1 
ATOM   399  C  CG2 . THR A 1 57  ? -5.029  -26.696 3.250   1.00 38.33 ? 65  THR A CG2 1 
ATOM   400  N  N   . ASP A 1 58  ? -8.139  -24.340 5.917   1.00 34.05 ? 66  ASP A N   1 
ATOM   401  C  CA  . ASP A 1 58  ? -8.771  -23.925 7.168   1.00 34.89 ? 66  ASP A CA  1 
ATOM   402  C  C   . ASP A 1 58  ? -9.752  -22.785 6.932   1.00 36.25 ? 66  ASP A C   1 
ATOM   403  O  O   . ASP A 1 58  ? -9.386  -21.601 7.001   1.00 33.31 ? 66  ASP A O   1 
ATOM   404  C  CB  . ASP A 1 58  ? -7.721  -23.530 8.211   1.00 35.75 ? 66  ASP A CB  1 
ATOM   405  C  CG  . ASP A 1 58  ? -8.336  -23.179 9.563   1.00 39.45 ? 66  ASP A CG  1 
ATOM   406  O  OD1 . ASP A 1 58  ? -9.564  -23.357 9.742   1.00 41.37 ? 66  ASP A OD1 1 
ATOM   407  O  OD2 . ASP A 1 58  ? -7.580  -22.731 10.456  1.00 41.18 ? 66  ASP A OD2 1 
ATOM   408  N  N   . PRO A 1 59  ? -11.015 -23.144 6.667   1.00 34.17 ? 67  PRO A N   1 
ATOM   409  C  CA  . PRO A 1 59  ? -12.072 -22.193 6.323   1.00 31.46 ? 67  PRO A CA  1 
ATOM   410  C  C   . PRO A 1 59  ? -12.438 -21.269 7.482   1.00 28.84 ? 67  PRO A C   1 
ATOM   411  O  O   . PRO A 1 59  ? -13.063 -20.232 7.247   1.00 29.97 ? 67  PRO A O   1 
ATOM   412  C  CB  . PRO A 1 59  ? -13.259 -23.100 5.972   1.00 32.78 ? 67  PRO A CB  1 
ATOM   413  C  CG  . PRO A 1 59  ? -12.662 -24.442 5.699   1.00 39.09 ? 67  PRO A CG  1 
ATOM   414  C  CD  . PRO A 1 59  ? -11.485 -24.539 6.602   1.00 35.18 ? 67  PRO A CD  1 
ATOM   415  N  N   . SER A 1 60  ? -12.067 -21.627 8.706   1.00 29.24 ? 68  SER A N   1 
ATOM   416  C  CA  . SER A 1 60  ? -12.345 -20.750 9.846   1.00 34.25 ? 68  SER A CA  1 
ATOM   417  C  C   . SER A 1 60  ? -11.554 -19.435 9.744   1.00 31.78 ? 68  SER A C   1 
ATOM   418  O  O   . SER A 1 60  ? -11.875 -18.454 10.409  1.00 28.83 ? 68  SER A O   1 
ATOM   419  C  CB  . SER A 1 60  ? -12.050 -21.457 11.174  1.00 33.16 ? 68  SER A CB  1 
ATOM   420  O  OG  . SER A 1 60  ? -10.659 -21.623 11.382  1.00 39.26 ? 68  SER A OG  1 
ATOM   421  N  N   . LYS A 1 61  ? -10.525 -19.412 8.904   1.00 29.09 ? 69  LYS A N   1 
ATOM   422  C  CA  . LYS A 1 61  ? -9.738  -18.194 8.715   1.00 28.16 ? 69  LYS A CA  1 
ATOM   423  C  C   . LYS A 1 61  ? -10.547 -17.069 8.054   1.00 26.38 ? 69  LYS A C   1 
ATOM   424  O  O   . LYS A 1 61  ? -10.162 -15.902 8.123   1.00 24.93 ? 69  LYS A O   1 
ATOM   425  C  CB  . LYS A 1 61  ? -8.453  -18.509 7.944   1.00 26.42 ? 69  LYS A CB  1 
ATOM   426  C  CG  . LYS A 1 61  ? -7.472  -19.311 8.784   1.00 30.57 ? 69  LYS A CG  1 
ATOM   427  C  CD  . LYS A 1 61  ? -6.096  -19.370 8.168   1.00 33.31 ? 69  LYS A CD  1 
ATOM   428  C  CE  . LYS A 1 61  ? -5.116  -20.049 9.125   1.00 35.78 ? 69  LYS A CE  1 
ATOM   429  N  NZ  . LYS A 1 61  ? -3.739  -20.127 8.560   1.00 40.41 ? 69  LYS A NZ  1 
ATOM   430  N  N   . LEU A 1 62  ? -11.678 -17.422 7.438   1.00 22.34 ? 70  LEU A N   1 
ATOM   431  C  CA  . LEU A 1 62  ? -12.577 -16.432 6.848   1.00 22.49 ? 70  LEU A CA  1 
ATOM   432  C  C   . LEU A 1 62  ? -13.721 -16.013 7.782   1.00 26.81 ? 70  LEU A C   1 
ATOM   433  O  O   . LEU A 1 62  ? -14.606 -15.260 7.376   1.00 27.18 ? 70  LEU A O   1 
ATOM   434  C  CB  . LEU A 1 62  ? -13.169 -16.954 5.535   1.00 26.06 ? 70  LEU A CB  1 
ATOM   435  C  CG  . LEU A 1 62  ? -12.140 -17.300 4.460   1.00 27.49 ? 70  LEU A CG  1 
ATOM   436  C  CD1 . LEU A 1 62  ? -12.810 -17.874 3.214   1.00 29.20 ? 70  LEU A CD1 1 
ATOM   437  C  CD2 . LEU A 1 62  ? -11.321 -16.059 4.117   1.00 23.64 ? 70  LEU A CD2 1 
ATOM   438  N  N   . ASP A 1 63  ? -13.708 -16.495 9.022   1.00 28.98 ? 71  ASP A N   1 
ATOM   439  C  CA  . ASP A 1 63  ? -14.706 -16.060 10.006  1.00 29.44 ? 71  ASP A CA  1 
ATOM   440  C  C   . ASP A 1 63  ? -14.712 -14.536 10.188  1.00 34.45 ? 71  ASP A C   1 
ATOM   441  O  O   . ASP A 1 63  ? -15.726 -13.955 10.567  1.00 30.22 ? 71  ASP A O   1 
ATOM   442  C  CB  . ASP A 1 63  ? -14.460 -16.728 11.358  1.00 33.94 ? 71  ASP A CB  1 
ATOM   443  C  CG  . ASP A 1 63  ? -14.810 -18.204 11.361  1.00 38.07 ? 71  ASP A CG  1 
ATOM   444  O  OD1 . ASP A 1 63  ? -15.654 -18.618 10.541  1.00 38.52 ? 71  ASP A OD1 1 
ATOM   445  O  OD2 . ASP A 1 63  ? -14.245 -18.944 12.201  1.00 40.78 ? 71  ASP A OD2 1 
ATOM   446  N  N   . SER A 1 64  ? -13.577 -13.899 9.904   1.00 31.08 ? 72  SER A N   1 
ATOM   447  C  CA  . SER A 1 64  ? -13.433 -12.454 10.050  1.00 25.00 ? 72  SER A CA  1 
ATOM   448  C  C   . SER A 1 64  ? -13.829 -11.718 8.772   1.00 28.83 ? 72  SER A C   1 
ATOM   449  O  O   . SER A 1 64  ? -13.558 -10.526 8.618   1.00 33.43 ? 72  SER A O   1 
ATOM   450  C  CB  . SER A 1 64  ? -11.987 -12.117 10.422  1.00 28.71 ? 72  SER A CB  1 
ATOM   451  O  OG  . SER A 1 64  ? -11.069 -12.861 9.611   1.00 24.52 ? 72  SER A OG  1 
ATOM   452  N  N   . GLY A 1 65  ? -14.460 -12.429 7.848   1.00 27.55 ? 73  GLY A N   1 
ATOM   453  C  CA  . GLY A 1 65  ? -14.893 -11.826 6.599   1.00 26.45 ? 73  GLY A CA  1 
ATOM   454  C  C   . GLY A 1 65  ? -14.683 -12.753 5.420   1.00 32.08 ? 73  GLY A C   1 
ATOM   455  O  O   . GLY A 1 65  ? -13.543 -13.066 5.035   1.00 25.09 ? 73  GLY A O   1 
ATOM   456  N  N   . LYS A 1 66  ? -15.784 -13.194 4.825   1.00 29.96 ? 74  LYS A N   1 
ATOM   457  C  CA  . LYS A 1 66  ? -15.686 -14.112 3.698   1.00 26.63 ? 74  LYS A CA  1 
ATOM   458  C  C   . LYS A 1 66  ? -15.439 -13.404 2.367   1.00 25.70 ? 74  LYS A C   1 
ATOM   459  O  O   . LYS A 1 66  ? -14.962 -14.019 1.417   1.00 28.78 ? 74  LYS A O   1 
ATOM   460  C  CB  . LYS A 1 66  ? -16.915 -15.027 3.636   1.00 36.08 ? 74  LYS A CB  1 
ATOM   461  C  CG  . LYS A 1 66  ? -16.763 -16.273 4.515   1.00 38.10 ? 74  LYS A CG  1 
ATOM   462  C  CD  . LYS A 1 66  ? -18.049 -17.091 4.613   1.00 42.06 ? 74  LYS A CD  1 
ATOM   463  C  CE  . LYS A 1 66  ? -18.956 -16.583 5.734   1.00 49.71 ? 74  LYS A CE  1 
ATOM   464  N  NZ  . LYS A 1 66  ? -20.216 -17.383 5.850   1.00 49.93 ? 74  LYS A NZ  1 
ATOM   465  N  N   . GLU A 1 67  ? -15.720 -12.110 2.293   1.00 24.62 ? 75  GLU A N   1 
ATOM   466  C  CA  . GLU A 1 67  ? -15.592 -11.414 1.010   1.00 22.18 ? 75  GLU A CA  1 
ATOM   467  C  C   . GLU A 1 67  ? -14.141 -11.025 0.719   1.00 23.71 ? 75  GLU A C   1 
ATOM   468  O  O   . GLU A 1 67  ? -13.474 -10.429 1.567   1.00 25.30 ? 75  GLU A O   1 
ATOM   469  C  CB  . GLU A 1 67  ? -16.483 -10.170 0.968   1.00 28.63 ? 75  GLU A CB  1 
ATOM   470  C  CG  . GLU A 1 67  ? -17.610 -10.264 -0.055  1.00 40.58 ? 75  GLU A CG  1 
ATOM   471  C  CD  . GLU A 1 67  ? -17.856 -8.953  -0.813  1.00 49.83 ? 75  GLU A CD  1 
ATOM   472  O  OE1 . GLU A 1 67  ? -17.008 -8.577  -1.669  1.00 42.00 ? 75  GLU A OE1 1 
ATOM   473  O  OE2 . GLU A 1 67  ? -18.902 -8.305  -0.558  1.00 49.75 ? 75  GLU A OE2 1 
ATOM   474  N  N   . LEU A 1 68  ? -13.668 -11.359 -0.481  1.00 19.00 ? 76  LEU A N   1 
ATOM   475  C  CA  . LEU A 1 68  ? -12.298 -11.060 -0.889  1.00 21.92 ? 76  LEU A CA  1 
ATOM   476  C  C   . LEU A 1 68  ? -12.319 -10.016 -1.995  1.00 18.37 ? 76  LEU A C   1 
ATOM   477  O  O   . LEU A 1 68  ? -12.653 -10.328 -3.141  1.00 20.34 ? 76  LEU A O   1 
ATOM   478  C  CB  . LEU A 1 68  ? -11.614 -12.336 -1.396  1.00 22.46 ? 76  LEU A CB  1 
ATOM   479  C  CG  . LEU A 1 68  ? -11.517 -13.484 -0.389  1.00 22.52 ? 76  LEU A CG  1 
ATOM   480  C  CD1 . LEU A 1 68  ? -10.746 -14.661 -0.988  1.00 21.52 ? 76  LEU A CD1 1 
ATOM   481  C  CD2 . LEU A 1 68  ? -10.872 -13.022 0.919   1.00 22.76 ? 76  LEU A CD2 1 
ATOM   482  N  N   . HIS A 1 69  ? -11.983 -8.771  -1.666  1.00 16.34 ? 77  HIS A N   1 
ATOM   483  C  CA  . HIS A 1 69  ? -12.144 -7.682  -2.640  1.00 19.18 ? 77  HIS A CA  1 
ATOM   484  C  C   . HIS A 1 69  ? -11.229 -6.499  -2.375  1.00 18.42 ? 77  HIS A C   1 
ATOM   485  O  O   . HIS A 1 69  ? -10.567 -6.432  -1.336  1.00 17.03 ? 77  HIS A O   1 
ATOM   486  C  CB  . HIS A 1 69  ? -13.605 -7.204  -2.669  1.00 21.39 ? 77  HIS A CB  1 
ATOM   487  C  CG  . HIS A 1 69  ? -14.084 -6.668  -1.352  1.00 23.53 ? 77  HIS A CG  1 
ATOM   488  N  ND1 . HIS A 1 69  ? -15.220 -7.130  -0.734  1.00 31.75 ? 77  HIS A ND1 1 
ATOM   489  C  CD2 . HIS A 1 69  ? -13.571 -5.717  -0.539  1.00 26.04 ? 77  HIS A CD2 1 
ATOM   490  C  CE1 . HIS A 1 69  ? -15.389 -6.485  0.410   1.00 29.83 ? 77  HIS A CE1 1 
ATOM   491  N  NE2 . HIS A 1 69  ? -14.403 -5.621  0.552   1.00 24.63 ? 77  HIS A NE2 1 
ATOM   492  N  N   . ILE A 1 70  ? -11.206 -5.566  -3.321  1.00 16.34 ? 78  ILE A N   1 
ATOM   493  C  CA  . ILE A 1 70  ? -10.440 -4.336  -3.183  1.00 18.25 ? 78  ILE A CA  1 
ATOM   494  C  C   . ILE A 1 70  ? -11.371 -3.158  -3.415  1.00 15.66 ? 78  ILE A C   1 
ATOM   495  O  O   . ILE A 1 70  ? -12.085 -3.131  -4.409  1.00 19.36 ? 78  ILE A O   1 
ATOM   496  C  CB  . ILE A 1 70  ? -9.272  -4.276  -4.207  1.00 17.99 ? 78  ILE A CB  1 
ATOM   497  C  CG1 . ILE A 1 70  ? -8.282  -5.412  -3.940  1.00 15.55 ? 78  ILE A CG1 1 
ATOM   498  C  CG2 . ILE A 1 70  ? -8.569  -2.909  -4.157  1.00 18.37 ? 78  ILE A CG2 1 
ATOM   499  C  CD1 . ILE A 1 70  ? -7.284  -5.648  -5.075  1.00 18.69 ? 78  ILE A CD1 1 
ATOM   500  N  N   . ASN A 1 71  ? -11.385 -2.197  -2.492  1.00 15.79 ? 79  ASN A N   1 
ATOM   501  C  CA  . ASN A 1 71  ? -12.156 -0.969  -2.684  1.00 17.26 ? 79  ASN A CA  1 
ATOM   502  C  C   . ASN A 1 71  ? -11.247 0.246   -2.833  1.00 17.49 ? 79  ASN A C   1 
ATOM   503  O  O   . ASN A 1 71  ? -10.247 0.381   -2.119  1.00 17.20 ? 79  ASN A O   1 
ATOM   504  C  CB  . ASN A 1 71  ? -13.120 -0.729  -1.511  1.00 18.40 ? 79  ASN A CB  1 
ATOM   505  C  CG  . ASN A 1 71  ? -14.165 -1.813  -1.376  1.00 21.05 ? 79  ASN A CG  1 
ATOM   506  O  OD1 . ASN A 1 71  ? -14.560 -2.433  -2.357  1.00 18.01 ? 79  ASN A OD1 1 
ATOM   507  N  ND2 . ASN A 1 71  ? -14.620 -2.043  -0.150  1.00 22.70 ? 79  ASN A ND2 1 
ATOM   508  N  N   . LEU A 1 72  ? -11.595 1.138   -3.752  1.00 13.70 ? 80  LEU A N   1 
ATOM   509  C  CA  . LEU A 1 72  ? -10.866 2.388   -3.904  1.00 16.15 ? 80  LEU A CA  1 
ATOM   510  C  C   . LEU A 1 72  ? -11.790 3.533   -3.527  1.00 19.34 ? 80  LEU A C   1 
ATOM   511  O  O   . LEU A 1 72  ? -12.906 3.629   -4.044  1.00 17.24 ? 80  LEU A O   1 
ATOM   512  C  CB  . LEU A 1 72  ? -10.381 2.557   -5.339  1.00 16.90 ? 80  LEU A CB  1 
ATOM   513  C  CG  . LEU A 1 72  ? -9.729  1.336   -5.979  1.00 20.10 ? 80  LEU A CG  1 
ATOM   514  C  CD1 . LEU A 1 72  ? -9.537  1.571   -7.478  1.00 16.62 ? 80  LEU A CD1 1 
ATOM   515  C  CD2 . LEU A 1 72  ? -8.382  1.020   -5.302  1.00 19.42 ? 80  LEU A CD2 1 
ATOM   516  N  N   . ILE A 1 73  ? -11.332 4.383   -2.616  1.00 18.63 ? 81  ILE A N   1 
ATOM   517  C  CA  . ILE A 1 73  ? -12.189 5.372   -1.980  1.00 18.49 ? 81  ILE A CA  1 
ATOM   518  C  C   . ILE A 1 73  ? -11.517 6.742   -1.984  1.00 17.92 ? 81  ILE A C   1 
ATOM   519  O  O   . ILE A 1 73  ? -10.725 7.057   -1.097  1.00 18.05 ? 81  ILE A O   1 
ATOM   520  C  CB  . ILE A 1 73  ? -12.525 4.963   -0.527  1.00 20.35 ? 81  ILE A CB  1 
ATOM   521  C  CG1 . ILE A 1 73  ? -13.012 3.512   -0.467  1.00 21.31 ? 81  ILE A CG1 1 
ATOM   522  C  CG2 . ILE A 1 73  ? -13.562 5.883   0.072   1.00 20.94 ? 81  ILE A CG2 1 
ATOM   523  C  CD1 . ILE A 1 73  ? -13.025 2.953   0.947   1.00 27.79 ? 81  ILE A CD1 1 
ATOM   524  N  N   . PRO A 1 74  ? -11.822 7.552   -3.003  1.00 17.51 ? 82  PRO A N   1 
ATOM   525  C  CA  . PRO A 1 74  ? -11.350 8.937   -3.068  1.00 19.70 ? 82  PRO A CA  1 
ATOM   526  C  C   . PRO A 1 74  ? -12.175 9.834   -2.157  1.00 24.44 ? 82  PRO A C   1 
ATOM   527  O  O   . PRO A 1 74  ? -13.400 9.657   -2.026  1.00 24.17 ? 82  PRO A O   1 
ATOM   528  C  CB  . PRO A 1 74  ? -11.593 9.319   -4.528  1.00 21.99 ? 82  PRO A CB  1 
ATOM   529  C  CG  . PRO A 1 74  ? -12.745 8.433   -4.963  1.00 22.80 ? 82  PRO A CG  1 
ATOM   530  C  CD  . PRO A 1 74  ? -12.506 7.136   -4.245  1.00 19.89 ? 82  PRO A CD  1 
ATOM   531  N  N   . ASN A 1 75  ? -11.504 10.788  -1.528  1.00 23.32 ? 83  ASN A N   1 
ATOM   532  C  CA  . ASN A 1 75  ? -12.173 11.769  -0.678  1.00 22.51 ? 83  ASN A CA  1 
ATOM   533  C  C   . ASN A 1 75  ? -11.573 13.141  -0.952  1.00 27.40 ? 83  ASN A C   1 
ATOM   534  O  O   . ASN A 1 75  ? -10.509 13.469  -0.423  1.00 23.38 ? 83  ASN A O   1 
ATOM   535  C  CB  . ASN A 1 75  ? -11.995 11.394  0.797   1.00 25.42 ? 83  ASN A CB  1 
ATOM   536  C  CG  . ASN A 1 75  ? -12.858 12.234  1.726   1.00 30.99 ? 83  ASN A CG  1 
ATOM   537  O  OD1 . ASN A 1 75  ? -13.000 13.439  1.538   1.00 31.19 ? 83  ASN A OD1 1 
ATOM   538  N  ND2 . ASN A 1 75  ? -13.440 11.596  2.726   1.00 33.79 ? 83  ASN A ND2 1 
ATOM   539  N  N   . LYS A 1 76  ? -12.245 13.936  -1.783  1.00 26.20 ? 84  LYS A N   1 
ATOM   540  C  CA  . LYS A 1 76  ? -11.716 15.244  -2.172  1.00 27.46 ? 84  LYS A CA  1 
ATOM   541  C  C   . LYS A 1 76  ? -11.670 16.210  -1.000  1.00 32.76 ? 84  LYS A C   1 
ATOM   542  O  O   . LYS A 1 76  ? -10.768 17.042  -0.908  1.00 30.79 ? 84  LYS A O   1 
ATOM   543  C  CB  . LYS A 1 76  ? -12.539 15.852  -3.311  1.00 33.33 ? 84  LYS A CB  1 
ATOM   544  C  CG  . LYS A 1 76  ? -12.434 15.088  -4.620  1.00 33.12 ? 84  LYS A CG  1 
ATOM   545  C  CD  . LYS A 1 76  ? -13.082 15.855  -5.759  1.00 40.35 ? 84  LYS A CD  1 
ATOM   546  C  CE  . LYS A 1 76  ? -13.184 15.003  -7.011  1.00 37.69 ? 84  LYS A CE  1 
ATOM   547  N  NZ  . LYS A 1 76  ? -14.127 15.619  -7.988  1.00 47.19 ? 84  LYS A NZ  1 
ATOM   548  N  N   . GLN A 1 77  ? -12.641 16.087  -0.104  1.00 30.17 ? 85  GLN A N   1 
ATOM   549  C  CA  . GLN A 1 77  ? -12.720 16.963  1.059   1.00 35.47 ? 85  GLN A CA  1 
ATOM   550  C  C   . GLN A 1 77  ? -11.470 16.866  1.928   1.00 34.32 ? 85  GLN A C   1 
ATOM   551  O  O   . GLN A 1 77  ? -10.886 17.885  2.291   1.00 35.63 ? 85  GLN A O   1 
ATOM   552  C  CB  . GLN A 1 77  ? -13.979 16.659  1.879   1.00 39.17 ? 85  GLN A CB  1 
ATOM   553  C  CG  . GLN A 1 77  ? -15.293 17.043  1.178   1.00 47.43 ? 85  GLN A CG  1 
ATOM   554  C  CD  . GLN A 1 77  ? -15.633 16.172  -0.039  1.00 50.39 ? 85  GLN A CD  1 
ATOM   555  O  OE1 . GLN A 1 77  ? -15.176 15.027  -0.162  1.00 44.17 ? 85  GLN A OE1 1 
ATOM   556  N  NE2 . GLN A 1 77  ? -16.440 16.722  -0.946  1.00 54.88 ? 85  GLN A NE2 1 
ATOM   557  N  N   . ASP A 1 78  ? -11.056 15.640  2.246   1.00 31.88 ? 86  ASP A N   1 
ATOM   558  C  CA  . ASP A 1 78  ? -9.867  15.403  3.062   1.00 30.72 ? 86  ASP A CA  1 
ATOM   559  C  C   . ASP A 1 78  ? -8.598  15.280  2.220   1.00 27.14 ? 86  ASP A C   1 
ATOM   560  O  O   . ASP A 1 78  ? -7.497  15.164  2.760   1.00 28.76 ? 86  ASP A O   1 
ATOM   561  C  CB  . ASP A 1 78  ? -10.025 14.116  3.882   1.00 32.01 ? 86  ASP A CB  1 
ATOM   562  C  CG  . ASP A 1 78  ? -11.185 14.174  4.851   1.00 39.59 ? 86  ASP A CG  1 
ATOM   563  O  OD1 . ASP A 1 78  ? -11.684 15.286  5.131   1.00 42.95 ? 86  ASP A OD1 1 
ATOM   564  O  OD2 . ASP A 1 78  ? -11.594 13.097  5.331   1.00 40.09 ? 86  ASP A OD2 1 
ATOM   565  N  N   . ARG A 1 79  ? -8.767  15.284  0.903   1.00 25.51 ? 87  ARG A N   1 
ATOM   566  C  CA  . ARG A 1 79  ? -7.675  15.041  -0.041  1.00 24.39 ? 87  ARG A CA  1 
ATOM   567  C  C   . ARG A 1 79  ? -6.951  13.711  0.222   1.00 23.51 ? 87  ARG A C   1 
ATOM   568  O  O   . ARG A 1 79  ? -5.725  13.665  0.285   1.00 23.13 ? 87  ARG A O   1 
ATOM   569  C  CB  . ARG A 1 79  ? -6.676  16.210  -0.061  1.00 27.94 ? 87  ARG A CB  1 
ATOM   570  C  CG  . ARG A 1 79  ? -6.066  16.461  -1.441  1.00 30.70 ? 87  ARG A CG  1 
ATOM   571  C  CD  . ARG A 1 79  ? -4.680  17.090  -1.364  1.00 32.93 ? 87  ARG A CD  1 
ATOM   572  N  NE  . ARG A 1 79  ? -4.688  18.423  -0.771  1.00 42.88 ? 87  ARG A NE  1 
ATOM   573  C  CZ  . ARG A 1 79  ? -3.634  18.996  -0.200  1.00 41.49 ? 87  ARG A CZ  1 
ATOM   574  N  NH1 . ARG A 1 79  ? -2.475  18.354  -0.131  1.00 38.86 ? 87  ARG A NH1 1 
ATOM   575  N  NH2 . ARG A 1 79  ? -3.739  20.216  0.305   1.00 42.90 ? 87  ARG A NH2 1 
ATOM   576  N  N   . THR A 1 80  ? -7.710  12.626  0.355   1.00 21.76 ? 88  THR A N   1 
ATOM   577  C  CA  . THR A 1 80  ? -7.107  11.313  0.563   1.00 22.01 ? 88  THR A CA  1 
ATOM   578  C  C   . THR A 1 80  ? -7.641  10.328  -0.453  1.00 19.42 ? 88  THR A C   1 
ATOM   579  O  O   . THR A 1 80  ? -8.772  10.447  -0.897  1.00 20.76 ? 88  THR A O   1 
ATOM   580  C  CB  . THR A 1 80  ? -7.401  10.745  1.967   1.00 18.91 ? 88  THR A CB  1 
ATOM   581  O  OG1 . THR A 1 80  ? -8.825  10.626  2.152   1.00 21.97 ? 88  THR A OG1 1 
ATOM   582  C  CG2 . THR A 1 80  ? -6.795  11.624  3.053   1.00 21.66 ? 88  THR A CG2 1 
ATOM   583  N  N   . LEU A 1 81  ? -6.818  9.353   -0.820  1.00 18.82 ? 89  LEU A N   1 
ATOM   584  C  CA  . LEU A 1 81  ? -7.287  8.229   -1.613  1.00 16.94 ? 89  LEU A CA  1 
ATOM   585  C  C   . LEU A 1 81  ? -6.948  6.984   -0.824  1.00 20.93 ? 89  LEU A C   1 
ATOM   586  O  O   . LEU A 1 81  ? -5.795  6.790   -0.420  1.00 18.57 ? 89  LEU A O   1 
ATOM   587  C  CB  . LEU A 1 81  ? -6.614  8.200   -2.985  1.00 19.12 ? 89  LEU A CB  1 
ATOM   588  C  CG  . LEU A 1 81  ? -6.869  6.985   -3.877  1.00 18.69 ? 89  LEU A CG  1 
ATOM   589  C  CD1 . LEU A 1 81  ? -8.352  6.900   -4.308  1.00 16.62 ? 89  LEU A CD1 1 
ATOM   590  C  CD2 . LEU A 1 81  ? -5.965  7.068   -5.102  1.00 19.65 ? 89  LEU A CD2 1 
ATOM   591  N  N   . THR A 1 82  ? -7.968  6.167   -0.578  1.00 15.95 ? 90  THR A N   1 
ATOM   592  C  CA  . THR A 1 82  ? -7.833  4.985   0.256   1.00 20.16 ? 90  THR A CA  1 
ATOM   593  C  C   . THR A 1 82  ? -7.971  3.719   -0.587  1.00 19.25 ? 90  THR A C   1 
ATOM   594  O  O   . THR A 1 82  ? -8.902  3.605   -1.396  1.00 17.53 ? 90  THR A O   1 
ATOM   595  C  CB  . THR A 1 82  ? -8.898  4.989   1.365   1.00 20.45 ? 90  THR A CB  1 
ATOM   596  O  OG1 . THR A 1 82  ? -8.702  6.143   2.184   1.00 21.56 ? 90  THR A OG1 1 
ATOM   597  C  CG2 . THR A 1 82  ? -8.768  3.767   2.240   1.00 22.01 ? 90  THR A CG2 1 
ATOM   598  N  N   . ILE A 1 83  ? -7.035  2.787   -0.414  1.00 16.66 ? 91  ILE A N   1 
ATOM   599  C  CA  . ILE A 1 83  ? -7.110  1.480   -1.076  1.00 18.32 ? 91  ILE A CA  1 
ATOM   600  C  C   . ILE A 1 83  ? -7.313  0.433   0.013   1.00 20.23 ? 91  ILE A C   1 
ATOM   601  O  O   . ILE A 1 83  ? -6.404  0.180   0.820   1.00 17.64 ? 91  ILE A O   1 
ATOM   602  C  CB  . ILE A 1 83  ? -5.834  1.126   -1.899  1.00 18.79 ? 91  ILE A CB  1 
ATOM   603  C  CG1 . ILE A 1 83  ? -5.606  2.116   -3.055  1.00 18.60 ? 91  ILE A CG1 1 
ATOM   604  C  CG2 . ILE A 1 83  ? -5.975  -0.270  -2.530  1.00 17.59 ? 91  ILE A CG2 1 
ATOM   605  C  CD1 . ILE A 1 83  ? -4.803  3.354   -2.685  1.00 22.99 ? 91  ILE A CD1 1 
ATOM   606  N  N   . VAL A 1 84  ? -8.501  -0.164  0.057   1.00 16.01 ? 92  VAL A N   1 
ATOM   607  C  CA  . VAL A 1 84  ? -8.812  -1.143  1.096   1.00 16.36 ? 92  VAL A CA  1 
ATOM   608  C  C   . VAL A 1 84  ? -8.828  -2.540  0.502   1.00 18.78 ? 92  VAL A C   1 
ATOM   609  O  O   . VAL A 1 84  ? -9.425  -2.748  -0.556  1.00 19.34 ? 92  VAL A O   1 
ATOM   610  C  CB  . VAL A 1 84  ? -10.232 -0.921  1.692   1.00 20.72 ? 92  VAL A CB  1 
ATOM   611  C  CG1 . VAL A 1 84  ? -10.475 -1.855  2.904   1.00 21.36 ? 92  VAL A CG1 1 
ATOM   612  C  CG2 . VAL A 1 84  ? -10.428 0.507   2.098   1.00 21.88 ? 92  VAL A CG2 1 
ATOM   613  N  N   . ASP A 1 85  ? -8.203  -3.505  1.176   1.00 16.65 ? 93  ASP A N   1 
ATOM   614  C  CA  . ASP A 1 85  ? -8.372  -4.909  0.785   1.00 18.48 ? 93  ASP A CA  1 
ATOM   615  C  C   . ASP A 1 85  ? -8.810  -5.758  1.970   1.00 18.48 ? 93  ASP A C   1 
ATOM   616  O  O   . ASP A 1 85  ? -8.596  -5.383  3.119   1.00 16.90 ? 93  ASP A O   1 
ATOM   617  C  CB  . ASP A 1 85  ? -7.106  -5.497  0.103   1.00 17.32 ? 93  ASP A CB  1 
ATOM   618  C  CG  . ASP A 1 85  ? -5.916  -5.649  1.056   1.00 17.00 ? 93  ASP A CG  1 
ATOM   619  O  OD1 . ASP A 1 85  ? -5.984  -6.478  1.994   1.00 18.69 ? 93  ASP A OD1 1 
ATOM   620  O  OD2 . ASP A 1 85  ? -4.874  -4.973  0.855   1.00 17.70 ? 93  ASP A OD2 1 
ATOM   621  N  N   . THR A 1 86  ? -9.438  -6.898  1.695   1.00 18.27 ? 94  THR A N   1 
ATOM   622  C  CA  . THR A 1 86  ? -9.773  -7.840  2.761   1.00 16.86 ? 94  THR A CA  1 
ATOM   623  C  C   . THR A 1 86  ? -8.818  -9.043  2.746   1.00 18.27 ? 94  THR A C   1 
ATOM   624  O  O   . THR A 1 86  ? -9.231  -10.201 2.939   1.00 17.55 ? 94  THR A O   1 
ATOM   625  C  CB  . THR A 1 86  ? -11.226 -8.313  2.641   1.00 18.55 ? 94  THR A CB  1 
ATOM   626  O  OG1 . THR A 1 86  ? -11.492 -8.661  1.278   1.00 18.15 ? 94  THR A OG1 1 
ATOM   627  C  CG2 . THR A 1 86  ? -12.185 -7.183  3.054   1.00 20.61 ? 94  THR A CG2 1 
ATOM   628  N  N   . GLY A 1 87  ? -7.535  -8.761  2.521   1.00 15.80 ? 95  GLY A N   1 
ATOM   629  C  CA  . GLY A 1 87  ? -6.515  -9.804  2.492   1.00 17.38 ? 95  GLY A CA  1 
ATOM   630  C  C   . GLY A 1 87  ? -6.149  -10.349 3.863   1.00 18.28 ? 95  GLY A C   1 
ATOM   631  O  O   . GLY A 1 87  ? -6.868  -10.152 4.845   1.00 16.31 ? 95  GLY A O   1 
ATOM   632  N  N   . ILE A 1 88  ? -5.006  -11.022 3.942   1.00 18.44 ? 96  ILE A N   1 
ATOM   633  C  CA  . ILE A 1 88  ? -4.567  -11.642 5.192   1.00 16.38 ? 96  ILE A CA  1 
ATOM   634  C  C   . ILE A 1 88  ? -4.230  -10.658 6.320   1.00 18.15 ? 96  ILE A C   1 
ATOM   635  O  O   . ILE A 1 88  ? -4.269  -11.025 7.498   1.00 18.03 ? 96  ILE A O   1 
ATOM   636  C  CB  . ILE A 1 88  ? -3.401  -12.630 4.953   1.00 20.38 ? 96  ILE A CB  1 
ATOM   637  C  CG1 . ILE A 1 88  ? -3.252  -13.593 6.139   1.00 24.45 ? 96  ILE A CG1 1 
ATOM   638  C  CG2 . ILE A 1 88  ? -2.087  -11.891 4.678   1.00 17.08 ? 96  ILE A CG2 1 
ATOM   639  C  CD1 . ILE A 1 88  ? -2.394  -14.822 5.830   1.00 29.04 ? 96  ILE A CD1 1 
ATOM   640  N  N   . GLY A 1 89  ? -3.916  -9.410  5.971   1.00 16.13 ? 97  GLY A N   1 
ATOM   641  C  CA  . GLY A 1 89  ? -3.582  -8.411  6.976   1.00 16.19 ? 97  GLY A CA  1 
ATOM   642  C  C   . GLY A 1 89  ? -2.160  -8.583  7.512   1.00 20.75 ? 97  GLY A C   1 
ATOM   643  O  O   . GLY A 1 89  ? -1.463  -9.538  7.154   1.00 18.80 ? 97  GLY A O   1 
ATOM   644  N  N   . MET A 1 90  ? -1.723  -7.666  8.371   1.00 18.40 ? 98  MET A N   1 
ATOM   645  C  CA  . MET A 1 90  ? -0.354  -7.692  8.892   1.00 14.58 ? 98  MET A CA  1 
ATOM   646  C  C   . MET A 1 90  ? -0.307  -7.728  10.416  1.00 17.85 ? 98  MET A C   1 
ATOM   647  O  O   . MET A 1 90  ? -1.091  -7.057  11.089  1.00 19.57 ? 98  MET A O   1 
ATOM   648  C  CB  . MET A 1 90  ? 0.424   -6.471  8.392   1.00 16.29 ? 98  MET A CB  1 
ATOM   649  C  CG  . MET A 1 90  ? 0.865   -6.581  6.936   1.00 17.89 ? 98  MET A CG  1 
ATOM   650  S  SD  . MET A 1 90  ? 1.577   -5.046  6.311   1.00 23.37 ? 98  MET A SD  1 
ATOM   651  C  CE  . MET A 1 90  ? 0.138   -3.975  6.325   1.00 18.82 ? 98  MET A CE  1 
ATOM   652  N  N   . THR A 1 91  ? 0.630   -8.506  10.946  1.00 19.18 ? 99  THR A N   1 
ATOM   653  C  CA  . THR A 1 91  ? 0.885   -8.556  12.380  1.00 21.99 ? 99  THR A CA  1 
ATOM   654  C  C   . THR A 1 91  ? 1.807   -7.399  12.736  1.00 22.27 ? 99  THR A C   1 
ATOM   655  O  O   . THR A 1 91  ? 2.310   -6.705  11.852  1.00 16.19 ? 99  THR A O   1 
ATOM   656  C  CB  . THR A 1 91  ? 1.617   -9.837  12.744  1.00 20.26 ? 99  THR A CB  1 
ATOM   657  O  OG1 . THR A 1 91  ? 2.867   -9.854  12.047  1.00 20.96 ? 99  THR A OG1 1 
ATOM   658  C  CG2 . THR A 1 91  ? 0.796   -11.072 12.326  1.00 22.43 ? 99  THR A CG2 1 
ATOM   659  N  N   . LYS A 1 92  ? 2.044   -7.194  14.028  1.00 21.86 ? 100 LYS A N   1 
ATOM   660  C  CA  . LYS A 1 92  ? 2.939   -6.129  14.452  1.00 21.12 ? 100 LYS A CA  1 
ATOM   661  C  C   . LYS A 1 92  ? 4.351   -6.407  13.947  1.00 22.31 ? 100 LYS A C   1 
ATOM   662  O  O   . LYS A 1 92  ? 5.047   -5.487  13.502  1.00 24.34 ? 100 LYS A O   1 
ATOM   663  C  CB  . LYS A 1 92  ? 2.930   -6.001  15.982  1.00 24.00 ? 100 LYS A CB  1 
ATOM   664  C  CG  . LYS A 1 92  ? 3.731   -4.817  16.504  1.00 24.66 ? 100 LYS A CG  1 
ATOM   665  C  CD  . LYS A 1 92  ? 3.598   -4.680  18.018  1.00 30.39 ? 100 LYS A CD  1 
ATOM   666  C  CE  . LYS A 1 92  ? 4.250   -3.390  18.507  1.00 34.32 ? 100 LYS A CE  1 
ATOM   667  N  NZ  . LYS A 1 92  ? 4.360   -3.345  19.997  1.00 31.93 ? 100 LYS A NZ  1 
ATOM   668  N  N   . ALA A 1 93  ? 4.771   -7.671  13.987  1.00 19.68 ? 101 ALA A N   1 
ATOM   669  C  CA  . ALA A 1 93  ? 6.115   -8.026  13.505  1.00 22.86 ? 101 ALA A CA  1 
ATOM   670  C  C   . ALA A 1 93  ? 6.270   -7.743  12.006  1.00 23.45 ? 101 ALA A C   1 
ATOM   671  O  O   . ALA A 1 93  ? 7.345   -7.338  11.554  1.00 23.35 ? 101 ALA A O   1 
ATOM   672  C  CB  . ALA A 1 93  ? 6.446   -9.487  13.828  1.00 23.17 ? 101 ALA A CB  1 
ATOM   673  N  N   . ASP A 1 94  ? 5.207   -7.963  11.233  1.00 21.05 ? 102 ASP A N   1 
ATOM   674  C  CA  . ASP A 1 94  ? 5.221   -7.598  9.810   1.00 20.45 ? 102 ASP A CA  1 
ATOM   675  C  C   . ASP A 1 94  ? 5.496   -6.098  9.664   1.00 21.93 ? 102 ASP A C   1 
ATOM   676  O  O   . ASP A 1 94  ? 6.353   -5.683  8.889   1.00 21.80 ? 102 ASP A O   1 
ATOM   677  C  CB  . ASP A 1 94  ? 3.869   -7.883  9.134   1.00 17.42 ? 102 ASP A CB  1 
ATOM   678  C  CG  . ASP A 1 94  ? 3.623   -9.353  8.861   1.00 23.62 ? 102 ASP A CG  1 
ATOM   679  O  OD1 . ASP A 1 94  ? 4.596   -10.130 8.684   1.00 21.82 ? 102 ASP A OD1 1 
ATOM   680  O  OD2 . ASP A 1 94  ? 2.426   -9.723  8.803   1.00 21.82 ? 102 ASP A OD2 1 
ATOM   681  N  N   . LEU A 1 95  ? 4.752   -5.289  10.410  1.00 22.77 ? 103 LEU A N   1 
ATOM   682  C  CA  . LEU A 1 95  ? 4.862   -3.830  10.308  1.00 18.86 ? 103 LEU A CA  1 
ATOM   683  C  C   . LEU A 1 95  ? 6.230   -3.296  10.728  1.00 24.44 ? 103 LEU A C   1 
ATOM   684  O  O   . LEU A 1 95  ? 6.759   -2.353  10.143  1.00 23.69 ? 103 LEU A O   1 
ATOM   685  C  CB  . LEU A 1 95  ? 3.782   -3.165  11.152  1.00 19.39 ? 103 LEU A CB  1 
ATOM   686  C  CG  . LEU A 1 95  ? 2.352   -3.330  10.663  1.00 21.96 ? 103 LEU A CG  1 
ATOM   687  C  CD1 . LEU A 1 95  ? 1.387   -2.704  11.670  1.00 25.11 ? 103 LEU A CD1 1 
ATOM   688  C  CD2 . LEU A 1 95  ? 2.215   -2.668  9.301   1.00 19.39 ? 103 LEU A CD2 1 
ATOM   689  N  N   . ILE A 1 96  ? 6.800   -3.881  11.767  1.00 22.03 ? 104 ILE A N   1 
ATOM   690  C  CA  . ILE A 1 96  ? 8.049   -3.366  12.276  1.00 25.22 ? 104 ILE A CA  1 
ATOM   691  C  C   . ILE A 1 96  ? 9.250   -4.007  11.583  1.00 27.69 ? 104 ILE A C   1 
ATOM   692  O  O   . ILE A 1 96  ? 10.172  -3.304  11.159  1.00 26.33 ? 104 ILE A O   1 
ATOM   693  C  CB  . ILE A 1 96  ? 8.133   -3.550  13.804  1.00 23.22 ? 104 ILE A CB  1 
ATOM   694  C  CG1 . ILE A 1 96  ? 7.024   -2.741  14.484  1.00 27.50 ? 104 ILE A CG1 1 
ATOM   695  C  CG2 . ILE A 1 96  ? 9.497   -3.136  14.306  1.00 26.95 ? 104 ILE A CG2 1 
ATOM   696  C  CD1 . ILE A 1 96  ? 6.810   -3.086  15.945  1.00 27.78 ? 104 ILE A CD1 1 
ATOM   697  N  N   . ASN A 1 97  ? 9.236   -5.336  11.467  1.00 24.00 ? 105 ASN A N   1 
ATOM   698  C  CA  . ASN A 1 97  ? 10.395  -6.079  10.967  1.00 26.59 ? 105 ASN A CA  1 
ATOM   699  C  C   . ASN A 1 97  ? 10.248  -6.644  9.559   1.00 29.47 ? 105 ASN A C   1 
ATOM   700  O  O   . ASN A 1 97  ? 11.027  -6.315  8.659   1.00 26.47 ? 105 ASN A O   1 
ATOM   701  C  CB  . ASN A 1 97  ? 10.724  -7.250  11.909  1.00 28.25 ? 105 ASN A CB  1 
ATOM   702  C  CG  . ASN A 1 97  ? 11.067  -6.795  13.312  1.00 35.32 ? 105 ASN A CG  1 
ATOM   703  O  OD1 . ASN A 1 97  ? 12.099  -6.164  13.532  1.00 39.36 ? 105 ASN A OD1 1 
ATOM   704  N  ND2 . ASN A 1 97  ? 10.213  -7.131  14.272  1.00 34.10 ? 105 ASN A ND2 1 
ATOM   705  N  N   . ASN A 1 98  ? 9.250   -7.507  9.379   1.00 24.13 ? 106 ASN A N   1 
ATOM   706  C  CA  . ASN A 1 98  ? 9.217   -8.406  8.223   1.00 25.97 ? 106 ASN A CA  1 
ATOM   707  C  C   . ASN A 1 98  ? 9.169   -7.760  6.854   1.00 24.53 ? 106 ASN A C   1 
ATOM   708  O  O   . ASN A 1 98  ? 9.895   -8.187  5.956   1.00 27.75 ? 106 ASN A O   1 
ATOM   709  C  CB  . ASN A 1 98  ? 8.077   -9.422  8.344   1.00 20.81 ? 106 ASN A CB  1 
ATOM   710  C  CG  . ASN A 1 98  ? 8.164   -10.234 9.598   1.00 26.69 ? 106 ASN A CG  1 
ATOM   711  O  OD1 . ASN A 1 98  ? 9.255   -10.398 10.167  1.00 23.63 ? 106 ASN A OD1 1 
ATOM   712  N  ND2 . ASN A 1 98  ? 7.014   -10.755 10.055  1.00 21.82 ? 106 ASN A ND2 1 
ATOM   713  N  N   . LEU A 1 99  ? 8.307   -6.762  6.677   1.00 21.95 ? 107 LEU A N   1 
ATOM   714  C  CA  . LEU A 1 99  ? 8.180   -6.142  5.365   1.00 25.48 ? 107 LEU A CA  1 
ATOM   715  C  C   . LEU A 1 99  ? 9.494   -5.486  4.987   1.00 27.35 ? 107 LEU A C   1 
ATOM   716  O  O   . LEU A 1 99  ? 9.877   -5.485  3.818   1.00 22.68 ? 107 LEU A O   1 
ATOM   717  C  CB  . LEU A 1 99  ? 7.036   -5.126  5.310   1.00 26.34 ? 107 LEU A CB  1 
ATOM   718  C  CG  . LEU A 1 99  ? 5.635   -5.738  5.189   1.00 29.61 ? 107 LEU A CG  1 
ATOM   719  C  CD1 . LEU A 1 99  ? 4.680   -4.775  4.566   1.00 30.01 ? 107 LEU A CD1 1 
ATOM   720  C  CD2 . LEU A 1 99  ? 5.698   -6.969  4.338   1.00 34.10 ? 107 LEU A CD2 1 
ATOM   721  N  N   . GLY A 1 100 ? 10.183  -4.955  5.993   1.00 25.80 ? 108 GLY A N   1 
ATOM   722  C  CA  . GLY A 1 100 ? 11.475  -4.321  5.800   1.00 28.22 ? 108 GLY A CA  1 
ATOM   723  C  C   . GLY A 1 100 ? 12.567  -5.285  5.372   1.00 29.28 ? 108 GLY A C   1 
ATOM   724  O  O   . GLY A 1 100 ? 13.302  -4.995  4.435   1.00 29.81 ? 108 GLY A O   1 
ATOM   725  N  N   . THR A 1 101 ? 12.690  -6.430  6.041   1.00 26.03 ? 109 THR A N   1 
ATOM   726  C  CA  . THR A 1 101 ? 13.755  -7.360  5.661   1.00 31.20 ? 109 THR A CA  1 
ATOM   727  C  C   . THR A 1 101 ? 13.493  -8.020  4.308   1.00 30.63 ? 109 THR A C   1 
ATOM   728  O  O   . THR A 1 101 ? 14.421  -8.295  3.563   1.00 32.47 ? 109 THR A O   1 
ATOM   729  C  CB  . THR A 1 101 ? 14.038  -8.448  6.727   1.00 32.35 ? 109 THR A CB  1 
ATOM   730  O  OG1 . THR A 1 101 ? 13.596  -9.719  6.245   1.00 37.65 ? 109 THR A OG1 1 
ATOM   731  C  CG2 . THR A 1 101 ? 13.369  -8.127  8.034   1.00 23.48 ? 109 THR A CG2 1 
ATOM   732  N  N   . ILE A 1 102 ? 12.227  -8.269  3.992   1.00 28.65 ? 110 ILE A N   1 
ATOM   733  C  CA  . ILE A 1 102 ? 11.876  -8.900  2.726   1.00 33.35 ? 110 ILE A CA  1 
ATOM   734  C  C   . ILE A 1 102 ? 12.083  -7.932  1.554   1.00 36.03 ? 110 ILE A C   1 
ATOM   735  O  O   . ILE A 1 102 ? 12.226  -8.355  0.407   1.00 38.75 ? 110 ILE A O   1 
ATOM   736  C  CB  . ILE A 1 102 ? 10.427  -9.465  2.751   1.00 37.48 ? 110 ILE A CB  1 
ATOM   737  C  CG1 . ILE A 1 102 ? 10.260  -10.606 1.755   1.00 43.17 ? 110 ILE A CG1 1 
ATOM   738  C  CG2 . ILE A 1 102 ? 9.403   -8.399  2.452   1.00 35.99 ? 110 ILE A CG2 1 
ATOM   739  C  CD1 . ILE A 1 102 ? 10.377  -11.981 2.387   1.00 50.79 ? 110 ILE A CD1 1 
ATOM   740  N  N   . ALA A 1 103 ? 12.135  -6.637  1.858   1.00 30.99 ? 111 ALA A N   1 
ATOM   741  C  CA  . ALA A 1 103 ? 12.270  -5.597  0.838   1.00 32.92 ? 111 ALA A CA  1 
ATOM   742  C  C   . ALA A 1 103 ? 13.721  -5.194  0.604   1.00 32.19 ? 111 ALA A C   1 
ATOM   743  O  O   . ALA A 1 103 ? 14.035  -4.541  -0.394  1.00 32.11 ? 111 ALA A O   1 
ATOM   744  C  CB  . ALA A 1 103 ? 11.454  -4.366  1.223   1.00 26.62 ? 111 ALA A CB  1 
ATOM   745  N  N   . LYS A 1 104 ? 14.595  -5.567  1.530   1.00 29.08 ? 112 LYS A N   1 
ATOM   746  C  CA  . LYS A 1 104 ? 15.956  -5.040  1.556   1.00 31.02 ? 112 LYS A CA  1 
ATOM   747  C  C   . LYS A 1 104 ? 16.758  -5.314  0.288   1.00 33.41 ? 112 LYS A C   1 
ATOM   748  O  O   . LYS A 1 104 ? 17.386  -4.400  -0.252  1.00 32.07 ? 112 LYS A O   1 
ATOM   749  C  CB  . LYS A 1 104 ? 16.710  -5.574  2.768   1.00 32.37 ? 112 LYS A CB  1 
ATOM   750  C  CG  . LYS A 1 104 ? 18.097  -4.997  2.928   1.00 36.97 ? 112 LYS A CG  1 
ATOM   751  C  CD  . LYS A 1 104 ? 18.553  -5.119  4.371   1.00 42.78 ? 112 LYS A CD  1 
ATOM   752  C  CE  . LYS A 1 104 ? 19.997  -4.684  4.533   1.00 48.07 ? 112 LYS A CE  1 
ATOM   753  N  NZ  . LYS A 1 104 ? 20.405  -4.665  5.966   1.00 52.55 ? 112 LYS A NZ  1 
ATOM   754  N  N   . SER A 1 105 ? 16.749  -6.561  -0.186  1.00 30.58 ? 113 SER A N   1 
ATOM   755  C  CA  . SER A 1 105 ? 17.546  -6.906  -1.360  1.00 30.97 ? 113 SER A CA  1 
ATOM   756  C  C   . SER A 1 105 ? 16.947  -6.276  -2.610  1.00 29.72 ? 113 SER A C   1 
ATOM   757  O  O   . SER A 1 105 ? 17.674  -5.755  -3.456  1.00 28.33 ? 113 SER A O   1 
ATOM   758  C  CB  . SER A 1 105 ? 17.687  -8.423  -1.517  1.00 35.92 ? 113 SER A CB  1 
ATOM   759  O  OG  . SER A 1 105 ? 16.425  -9.056  -1.469  1.00 42.22 ? 113 SER A OG  1 
ATOM   760  N  N   . GLY A 1 106 ? 15.617  -6.310  -2.711  1.00 31.08 ? 114 GLY A N   1 
ATOM   761  C  CA  . GLY A 1 106 ? 14.915  -5.686  -3.819  1.00 25.86 ? 114 GLY A CA  1 
ATOM   762  C  C   . GLY A 1 106 ? 15.221  -4.201  -3.900  1.00 26.49 ? 114 GLY A C   1 
ATOM   763  O  O   . GLY A 1 106 ? 15.421  -3.655  -4.980  1.00 28.95 ? 114 GLY A O   1 
ATOM   764  N  N   . THR A 1 107 ? 15.280  -3.555  -2.741  1.00 24.45 ? 115 THR A N   1 
ATOM   765  C  CA  . THR A 1 107 ? 15.526  -2.120  -2.658  1.00 24.10 ? 115 THR A CA  1 
ATOM   766  C  C   . THR A 1 107 ? 16.939  -1.786  -3.124  1.00 25.52 ? 115 THR A C   1 
ATOM   767  O  O   . THR A 1 107 ? 17.154  -0.835  -3.872  1.00 23.01 ? 115 THR A O   1 
ATOM   768  C  CB  . THR A 1 107 ? 15.354  -1.619  -1.208  1.00 26.75 ? 115 THR A CB  1 
ATOM   769  O  OG1 . THR A 1 107 ? 13.998  -1.835  -0.787  1.00 27.20 ? 115 THR A OG1 1 
ATOM   770  C  CG2 . THR A 1 107 ? 15.674  -0.149  -1.116  1.00 22.88 ? 115 THR A CG2 1 
ATOM   771  N  N   . LYS A 1 108 ? 17.904  -2.577  -2.674  1.00 23.00 ? 116 LYS A N   1 
ATOM   772  C  CA  . LYS A 1 108 ? 19.284  -2.365  -3.077  1.00 28.96 ? 116 LYS A CA  1 
ATOM   773  C  C   . LYS A 1 108 ? 19.418  -2.576  -4.586  1.00 28.37 ? 116 LYS A C   1 
ATOM   774  O  O   . LYS A 1 108 ? 19.973  -1.725  -5.288  1.00 27.18 ? 116 LYS A O   1 
ATOM   775  C  CB  . LYS A 1 108 ? 20.210  -3.299  -2.285  1.00 32.09 ? 116 LYS A CB  1 
ATOM   776  C  CG  . LYS A 1 108 ? 21.683  -3.174  -2.634  1.00 45.59 ? 116 LYS A CG  1 
ATOM   777  C  CD  . LYS A 1 108 ? 22.549  -3.941  -1.635  1.00 44.22 ? 116 LYS A CD  1 
ATOM   778  C  CE  . LYS A 1 108 ? 23.795  -4.518  -2.305  1.00 51.68 ? 116 LYS A CE  1 
ATOM   779  N  NZ  . LYS A 1 108 ? 23.443  -5.506  -3.371  1.00 54.13 ? 116 LYS A NZ  1 
ATOM   780  N  N   . ALA A 1 109 ? 18.880  -3.687  -5.091  1.00 26.24 ? 117 ALA A N   1 
ATOM   781  C  CA  . ALA A 1 109 ? 18.947  -3.969  -6.527  1.00 25.58 ? 117 ALA A CA  1 
ATOM   782  C  C   . ALA A 1 109 ? 18.260  -2.878  -7.341  1.00 30.83 ? 117 ALA A C   1 
ATOM   783  O  O   . ALA A 1 109 ? 18.732  -2.510  -8.417  1.00 29.95 ? 117 ALA A O   1 
ATOM   784  C  CB  . ALA A 1 109 ? 18.348  -5.344  -6.853  1.00 27.08 ? 117 ALA A CB  1 
ATOM   785  N  N   . PHE A 1 110 ? 17.155  -2.345  -6.827  1.00 28.04 ? 118 PHE A N   1 
ATOM   786  C  CA  . PHE A 1 110 ? 16.427  -1.306  -7.557  1.00 26.99 ? 118 PHE A CA  1 
ATOM   787  C  C   . PHE A 1 110 ? 17.231  -0.005  -7.666  1.00 31.38 ? 118 PHE A C   1 
ATOM   788  O  O   . PHE A 1 110 ? 17.255  0.638   -8.718  1.00 29.81 ? 118 PHE A O   1 
ATOM   789  C  CB  . PHE A 1 110 ? 15.053  -1.044  -6.922  1.00 24.51 ? 118 PHE A CB  1 
ATOM   790  C  CG  . PHE A 1 110 ? 14.228  -0.017  -7.656  1.00 27.76 ? 118 PHE A CG  1 
ATOM   791  C  CD1 . PHE A 1 110 ? 14.051  -0.100  -9.030  1.00 27.68 ? 118 PHE A CD1 1 
ATOM   792  C  CD2 . PHE A 1 110 ? 13.609  1.017   -6.971  1.00 22.21 ? 118 PHE A CD2 1 
ATOM   793  C  CE1 . PHE A 1 110 ? 13.288  0.846   -9.720  1.00 25.00 ? 118 PHE A CE1 1 
ATOM   794  C  CE2 . PHE A 1 110 ? 12.855  1.962   -7.647  1.00 24.43 ? 118 PHE A CE2 1 
ATOM   795  C  CZ  . PHE A 1 110 ? 12.695  1.877   -9.026  1.00 28.76 ? 118 PHE A CZ  1 
ATOM   796  N  N   . MET A 1 111 ? 17.889  0.375   -6.577  1.00 29.42 ? 119 MET A N   1 
ATOM   797  C  CA  . MET A 1 111 ? 18.707  1.587   -6.563  1.00 33.08 ? 119 MET A CA  1 
ATOM   798  C  C   . MET A 1 111 ? 19.848  1.456   -7.564  1.00 36.49 ? 119 MET A C   1 
ATOM   799  O  O   . MET A 1 111 ? 20.194  2.416   -8.261  1.00 37.33 ? 119 MET A O   1 
ATOM   800  C  CB  . MET A 1 111 ? 19.279  1.823   -5.164  1.00 28.23 ? 119 MET A CB  1 
ATOM   801  C  CG  . MET A 1 111 ? 18.234  2.014   -4.100  1.00 33.64 ? 119 MET A CG  1 
ATOM   802  S  SD  . MET A 1 111 ? 17.454  3.616   -4.230  1.00 48.49 ? 119 MET A SD  1 
ATOM   803  C  CE  . MET A 1 111 ? 18.357  4.458   -2.946  1.00 39.18 ? 119 MET A CE  1 
ATOM   804  N  N   . GLU A 1 112 ? 20.424  0.258   -7.622  1.00 34.03 ? 120 GLU A N   1 
ATOM   805  C  CA  . GLU A 1 112 ? 21.482  -0.046  -8.582  1.00 38.43 ? 120 GLU A CA  1 
ATOM   806  C  C   . GLU A 1 112 ? 20.970  0.067   -10.014 1.00 39.97 ? 120 GLU A C   1 
ATOM   807  O  O   . GLU A 1 112 ? 21.631  0.656   -10.871 1.00 38.22 ? 120 GLU A O   1 
ATOM   808  C  CB  . GLU A 1 112 ? 22.070  -1.437  -8.311  1.00 38.48 ? 120 GLU A CB  1 
ATOM   809  C  CG  . GLU A 1 112 ? 22.933  -1.490  -7.046  1.00 41.59 ? 120 GLU A CG  1 
ATOM   810  C  CD  . GLU A 1 112 ? 23.327  -2.907  -6.645  1.00 50.82 ? 120 GLU A CD  1 
ATOM   811  O  OE1 . GLU A 1 112 ? 22.787  -3.870  -7.235  1.00 57.97 ? 120 GLU A OE1 1 
ATOM   812  O  OE2 . GLU A 1 112 ? 24.172  -3.057  -5.733  1.00 57.07 ? 120 GLU A OE2 1 
ATOM   813  N  N   . ALA A 1 113 ? 19.783  -0.481  -10.265 1.00 36.87 ? 121 ALA A N   1 
ATOM   814  C  CA  . ALA A 1 113 ? 19.153  -0.369  -11.578 1.00 33.06 ? 121 ALA A CA  1 
ATOM   815  C  C   . ALA A 1 113 ? 18.911  1.092   -11.971 1.00 39.52 ? 121 ALA A C   1 
ATOM   816  O  O   . ALA A 1 113 ? 19.161  1.484   -13.112 1.00 42.73 ? 121 ALA A O   1 
ATOM   817  C  CB  . ALA A 1 113 ? 17.860  -1.158  -11.613 1.00 30.70 ? 121 ALA A CB  1 
ATOM   818  N  N   . LEU A 1 114 ? 18.443  1.897   -11.018 1.00 36.50 ? 122 LEU A N   1 
ATOM   819  C  CA  . LEU A 1 114 ? 18.203  3.319   -11.260 1.00 39.13 ? 122 LEU A CA  1 
ATOM   820  C  C   . LEU A 1 114 ? 19.487  4.041   -11.669 1.00 45.67 ? 122 LEU A C   1 
ATOM   821  O  O   . LEU A 1 114 ? 19.453  5.053   -12.373 1.00 39.92 ? 122 LEU A O   1 
ATOM   822  C  CB  . LEU A 1 114 ? 17.574  3.987   -10.030 1.00 37.07 ? 122 LEU A CB  1 
ATOM   823  C  CG  . LEU A 1 114 ? 16.108  3.629   -9.730  1.00 35.12 ? 122 LEU A CG  1 
ATOM   824  C  CD1 . LEU A 1 114 ? 15.568  4.385   -8.523  1.00 32.03 ? 122 LEU A CD1 1 
ATOM   825  C  CD2 . LEU A 1 114 ? 15.222  3.882   -10.937 1.00 37.51 ? 122 LEU A CD2 1 
ATOM   826  N  N   . GLN A 1 115 ? 20.621  3.505   -11.233 1.00 45.67 ? 123 GLN A N   1 
ATOM   827  C  CA  . GLN A 1 115 ? 21.921  4.048   -11.606 1.00 51.42 ? 123 GLN A CA  1 
ATOM   828  C  C   . GLN A 1 115 ? 22.286  3.666   -13.037 1.00 50.08 ? 123 GLN A C   1 
ATOM   829  O  O   . GLN A 1 115 ? 22.893  4.454   -13.763 1.00 54.03 ? 123 GLN A O   1 
ATOM   830  C  CB  . GLN A 1 115 ? 22.997  3.546   -10.641 1.00 49.27 ? 123 GLN A CB  1 
ATOM   831  C  CG  . GLN A 1 115 ? 23.970  4.617   -10.208 1.00 57.12 ? 123 GLN A CG  1 
ATOM   832  C  CD  . GLN A 1 115 ? 23.282  5.746   -9.472  1.00 65.60 ? 123 GLN A CD  1 
ATOM   833  O  OE1 . GLN A 1 115 ? 22.223  5.555   -8.868  1.00 60.99 ? 123 GLN A OE1 1 
ATOM   834  N  NE2 . GLN A 1 115 ? 23.880  6.933   -9.518  1.00 70.74 ? 123 GLN A NE2 1 
ATOM   835  N  N   . ALA A 1 116 ? 21.909  2.455   -13.434 1.00 45.69 ? 124 ALA A N   1 
ATOM   836  C  CA  . ALA A 1 116 ? 22.210  1.956   -14.773 1.00 47.18 ? 124 ALA A CA  1 
ATOM   837  C  C   . ALA A 1 116 ? 21.143  2.352   -15.788 1.00 50.29 ? 124 ALA A C   1 
ATOM   838  O  O   . ALA A 1 116 ? 20.917  1.638   -16.767 1.00 50.61 ? 124 ALA A O   1 
ATOM   839  C  CB  . ALA A 1 116 ? 22.378  0.447   -14.749 1.00 43.12 ? 124 ALA A CB  1 
ATOM   840  N  N   . GLY A 1 117 ? 20.478  3.478   -15.539 1.00 48.72 ? 125 GLY A N   1 
ATOM   841  C  CA  . GLY A 1 117 ? 19.531  4.035   -16.489 1.00 45.88 ? 125 GLY A CA  1 
ATOM   842  C  C   . GLY A 1 117 ? 18.079  3.605   -16.359 1.00 50.49 ? 125 GLY A C   1 
ATOM   843  O  O   . GLY A 1 117 ? 17.205  4.227   -16.964 1.00 48.06 ? 125 GLY A O   1 
ATOM   844  N  N   . ALA A 1 118 ? 17.812  2.547   -15.592 1.00 45.42 ? 126 ALA A N   1 
ATOM   845  C  CA  . ALA A 1 118 ? 16.444  2.050   -15.422 1.00 44.55 ? 126 ALA A CA  1 
ATOM   846  C  C   . ALA A 1 118 ? 15.532  3.140   -14.876 1.00 39.59 ? 126 ALA A C   1 
ATOM   847  O  O   . ALA A 1 118 ? 15.999  4.092   -14.260 1.00 47.45 ? 126 ALA A O   1 
ATOM   848  C  CB  . ALA A 1 118 ? 16.418  0.835   -14.511 1.00 44.02 ? 126 ALA A CB  1 
ATOM   849  N  N   . ASP A 1 119 ? 14.231  3.015   -15.102 1.00 40.08 ? 127 ASP A N   1 
ATOM   850  C  CA  . ASP A 1 119 ? 13.332  4.068   -14.648 1.00 43.14 ? 127 ASP A CA  1 
ATOM   851  C  C   . ASP A 1 119 ? 12.385  3.623   -13.532 1.00 37.81 ? 127 ASP A C   1 
ATOM   852  O  O   . ASP A 1 119 ? 12.205  2.432   -13.272 1.00 37.78 ? 127 ASP A O   1 
ATOM   853  C  CB  . ASP A 1 119 ? 12.569  4.698   -15.818 1.00 43.03 ? 127 ASP A CB  1 
ATOM   854  C  CG  . ASP A 1 119 ? 11.272  4.002   -16.101 1.00 44.90 ? 127 ASP A CG  1 
ATOM   855  O  OD1 . ASP A 1 119 ? 11.327  2.823   -16.507 1.00 50.81 ? 127 ASP A OD1 1 
ATOM   856  O  OD2 . ASP A 1 119 ? 10.199  4.628   -15.925 1.00 43.93 ? 127 ASP A OD2 1 
ATOM   857  N  N   . ILE A 1 120 ? 11.793  4.613   -12.879 1.00 38.94 ? 128 ILE A N   1 
ATOM   858  C  CA  . ILE A 1 120 ? 11.011  4.416   -11.666 1.00 34.15 ? 128 ILE A CA  1 
ATOM   859  C  C   . ILE A 1 120 ? 9.835   3.449   -11.886 1.00 34.01 ? 128 ILE A C   1 
ATOM   860  O  O   . ILE A 1 120 ? 9.481   2.688   -10.985 1.00 31.78 ? 128 ILE A O   1 
ATOM   861  C  CB  . ILE A 1 120 ? 10.596  5.802   -11.089 1.00 31.87 ? 128 ILE A CB  1 
ATOM   862  C  CG1 . ILE A 1 120 ? 11.829  6.503   -10.506 1.00 33.37 ? 128 ILE A CG1 1 
ATOM   863  C  CG2 . ILE A 1 120 ? 9.504   5.693   -10.038 1.00 26.85 ? 128 ILE A CG2 1 
ATOM   864  C  CD1 . ILE A 1 120 ? 11.533  7.851   -9.865  1.00 35.04 ? 128 ILE A CD1 1 
ATOM   865  N  N   . SER A 1 121 ? 9.291   3.422   -13.104 1.00 31.78 ? 129 SER A N   1 
ATOM   866  C  CA  . SER A 1 121 ? 8.158   2.544   -13.419 1.00 35.41 ? 129 SER A CA  1 
ATOM   867  C  C   . SER A 1 121 ? 8.477   1.066   -13.217 1.00 32.31 ? 129 SER A C   1 
ATOM   868  O  O   . SER A 1 121 ? 7.571   0.247   -13.106 1.00 34.33 ? 129 SER A O   1 
ATOM   869  C  CB  . SER A 1 121 ? 7.646   2.776   -14.848 1.00 36.57 ? 129 SER A CB  1 
ATOM   870  O  OG  . SER A 1 121 ? 8.610   2.391   -15.814 1.00 42.36 ? 129 SER A OG  1 
ATOM   871  N  N   . MET A 1 122 ? 9.759   0.725   -13.158 1.00 31.60 ? 130 MET A N   1 
ATOM   872  C  CA  . MET A 1 122 ? 10.152  -0.672  -12.997 1.00 33.06 ? 130 MET A CA  1 
ATOM   873  C  C   . MET A 1 122 ? 10.170  -1.101  -11.536 1.00 30.04 ? 130 MET A C   1 
ATOM   874  O  O   . MET A 1 122 ? 10.533  -2.239  -11.222 1.00 28.98 ? 130 MET A O   1 
ATOM   875  C  CB  . MET A 1 122 ? 11.529  -0.909  -13.615 1.00 41.00 ? 130 MET A CB  1 
ATOM   876  C  CG  . MET A 1 122 ? 11.649  -0.449  -15.058 1.00 46.43 ? 130 MET A CG  1 
ATOM   877  S  SD  . MET A 1 122 ? 13.318  -0.744  -15.654 1.00 61.30 ? 130 MET A SD  1 
ATOM   878  C  CE  . MET A 1 122 ? 13.415  -2.513  -15.398 1.00 51.74 ? 130 MET A CE  1 
ATOM   879  N  N   . ILE A 1 123 ? 9.768   -0.199  -10.646 1.00 27.19 ? 131 ILE A N   1 
ATOM   880  C  CA  . ILE A 1 123 ? 9.861   -0.454  -9.208  1.00 25.51 ? 131 ILE A CA  1 
ATOM   881  C  C   . ILE A 1 123 ? 9.171   -1.760  -8.816  1.00 26.51 ? 131 ILE A C   1 
ATOM   882  O  O   . ILE A 1 123 ? 9.686   -2.509  -7.984  1.00 26.09 ? 131 ILE A O   1 
ATOM   883  C  CB  . ILE A 1 123 ? 9.323   0.745   -8.371  1.00 26.06 ? 131 ILE A CB  1 
ATOM   884  C  CG1 . ILE A 1 123 ? 9.621   0.557   -6.878  1.00 24.00 ? 131 ILE A CG1 1 
ATOM   885  C  CG2 . ILE A 1 123 ? 7.829   0.992   -8.645  1.00 26.19 ? 131 ILE A CG2 1 
ATOM   886  C  CD1 . ILE A 1 123 ? 9.345   1.783   -6.052  1.00 20.99 ? 131 ILE A CD1 1 
ATOM   887  N  N   . GLY A 1 124 ? 8.037   -2.049  -9.453  1.00 28.50 ? 132 GLY A N   1 
ATOM   888  C  CA  . GLY A 1 124 ? 7.263   -3.240  -9.152  1.00 29.90 ? 132 GLY A CA  1 
ATOM   889  C  C   . GLY A 1 124 ? 8.025   -4.533  -9.378  1.00 32.12 ? 132 GLY A C   1 
ATOM   890  O  O   . GLY A 1 124 ? 7.887   -5.485  -8.602  1.00 31.38 ? 132 GLY A O   1 
ATOM   891  N  N   . GLN A 1 125 ? 8.835   -4.568  -10.433 1.00 31.67 ? 133 GLN A N   1 
ATOM   892  C  CA  . GLN A 1 125 ? 9.657   -5.741  -10.728 1.00 35.50 ? 133 GLN A CA  1 
ATOM   893  C  C   . GLN A 1 125 ? 10.657  -6.077  -9.627  1.00 35.45 ? 133 GLN A C   1 
ATOM   894  O  O   . GLN A 1 125 ? 11.227  -7.169  -9.617  1.00 37.58 ? 133 GLN A O   1 
ATOM   895  C  CB  . GLN A 1 125 ? 10.389  -5.559  -12.060 1.00 35.27 ? 133 GLN A CB  1 
ATOM   896  C  CG  . GLN A 1 125 ? 9.467   -5.572  -13.267 1.00 39.43 ? 133 GLN A CG  1 
ATOM   897  C  CD  . GLN A 1 125 ? 10.050  -4.833  -14.456 1.00 50.67 ? 133 GLN A CD  1 
ATOM   898  O  OE1 . GLN A 1 125 ? 11.267  -4.781  -14.636 1.00 54.59 ? 133 GLN A OE1 1 
ATOM   899  N  NE2 . GLN A 1 125 ? 9.179   -4.246  -15.272 1.00 56.60 ? 133 GLN A NE2 1 
ATOM   900  N  N   . PHE A 1 126 ? 10.879  -5.146  -8.701  1.00 30.43 ? 134 PHE A N   1 
ATOM   901  C  CA  . PHE A 1 126 ? 11.804  -5.407  -7.595  1.00 32.08 ? 134 PHE A CA  1 
ATOM   902  C  C   . PHE A 1 126 ? 11.101  -5.677  -6.268  1.00 29.36 ? 134 PHE A C   1 
ATOM   903  O  O   . PHE A 1 126 ? 11.751  -5.862  -5.238  1.00 31.16 ? 134 PHE A O   1 
ATOM   904  C  CB  . PHE A 1 126 ? 12.828  -4.269  -7.454  1.00 27.86 ? 134 PHE A CB  1 
ATOM   905  C  CG  . PHE A 1 126 ? 13.721  -4.118  -8.649  1.00 28.86 ? 134 PHE A CG  1 
ATOM   906  C  CD1 . PHE A 1 126 ? 14.937  -4.787  -8.709  1.00 33.91 ? 134 PHE A CD1 1 
ATOM   907  C  CD2 . PHE A 1 126 ? 13.341  -3.321  -9.719  1.00 29.91 ? 134 PHE A CD2 1 
ATOM   908  C  CE1 . PHE A 1 126 ? 15.766  -4.654  -9.820  1.00 34.09 ? 134 PHE A CE1 1 
ATOM   909  C  CE2 . PHE A 1 126 ? 14.159  -3.182  -10.833 1.00 32.89 ? 134 PHE A CE2 1 
ATOM   910  C  CZ  . PHE A 1 126 ? 15.374  -3.847  -10.883 1.00 34.31 ? 134 PHE A CZ  1 
ATOM   911  N  N   . GLY A 1 127 ? 9.772   -5.698  -6.291  1.00 31.79 ? 135 GLY A N   1 
ATOM   912  C  CA  . GLY A 1 127 ? 9.012   -6.046  -5.100  1.00 28.90 ? 135 GLY A CA  1 
ATOM   913  C  C   . GLY A 1 127 ? 8.850   -4.935  -4.073  1.00 25.69 ? 135 GLY A C   1 
ATOM   914  O  O   . GLY A 1 127 ? 8.407   -5.194  -2.955  1.00 26.45 ? 135 GLY A O   1 
ATOM   915  N  N   . VAL A 1 128 ? 9.196   -3.701  -4.439  1.00 24.41 ? 136 VAL A N   1 
ATOM   916  C  CA  . VAL A 1 128 ? 9.105   -2.577  -3.494  1.00 23.79 ? 136 VAL A CA  1 
ATOM   917  C  C   . VAL A 1 128 ? 8.197   -1.446  -3.991  1.00 23.01 ? 136 VAL A C   1 
ATOM   918  O  O   . VAL A 1 128 ? 8.354   -0.271  -3.599  1.00 17.97 ? 136 VAL A O   1 
ATOM   919  C  CB  . VAL A 1 128 ? 10.505  -2.009  -3.124  1.00 26.21 ? 136 VAL A CB  1 
ATOM   920  C  CG1 . VAL A 1 128 ? 11.328  -3.055  -2.366  1.00 30.68 ? 136 VAL A CG1 1 
ATOM   921  C  CG2 . VAL A 1 128 ? 11.246  -1.540  -4.380  1.00 22.58 ? 136 VAL A CG2 1 
ATOM   922  N  N   . GLY A 1 129 ? 7.236   -1.804  -4.834  1.00 20.26 ? 137 GLY A N   1 
ATOM   923  C  CA  . GLY A 1 129 ? 6.311   -0.835  -5.397  1.00 18.65 ? 137 GLY A CA  1 
ATOM   924  C  C   . GLY A 1 129 ? 5.475   -0.036  -4.406  1.00 17.87 ? 137 GLY A C   1 
ATOM   925  O  O   . GLY A 1 129 ? 4.934   1.013   -4.765  1.00 19.21 ? 137 GLY A O   1 
ATOM   926  N  N   . PHE A 1 130 ? 5.345   -0.526  -3.178  1.00 17.57 ? 138 PHE A N   1 
ATOM   927  C  CA  . PHE A 1 130 ? 4.574   0.192   -2.158  1.00 16.30 ? 138 PHE A CA  1 
ATOM   928  C  C   . PHE A 1 130 ? 5.094   1.608   -2.013  1.00 19.31 ? 138 PHE A C   1 
ATOM   929  O  O   . PHE A 1 130 ? 4.316   2.539   -1.903  1.00 16.49 ? 138 PHE A O   1 
ATOM   930  C  CB  . PHE A 1 130 ? 4.676   -0.506  -0.797  1.00 21.44 ? 138 PHE A CB  1 
ATOM   931  C  CG  . PHE A 1 130 ? 4.105   0.303   0.350   1.00 22.19 ? 138 PHE A CG  1 
ATOM   932  C  CD1 . PHE A 1 130 ? 2.743   0.277   0.622   1.00 20.86 ? 138 PHE A CD1 1 
ATOM   933  C  CD2 . PHE A 1 130 ? 4.932   1.083   1.158   1.00 22.41 ? 138 PHE A CD2 1 
ATOM   934  C  CE1 . PHE A 1 130 ? 2.215   1.014   1.678   1.00 21.69 ? 138 PHE A CE1 1 
ATOM   935  C  CE2 . PHE A 1 130 ? 4.407   1.824   2.212   1.00 24.30 ? 138 PHE A CE2 1 
ATOM   936  C  CZ  . PHE A 1 130 ? 3.044   1.782   2.469   1.00 21.97 ? 138 PHE A CZ  1 
ATOM   937  N  N   . TYR A 1 131 ? 6.417   1.767   -2.025  1.00 18.45 ? 139 TYR A N   1 
ATOM   938  C  CA  . TYR A 1 131 ? 7.014   3.079   -1.776  1.00 19.84 ? 139 TYR A CA  1 
ATOM   939  C  C   . TYR A 1 131 ? 6.762   4.093   -2.893  1.00 18.06 ? 139 TYR A C   1 
ATOM   940  O  O   . TYR A 1 131 ? 6.974   5.288   -2.699  1.00 18.78 ? 139 TYR A O   1 
ATOM   941  C  CB  . TYR A 1 131 ? 8.500   2.941   -1.377  1.00 14.87 ? 139 TYR A CB  1 
ATOM   942  C  CG  . TYR A 1 131 ? 8.646   2.018   -0.187  1.00 20.94 ? 139 TYR A CG  1 
ATOM   943  C  CD1 . TYR A 1 131 ? 8.449   2.485   1.106   1.00 23.18 ? 139 TYR A CD1 1 
ATOM   944  C  CD2 . TYR A 1 131 ? 8.914   0.661   -0.362  1.00 22.48 ? 139 TYR A CD2 1 
ATOM   945  C  CE1 . TYR A 1 131 ? 8.539   1.628   2.199   1.00 21.64 ? 139 TYR A CE1 1 
ATOM   946  C  CE2 . TYR A 1 131 ? 9.008   -0.198  0.719   1.00 26.18 ? 139 TYR A CE2 1 
ATOM   947  C  CZ  . TYR A 1 131 ? 8.825   0.294   1.995   1.00 26.75 ? 139 TYR A CZ  1 
ATOM   948  O  OH  . TYR A 1 131 ? 8.916   -0.560  3.066   1.00 28.96 ? 139 TYR A OH  1 
ATOM   949  N  N   . SER A 1 132 ? 6.267   3.628   -4.046  1.00 17.35 ? 140 SER A N   1 
ATOM   950  C  CA  . SER A 1 132 ? 5.838   4.527   -5.123  1.00 16.82 ? 140 SER A CA  1 
ATOM   951  C  C   . SER A 1 132 ? 4.643   5.377   -4.685  1.00 20.05 ? 140 SER A C   1 
ATOM   952  O  O   . SER A 1 132 ? 4.286   6.359   -5.340  1.00 18.23 ? 140 SER A O   1 
ATOM   953  C  CB  . SER A 1 132 ? 5.465   3.733   -6.385  1.00 18.04 ? 140 SER A CB  1 
ATOM   954  O  OG  . SER A 1 132 ? 4.333   2.918   -6.127  1.00 20.04 ? 140 SER A OG  1 
ATOM   955  N  N   . ALA A 1 133 ? 4.023   4.998   -3.570  1.00 18.89 ? 141 ALA A N   1 
ATOM   956  C  CA  . ALA A 1 133 ? 2.981   5.815   -2.954  1.00 19.13 ? 141 ALA A CA  1 
ATOM   957  C  C   . ALA A 1 133 ? 3.488   7.241   -2.719  1.00 19.23 ? 141 ALA A C   1 
ATOM   958  O  O   . ALA A 1 133 ? 2.718   8.197   -2.842  1.00 20.29 ? 141 ALA A O   1 
ATOM   959  C  CB  . ALA A 1 133 ? 2.534   5.199   -1.631  1.00 19.50 ? 141 ALA A CB  1 
ATOM   960  N  N   . TYR A 1 134 ? 4.780   7.385   -2.404  1.00 18.78 ? 142 TYR A N   1 
ATOM   961  C  CA  . TYR A 1 134 ? 5.350   8.709   -2.093  1.00 19.34 ? 142 TYR A CA  1 
ATOM   962  C  C   . TYR A 1 134 ? 5.582   9.604   -3.308  1.00 22.87 ? 142 TYR A C   1 
ATOM   963  O  O   . TYR A 1 134 ? 6.031   10.748  -3.172  1.00 21.81 ? 142 TYR A O   1 
ATOM   964  C  CB  . TYR A 1 134 ? 6.598   8.579   -1.215  1.00 18.40 ? 142 TYR A CB  1 
ATOM   965  C  CG  . TYR A 1 134 ? 6.209   8.077   0.153   1.00 18.69 ? 142 TYR A CG  1 
ATOM   966  C  CD1 . TYR A 1 134 ? 5.816   8.966   1.145   1.00 19.16 ? 142 TYR A CD1 1 
ATOM   967  C  CD2 . TYR A 1 134 ? 6.150   6.713   0.426   1.00 17.33 ? 142 TYR A CD2 1 
ATOM   968  C  CE1 . TYR A 1 134 ? 5.407   8.522   2.382   1.00 19.59 ? 142 TYR A CE1 1 
ATOM   969  C  CE2 . TYR A 1 134 ? 5.741   6.256   1.673   1.00 21.93 ? 142 TYR A CE2 1 
ATOM   970  C  CZ  . TYR A 1 134 ? 5.365   7.168   2.639   1.00 18.60 ? 142 TYR A CZ  1 
ATOM   971  O  OH  . TYR A 1 134 ? 4.944   6.731   3.884   1.00 20.40 ? 142 TYR A OH  1 
ATOM   972  N  N   . LEU A 1 135 ? 5.269   9.094   -4.493  1.00 18.50 ? 143 LEU A N   1 
ATOM   973  C  CA  . LEU A 1 135 ? 5.225   9.946   -5.679  1.00 19.02 ? 143 LEU A CA  1 
ATOM   974  C  C   . LEU A 1 135 ? 4.060   10.928  -5.548  1.00 22.56 ? 143 LEU A C   1 
ATOM   975  O  O   . LEU A 1 135 ? 4.134   12.068  -6.019  1.00 21.97 ? 143 LEU A O   1 
ATOM   976  C  CB  . LEU A 1 135 ? 5.045   9.110   -6.954  1.00 17.99 ? 143 LEU A CB  1 
ATOM   977  C  CG  . LEU A 1 135 ? 6.218   8.231   -7.394  1.00 23.74 ? 143 LEU A CG  1 
ATOM   978  C  CD1 . LEU A 1 135 ? 5.824   7.251   -8.512  1.00 20.16 ? 143 LEU A CD1 1 
ATOM   979  C  CD2 . LEU A 1 135 ? 7.397   9.111   -7.821  1.00 21.74 ? 143 LEU A CD2 1 
ATOM   980  N  N   . VAL A 1 136 ? 2.976   10.487  -4.917  1.00 18.98 ? 144 VAL A N   1 
ATOM   981  C  CA  . VAL A 1 136 ? 1.776   11.318  -4.873  1.00 21.80 ? 144 VAL A CA  1 
ATOM   982  C  C   . VAL A 1 136 ? 1.343   11.735  -3.475  1.00 23.40 ? 144 VAL A C   1 
ATOM   983  O  O   . VAL A 1 136 ? 0.566   12.670  -3.338  1.00 23.34 ? 144 VAL A O   1 
ATOM   984  C  CB  . VAL A 1 136 ? 0.570   10.677  -5.606  1.00 21.49 ? 144 VAL A CB  1 
ATOM   985  C  CG1 . VAL A 1 136 ? 0.916   10.385  -7.071  1.00 17.83 ? 144 VAL A CG1 1 
ATOM   986  C  CG2 . VAL A 1 136 ? 0.085   9.415   -4.872  1.00 20.35 ? 144 VAL A CG2 1 
ATOM   987  N  N   . ALA A 1 137 ? 1.839   11.039  -2.452  1.00 22.10 ? 145 ALA A N   1 
ATOM   988  C  CA  . ALA A 1 137 ? 1.401   11.275  -1.080  1.00 21.49 ? 145 ALA A CA  1 
ATOM   989  C  C   . ALA A 1 137 ? 2.483   11.973  -0.267  1.00 23.49 ? 145 ALA A C   1 
ATOM   990  O  O   . ALA A 1 137 ? 3.660   11.643  -0.386  1.00 23.24 ? 145 ALA A O   1 
ATOM   991  C  CB  . ALA A 1 137 ? 1.014   9.972   -0.407  1.00 22.43 ? 145 ALA A CB  1 
ATOM   992  N  N   . GLU A 1 138 ? 2.081   12.926  0.568   1.00 25.34 ? 146 GLU A N   1 
ATOM   993  C  CA  . GLU A 1 138 ? 3.011   13.544  1.516   1.00 25.82 ? 146 GLU A CA  1 
ATOM   994  C  C   . GLU A 1 138 ? 3.071   12.712  2.797   1.00 30.16 ? 146 GLU A C   1 
ATOM   995  O  O   . GLU A 1 138 ? 4.047   12.769  3.549   1.00 21.81 ? 146 GLU A O   1 
ATOM   996  C  CB  . GLU A 1 138 ? 2.566   14.972  1.833   1.00 27.40 ? 146 GLU A CB  1 
ATOM   997  C  CG  . GLU A 1 138 ? 1.091   15.077  2.202   1.00 33.76 ? 146 GLU A CG  1 
ATOM   998  C  CD  . GLU A 1 138 ? 0.685   16.465  2.693   1.00 45.75 ? 146 GLU A CD  1 
ATOM   999  O  OE1 . GLU A 1 138 ? 1.450   17.432  2.474   1.00 52.28 ? 146 GLU A OE1 1 
ATOM   1000 O  OE2 . GLU A 1 138 ? -0.406  16.582  3.302   1.00 45.34 ? 146 GLU A OE2 1 
ATOM   1001 N  N   . LYS A 1 139 ? 2.014   11.937  3.035   1.00 23.17 ? 147 LYS A N   1 
ATOM   1002 C  CA  . LYS A 1 139 ? 1.933   11.059  4.196   1.00 22.36 ? 147 LYS A CA  1 
ATOM   1003 C  C   . LYS A 1 139 ? 1.083   9.846   3.839   1.00 20.09 ? 147 LYS A C   1 
ATOM   1004 O  O   . LYS A 1 139 ? 0.111   9.955   3.078   1.00 18.86 ? 147 LYS A O   1 
ATOM   1005 C  CB  . LYS A 1 139 ? 1.326   11.783  5.413   1.00 22.50 ? 147 LYS A CB  1 
ATOM   1006 C  CG  . LYS A 1 139 ? 1.206   10.892  6.661   1.00 24.45 ? 147 LYS A CG  1 
ATOM   1007 C  CD  . LYS A 1 139 ? 0.779   11.649  7.936   1.00 26.88 ? 147 LYS A CD  1 
ATOM   1008 C  CE  . LYS A 1 139 ? -0.630  12.185  7.843   1.00 34.16 ? 147 LYS A CE  1 
ATOM   1009 N  NZ  . LYS A 1 139 ? -1.087  12.793  9.137   1.00 40.70 ? 147 LYS A NZ  1 
ATOM   1010 N  N   . VAL A 1 140 ? 1.474   8.695   4.374   1.00 19.43 ? 148 VAL A N   1 
ATOM   1011 C  CA  . VAL A 1 140 ? 0.735   7.450   4.203   1.00 18.70 ? 148 VAL A CA  1 
ATOM   1012 C  C   . VAL A 1 140 ? 0.405   6.861   5.576   1.00 19.84 ? 148 VAL A C   1 
ATOM   1013 O  O   . VAL A 1 140 ? 1.294   6.734   6.434   1.00 20.78 ? 148 VAL A O   1 
ATOM   1014 C  CB  . VAL A 1 140 ? 1.547   6.413   3.393   1.00 19.30 ? 148 VAL A CB  1 
ATOM   1015 C  CG1 . VAL A 1 140 ? 0.758   5.112   3.251   1.00 18.25 ? 148 VAL A CG1 1 
ATOM   1016 C  CG2 . VAL A 1 140 ? 1.910   6.966   2.017   1.00 15.81 ? 148 VAL A CG2 1 
ATOM   1017 N  N   . THR A 1 141 ? -0.874  6.536   5.778   1.00 16.80 ? 149 THR A N   1 
ATOM   1018 C  CA  . THR A 1 141 ? -1.352  5.858   6.974   1.00 18.45 ? 149 THR A CA  1 
ATOM   1019 C  C   . THR A 1 141 ? -1.897  4.499   6.545   1.00 20.23 ? 149 THR A C   1 
ATOM   1020 O  O   . THR A 1 141 ? -2.623  4.409   5.556   1.00 20.88 ? 149 THR A O   1 
ATOM   1021 C  CB  . THR A 1 141 ? -2.515  6.625   7.626   1.00 21.41 ? 149 THR A CB  1 
ATOM   1022 O  OG1 . THR A 1 141 ? -2.133  7.986   7.834   1.00 24.31 ? 149 THR A OG1 1 
ATOM   1023 C  CG2 . THR A 1 141 ? -2.893  5.997   8.960   1.00 20.77 ? 149 THR A CG2 1 
ATOM   1024 N  N   . VAL A 1 142 ? -1.544  3.445   7.275   1.00 17.36 ? 150 VAL A N   1 
ATOM   1025 C  CA  . VAL A 1 142 ? -1.972  2.093   6.933   1.00 16.25 ? 150 VAL A CA  1 
ATOM   1026 C  C   . VAL A 1 142 ? -2.636  1.500   8.172   1.00 17.69 ? 150 VAL A C   1 
ATOM   1027 O  O   . VAL A 1 142 ? -2.045  1.489   9.254   1.00 20.45 ? 150 VAL A O   1 
ATOM   1028 C  CB  . VAL A 1 142 ? -0.768  1.209   6.506   1.00 17.44 ? 150 VAL A CB  1 
ATOM   1029 C  CG1 . VAL A 1 142 ? -1.215  -0.226  6.223   1.00 19.76 ? 150 VAL A CG1 1 
ATOM   1030 C  CG2 . VAL A 1 142 ? -0.081  1.796   5.272   1.00 17.99 ? 150 VAL A CG2 1 
ATOM   1031 N  N   . ILE A 1 143 ? -3.872  1.037   8.028   1.00 16.82 ? 151 ILE A N   1 
ATOM   1032 C  CA  . ILE A 1 143 ? -4.573  0.389   9.137   1.00 15.55 ? 151 ILE A CA  1 
ATOM   1033 C  C   . ILE A 1 143 ? -4.645  -1.076  8.772   1.00 18.08 ? 151 ILE A C   1 
ATOM   1034 O  O   . ILE A 1 143 ? -4.994  -1.414  7.639   1.00 17.73 ? 151 ILE A O   1 
ATOM   1035 C  CB  . ILE A 1 143 ? -6.008  0.905   9.295   1.00 19.24 ? 151 ILE A CB  1 
ATOM   1036 C  CG1 . ILE A 1 143 ? -6.043  2.435   9.275   1.00 22.05 ? 151 ILE A CG1 1 
ATOM   1037 C  CG2 . ILE A 1 143 ? -6.678  0.315   10.564  1.00 21.82 ? 151 ILE A CG2 1 
ATOM   1038 C  CD1 . ILE A 1 143 ? -5.196  3.073   10.344  1.00 19.70 ? 151 ILE A CD1 1 
ATOM   1039 N  N   . THR A 1 144 ? -4.313  -1.961  9.704   1.00 16.06 ? 152 THR A N   1 
ATOM   1040 C  CA  . THR A 1 144 ? -4.262  -3.363  9.336   1.00 18.81 ? 152 THR A CA  1 
ATOM   1041 C  C   . THR A 1 144 ? -4.723  -4.265  10.457  1.00 22.13 ? 152 THR A C   1 
ATOM   1042 O  O   . THR A 1 144 ? -4.583  -3.924  11.639  1.00 21.47 ? 152 THR A O   1 
ATOM   1043 C  CB  . THR A 1 144 ? -2.849  -3.760  8.841   1.00 17.94 ? 152 THR A CB  1 
ATOM   1044 O  OG1 . THR A 1 144 ? -2.880  -5.066  8.234   1.00 18.08 ? 152 THR A OG1 1 
ATOM   1045 C  CG2 . THR A 1 144 ? -1.854  -3.756  9.984   1.00 18.32 ? 152 THR A CG2 1 
ATOM   1046 N  N   . LYS A 1 145 ? -5.289  -5.411  10.077  1.00 18.44 ? 153 LYS A N   1 
ATOM   1047 C  CA  . LYS A 1 145 ? -5.791  -6.391  11.039  1.00 17.64 ? 153 LYS A CA  1 
ATOM   1048 C  C   . LYS A 1 145 ? -5.587  -7.807  10.497  1.00 19.18 ? 153 LYS A C   1 
ATOM   1049 O  O   . LYS A 1 145 ? -6.109  -8.170  9.440   1.00 16.66 ? 153 LYS A O   1 
ATOM   1050 C  CB  . LYS A 1 145 ? -7.273  -6.124  11.353  1.00 21.79 ? 153 LYS A CB  1 
ATOM   1051 C  CG  . LYS A 1 145 ? -7.954  -7.185  12.235  1.00 23.76 ? 153 LYS A CG  1 
ATOM   1052 C  CD  . LYS A 1 145 ? -7.377  -7.200  13.660  1.00 25.23 ? 153 LYS A CD  1 
ATOM   1053 C  CE  . LYS A 1 145 ? -8.158  -8.166  14.584  1.00 23.44 ? 153 LYS A CE  1 
ATOM   1054 N  NZ  . LYS A 1 145 ? -7.842  -9.604  14.323  1.00 22.52 ? 153 LYS A NZ  1 
ATOM   1055 N  N   . HIS A 1 146 ? -4.794  -8.585  11.225  1.00 19.60 ? 154 HIS A N   1 
ATOM   1056 C  CA  . HIS A 1 146 ? -4.507  -9.970  10.905  1.00 20.18 ? 154 HIS A CA  1 
ATOM   1057 C  C   . HIS A 1 146 ? -5.277  -10.821 11.911  1.00 22.61 ? 154 HIS A C   1 
ATOM   1058 O  O   . HIS A 1 146 ? -5.477  -10.403 13.051  1.00 21.39 ? 154 HIS A O   1 
ATOM   1059 C  CB  . HIS A 1 146 ? -2.999  -10.203 11.045  1.00 18.25 ? 154 HIS A CB  1 
ATOM   1060 C  CG  . HIS A 1 146 ? -2.547  -11.586 10.697  1.00 20.31 ? 154 HIS A CG  1 
ATOM   1061 N  ND1 . HIS A 1 146 ? -2.731  -12.662 11.539  1.00 23.21 ? 154 HIS A ND1 1 
ATOM   1062 C  CD2 . HIS A 1 146 ? -1.882  -12.063 9.620   1.00 22.73 ? 154 HIS A CD2 1 
ATOM   1063 C  CE1 . HIS A 1 146 ? -2.217  -13.747 10.982  1.00 26.67 ? 154 HIS A CE1 1 
ATOM   1064 N  NE2 . HIS A 1 146 ? -1.693  -13.407 9.817   1.00 25.57 ? 154 HIS A NE2 1 
ATOM   1065 N  N   . ASN A 1 147 ? -5.712  -12.007 11.498  1.00 21.73 ? 155 ASN A N   1 
ATOM   1066 C  CA  . ASN A 1 147 ? -6.476  -12.882 12.387  1.00 24.63 ? 155 ASN A CA  1 
ATOM   1067 C  C   . ASN A 1 147 ? -5.781  -13.145 13.727  1.00 25.48 ? 155 ASN A C   1 
ATOM   1068 O  O   . ASN A 1 147 ? -6.435  -13.286 14.752  1.00 26.99 ? 155 ASN A O   1 
ATOM   1069 C  CB  . ASN A 1 147 ? -6.765  -14.224 11.703  1.00 25.17 ? 155 ASN A CB  1 
ATOM   1070 C  CG  . ASN A 1 147 ? -7.926  -14.152 10.733  1.00 23.81 ? 155 ASN A CG  1 
ATOM   1071 O  OD1 . ASN A 1 147 ? -8.749  -13.238 10.790  1.00 26.34 ? 155 ASN A OD1 1 
ATOM   1072 N  ND2 . ASN A 1 147 ? -8.003  -15.133 9.836   1.00 24.51 ? 155 ASN A ND2 1 
ATOM   1073 N  N   . ASP A 1 148 ? -4.457  -13.229 13.716  1.00 23.64 ? 156 ASP A N   1 
ATOM   1074 C  CA  . ASP A 1 148 ? -3.727  -13.591 14.926  1.00 27.91 ? 156 ASP A CA  1 
ATOM   1075 C  C   . ASP A 1 148 ? -3.223  -12.400 15.750  1.00 27.81 ? 156 ASP A C   1 
ATOM   1076 O  O   . ASP A 1 148 ? -2.407  -12.579 16.646  1.00 28.54 ? 156 ASP A O   1 
ATOM   1077 C  CB  . ASP A 1 148 ? -2.537  -14.509 14.586  1.00 29.24 ? 156 ASP A CB  1 
ATOM   1078 C  CG  . ASP A 1 148 ? -2.956  -15.777 13.856  1.00 34.04 ? 156 ASP A CG  1 
ATOM   1079 O  OD1 . ASP A 1 148 ? -4.116  -16.216 14.007  1.00 35.03 ? 156 ASP A OD1 1 
ATOM   1080 O  OD2 . ASP A 1 148 ? -2.115  -16.336 13.117  1.00 38.32 ? 156 ASP A OD2 1 
ATOM   1081 N  N   . ASP A 1 149 ? -3.692  -11.188 15.471  1.00 21.79 ? 157 ASP A N   1 
ATOM   1082 C  CA  . ASP A 1 149 ? -3.123  -10.039 16.170  1.00 25.11 ? 157 ASP A CA  1 
ATOM   1083 C  C   . ASP A 1 149 ? -4.161  -8.945  16.297  1.00 26.56 ? 157 ASP A C   1 
ATOM   1084 O  O   . ASP A 1 149 ? -5.286  -9.098  15.822  1.00 25.95 ? 157 ASP A O   1 
ATOM   1085 C  CB  . ASP A 1 149 ? -1.860  -9.540  15.440  1.00 23.76 ? 157 ASP A CB  1 
ATOM   1086 C  CG  . ASP A 1 149 ? -0.865  -8.841  16.371  1.00 29.54 ? 157 ASP A CG  1 
ATOM   1087 O  OD1 . ASP A 1 149 ? -1.280  -8.312  17.427  1.00 30.39 ? 157 ASP A OD1 1 
ATOM   1088 O  OD2 . ASP A 1 149 ? 0.340   -8.805  16.037  1.00 27.46 ? 157 ASP A OD2 1 
ATOM   1089 N  N   . GLU A 1 150 ? -3.806  -7.848  16.956  1.00 27.35 ? 158 GLU A N   1 
ATOM   1090 C  CA  A GLU A 1 150 ? -4.714  -6.721  17.125  0.57 27.97 ? 158 GLU A CA  1 
ATOM   1091 C  CA  B GLU A 1 150 ? -4.771  -6.765  17.089  0.43 28.59 ? 158 GLU A CA  1 
ATOM   1092 C  C   . GLU A 1 150 ? -4.670  -5.805  15.914  1.00 26.19 ? 158 GLU A C   1 
ATOM   1093 O  O   . GLU A 1 150 ? -3.798  -5.943  15.051  1.00 23.60 ? 158 GLU A O   1 
ATOM   1094 C  CB  A GLU A 1 150 ? -4.336  -5.930  18.379  0.57 28.87 ? 158 GLU A CB  1 
ATOM   1095 C  CB  B GLU A 1 150 ? -4.664  -6.040  18.444  0.43 29.01 ? 158 GLU A CB  1 
ATOM   1096 C  CG  A GLU A 1 150 ? -4.178  -6.804  19.610  0.57 29.89 ? 158 GLU A CG  1 
ATOM   1097 C  CG  B GLU A 1 150 ? -3.277  -5.550  18.825  0.43 30.07 ? 158 GLU A CG  1 
ATOM   1098 C  CD  A GLU A 1 150 ? -5.428  -7.591  19.907  0.57 33.28 ? 158 GLU A CD  1 
ATOM   1099 C  CD  B GLU A 1 150 ? -3.202  -5.047  20.264  0.43 32.89 ? 158 GLU A CD  1 
ATOM   1100 O  OE1 A GLU A 1 150 ? -5.335  -8.824  20.092  0.57 38.39 ? 158 GLU A OE1 1 
ATOM   1101 O  OE1 B GLU A 1 150 ? -4.253  -4.678  20.836  0.43 33.41 ? 158 GLU A OE1 1 
ATOM   1102 O  OE2 A GLU A 1 150 ? -6.510  -6.975  19.951  0.57 35.43 ? 158 GLU A OE2 1 
ATOM   1103 O  OE2 B GLU A 1 150 ? -2.085  -5.024  20.826  0.43 36.72 ? 158 GLU A OE2 1 
ATOM   1104 N  N   . GLN A 1 151 ? -5.596  -4.865  15.855  1.00 22.43 ? 159 GLN A N   1 
ATOM   1105 C  CA  . GLN A 1 151 ? -5.606  -3.904  14.774  1.00 23.86 ? 159 GLN A CA  1 
ATOM   1106 C  C   . GLN A 1 151 ? -4.556  -2.830  15.046  1.00 24.34 ? 159 GLN A C   1 
ATOM   1107 O  O   . GLN A 1 151 ? -4.477  -2.305  16.158  1.00 23.61 ? 159 GLN A O   1 
ATOM   1108 C  CB  . GLN A 1 151 ? -6.998  -3.292  14.657  1.00 22.97 ? 159 GLN A CB  1 
ATOM   1109 C  CG  . GLN A 1 151 ? -7.184  -2.349  13.488  1.00 24.66 ? 159 GLN A CG  1 
ATOM   1110 C  CD  . GLN A 1 151 ? -8.647  -2.088  13.219  1.00 31.17 ? 159 GLN A CD  1 
ATOM   1111 O  OE1 . GLN A 1 151 ? -9.432  -3.029  13.062  1.00 28.79 ? 159 GLN A OE1 1 
ATOM   1112 N  NE2 . GLN A 1 151 ? -9.031  -0.816  13.181  1.00 30.82 ? 159 GLN A NE2 1 
ATOM   1113 N  N   . TYR A 1 152 ? -3.736  -2.519  14.041  1.00 17.01 ? 160 TYR A N   1 
ATOM   1114 C  CA  . TYR A 1 152 ? -2.681  -1.514  14.194  1.00 21.76 ? 160 TYR A CA  1 
ATOM   1115 C  C   . TYR A 1 152 ? -2.765  -0.401  13.153  1.00 21.64 ? 160 TYR A C   1 
ATOM   1116 O  O   . TYR A 1 152 ? -3.315  -0.601  12.070  1.00 18.43 ? 160 TYR A O   1 
ATOM   1117 C  CB  . TYR A 1 152 ? -1.296  -2.160  14.087  1.00 19.49 ? 160 TYR A CB  1 
ATOM   1118 C  CG  . TYR A 1 152 ? -0.996  -3.177  15.156  1.00 23.25 ? 160 TYR A CG  1 
ATOM   1119 C  CD1 . TYR A 1 152 ? -0.623  -2.783  16.441  1.00 23.66 ? 160 TYR A CD1 1 
ATOM   1120 C  CD2 . TYR A 1 152 ? -1.056  -4.532  14.874  1.00 25.99 ? 160 TYR A CD2 1 
ATOM   1121 C  CE1 . TYR A 1 152 ? -0.335  -3.723  17.419  1.00 24.87 ? 160 TYR A CE1 1 
ATOM   1122 C  CE2 . TYR A 1 152 ? -0.775  -5.474  15.836  1.00 27.33 ? 160 TYR A CE2 1 
ATOM   1123 C  CZ  . TYR A 1 152 ? -0.412  -5.066  17.103  1.00 27.56 ? 160 TYR A CZ  1 
ATOM   1124 O  OH  . TYR A 1 152 ? -0.134  -6.022  18.045  1.00 33.13 ? 160 TYR A OH  1 
ATOM   1125 N  N   . ALA A 1 153 ? -2.223  0.767   13.501  1.00 19.66 ? 161 ALA A N   1 
ATOM   1126 C  CA  . ALA A 1 153 ? -2.020  1.874   12.566  1.00 17.63 ? 161 ALA A CA  1 
ATOM   1127 C  C   . ALA A 1 153 ? -0.522  2.133   12.378  1.00 20.53 ? 161 ALA A C   1 
ATOM   1128 O  O   . ALA A 1 153 ? 0.231   2.268   13.360  1.00 21.16 ? 161 ALA A O   1 
ATOM   1129 C  CB  . ALA A 1 153 ? -2.718  3.155   13.048  1.00 19.51 ? 161 ALA A CB  1 
ATOM   1130 N  N   . TRP A 1 154 ? -0.105  2.196   11.116  1.00 18.12 ? 162 TRP A N   1 
ATOM   1131 C  CA  . TRP A 1 154 ? 1.280   2.484   10.722  1.00 16.37 ? 162 TRP A CA  1 
ATOM   1132 C  C   . TRP A 1 154 ? 1.203   3.817   10.007  1.00 17.73 ? 162 TRP A C   1 
ATOM   1133 O  O   . TRP A 1 154 ? 0.218   4.091   9.310   1.00 19.21 ? 162 TRP A O   1 
ATOM   1134 C  CB  . TRP A 1 154 ? 1.755   1.388   9.754   1.00 17.52 ? 162 TRP A CB  1 
ATOM   1135 C  CG  . TRP A 1 154 ? 3.114   1.528   9.076   1.00 19.94 ? 162 TRP A CG  1 
ATOM   1136 C  CD1 . TRP A 1 154 ? 4.259   0.821   9.378   1.00 19.59 ? 162 TRP A CD1 1 
ATOM   1137 C  CD2 . TRP A 1 154 ? 3.451   2.354   7.942   1.00 20.50 ? 162 TRP A CD2 1 
ATOM   1138 N  NE1 . TRP A 1 154 ? 5.281   1.184   8.524   1.00 20.95 ? 162 TRP A NE1 1 
ATOM   1139 C  CE2 . TRP A 1 154 ? 4.811   2.122   7.634   1.00 19.54 ? 162 TRP A CE2 1 
ATOM   1140 C  CE3 . TRP A 1 154 ? 2.738   3.283   7.167   1.00 18.31 ? 162 TRP A CE3 1 
ATOM   1141 C  CZ2 . TRP A 1 154 ? 5.474   2.776   6.584   1.00 21.22 ? 162 TRP A CZ2 1 
ATOM   1142 C  CZ3 . TRP A 1 154 ? 3.400   3.938   6.116   1.00 19.27 ? 162 TRP A CZ3 1 
ATOM   1143 C  CH2 . TRP A 1 154 ? 4.751   3.674   5.838   1.00 20.48 ? 162 TRP A CH2 1 
ATOM   1144 N  N   . GLU A 1 155 ? 2.216   4.657   10.168  1.00 16.89 ? 163 GLU A N   1 
ATOM   1145 C  CA  . GLU A 1 155 ? 2.191   5.949   9.507   1.00 18.78 ? 163 GLU A CA  1 
ATOM   1146 C  C   . GLU A 1 155 ? 3.581   6.502   9.248   1.00 18.72 ? 163 GLU A C   1 
ATOM   1147 O  O   . GLU A 1 155 ? 4.480   6.381   10.081  1.00 17.14 ? 163 GLU A O   1 
ATOM   1148 C  CB  . GLU A 1 155 ? 1.378   6.935   10.348  1.00 20.63 ? 163 GLU A CB  1 
ATOM   1149 C  CG  . GLU A 1 155 ? 1.205   8.296   9.722   1.00 24.21 ? 163 GLU A CG  1 
ATOM   1150 C  CD  . GLU A 1 155 ? 0.235   9.136   10.529  1.00 35.62 ? 163 GLU A CD  1 
ATOM   1151 O  OE1 . GLU A 1 155 ? 0.692   9.851   11.449  1.00 42.53 ? 163 GLU A OE1 1 
ATOM   1152 O  OE2 . GLU A 1 155 ? -0.984  9.048   10.264  1.00 35.46 ? 163 GLU A OE2 1 
ATOM   1153 N  N   . SER A 1 156 ? 3.750   7.130   8.091   1.00 18.70 ? 164 SER A N   1 
ATOM   1154 C  CA  . SER A 1 156 ? 5.023   7.760   7.753   1.00 20.99 ? 164 SER A CA  1 
ATOM   1155 C  C   . SER A 1 156 ? 4.848   8.899   6.766   1.00 22.56 ? 164 SER A C   1 
ATOM   1156 O  O   . SER A 1 156 ? 4.120   8.781   5.769   1.00 20.54 ? 164 SER A O   1 
ATOM   1157 C  CB  . SER A 1 156 ? 6.026   6.739   7.194   1.00 18.21 ? 164 SER A CB  1 
ATOM   1158 O  OG  . SER A 1 156 ? 7.270   7.360   6.912   1.00 18.48 ? 164 SER A OG  1 
ATOM   1159 N  N   . SER A 1 157 ? 5.532   10.002  7.060   1.00 20.47 ? 165 SER A N   1 
ATOM   1160 C  CA  . SER A 1 157 ? 5.634   11.124  6.149   1.00 20.32 ? 165 SER A CA  1 
ATOM   1161 C  C   . SER A 1 157 ? 7.045   11.111  5.595   1.00 25.90 ? 165 SER A C   1 
ATOM   1162 O  O   . SER A 1 157 ? 7.581   12.157  5.216   1.00 27.33 ? 165 SER A O   1 
ATOM   1163 C  CB  . SER A 1 157 ? 5.395   12.430  6.900   1.00 23.42 ? 165 SER A CB  1 
ATOM   1164 O  OG  . SER A 1 157 ? 4.050   12.514  7.337   1.00 26.24 ? 165 SER A OG  1 
ATOM   1165 N  N   . ALA A 1 158 ? 7.637   9.919   5.562   1.00 23.58 ? 166 ALA A N   1 
ATOM   1166 C  CA  . ALA A 1 158 ? 9.033   9.729   5.170   1.00 22.35 ? 166 ALA A CA  1 
ATOM   1167 C  C   . ALA A 1 158 ? 9.957   10.498  6.110   1.00 24.76 ? 166 ALA A C   1 
ATOM   1168 O  O   . ALA A 1 158 ? 9.670   10.635  7.296   1.00 26.27 ? 166 ALA A O   1 
ATOM   1169 C  CB  . ALA A 1 158 ? 9.266   10.141  3.719   1.00 24.23 ? 166 ALA A CB  1 
ATOM   1170 N  N   . GLY A 1 159 ? 11.070  10.993  5.591   1.00 28.93 ? 167 GLY A N   1 
ATOM   1171 C  CA  . GLY A 1 159 ? 12.028  11.665  6.451   1.00 28.29 ? 167 GLY A CA  1 
ATOM   1172 C  C   . GLY A 1 159 ? 12.769  10.703  7.366   1.00 27.57 ? 167 GLY A C   1 
ATOM   1173 O  O   . GLY A 1 159 ? 13.448  11.124  8.308   1.00 28.80 ? 167 GLY A O   1 
ATOM   1174 N  N   . GLY A 1 160 ? 12.640  9.405   7.105   1.00 21.64 ? 168 GLY A N   1 
ATOM   1175 C  CA  . GLY A 1 160 ? 13.496  8.431   7.764   1.00 22.83 ? 168 GLY A CA  1 
ATOM   1176 C  C   . GLY A 1 160 ? 12.870  7.605   8.874   1.00 20.10 ? 168 GLY A C   1 
ATOM   1177 O  O   . GLY A 1 160 ? 13.490  6.658   9.362   1.00 22.35 ? 168 GLY A O   1 
ATOM   1178 N  N   . SER A 1 161 ? 11.646  7.941   9.274   1.00 22.25 ? 169 SER A N   1 
ATOM   1179 C  CA  . SER A 1 161 ? 11.008  7.213   10.361  1.00 21.03 ? 169 SER A CA  1 
ATOM   1180 C  C   . SER A 1 161 ? 9.547   6.861   10.060  1.00 18.29 ? 169 SER A C   1 
ATOM   1181 O  O   . SER A 1 161 ? 8.916   7.476   9.200   1.00 21.01 ? 169 SER A O   1 
ATOM   1182 C  CB  . SER A 1 161 ? 11.081  8.036   11.652  1.00 21.87 ? 169 SER A CB  1 
ATOM   1183 O  OG  . SER A 1 161 ? 10.257  9.191   11.541  1.00 20.28 ? 169 SER A OG  1 
ATOM   1184 N  N   . PHE A 1 162 ? 9.023   5.865   10.772  1.00 16.49 ? 170 PHE A N   1 
ATOM   1185 C  CA  . PHE A 1 162 ? 7.597   5.559   10.734  1.00 19.04 ? 170 PHE A CA  1 
ATOM   1186 C  C   . PHE A 1 162 ? 7.124   5.282   12.146  1.00 20.22 ? 170 PHE A C   1 
ATOM   1187 O  O   . PHE A 1 162 ? 7.941   5.032   13.029  1.00 19.85 ? 170 PHE A O   1 
ATOM   1188 C  CB  . PHE A 1 162 ? 7.294   4.342   9.835   1.00 16.49 ? 170 PHE A CB  1 
ATOM   1189 C  CG  . PHE A 1 162 ? 7.958   3.051   10.273  1.00 19.24 ? 170 PHE A CG  1 
ATOM   1190 C  CD1 . PHE A 1 162 ? 7.277   2.126   11.054  1.00 18.35 ? 170 PHE A CD1 1 
ATOM   1191 C  CD2 . PHE A 1 162 ? 9.242   2.741   9.859   1.00 18.04 ? 170 PHE A CD2 1 
ATOM   1192 C  CE1 . PHE A 1 162 ? 7.867   0.938   11.427  1.00 16.62 ? 170 PHE A CE1 1 
ATOM   1193 C  CE2 . PHE A 1 162 ? 9.837   1.541   10.225  1.00 19.54 ? 170 PHE A CE2 1 
ATOM   1194 C  CZ  . PHE A 1 162 ? 9.151   0.642   11.009  1.00 20.73 ? 170 PHE A CZ  1 
ATOM   1195 N  N   . THR A 1 163 ? 5.814   5.331   12.365  1.00 17.33 ? 171 THR A N   1 
ATOM   1196 C  CA  . THR A 1 163 ? 5.275   4.980   13.675  1.00 19.92 ? 171 THR A CA  1 
ATOM   1197 C  C   . THR A 1 163 ? 4.321   3.801   13.583  1.00 23.22 ? 171 THR A C   1 
ATOM   1198 O  O   . THR A 1 163 ? 3.671   3.587   12.551  1.00 19.24 ? 171 THR A O   1 
ATOM   1199 C  CB  . THR A 1 163 ? 4.501   6.145   14.313  1.00 21.61 ? 171 THR A CB  1 
ATOM   1200 O  OG1 . THR A 1 163 ? 3.378   6.480   13.483  1.00 21.57 ? 171 THR A OG1 1 
ATOM   1201 C  CG2 . THR A 1 163 ? 5.403   7.380   14.499  1.00 21.94 ? 171 THR A CG2 1 
ATOM   1202 N  N   . VAL A 1 164 ? 4.239   3.045   14.673  1.00 20.22 ? 172 VAL A N   1 
ATOM   1203 C  CA  . VAL A 1 164 ? 3.218   2.018   14.837  1.00 16.81 ? 172 VAL A CA  1 
ATOM   1204 C  C   . VAL A 1 164 ? 2.501   2.235   16.174  1.00 23.94 ? 172 VAL A C   1 
ATOM   1205 O  O   . VAL A 1 164 ? 3.130   2.576   17.177  1.00 20.03 ? 172 VAL A O   1 
ATOM   1206 C  CB  . VAL A 1 164 ? 3.830   0.611   14.783  1.00 21.63 ? 172 VAL A CB  1 
ATOM   1207 C  CG1 . VAL A 1 164 ? 2.759   -0.450  15.053  1.00 23.25 ? 172 VAL A CG1 1 
ATOM   1208 C  CG2 . VAL A 1 164 ? 4.495   0.379   13.418  1.00 20.80 ? 172 VAL A CG2 1 
ATOM   1209 N  N   . ARG A 1 165 ? 1.180   2.087   16.168  1.00 17.69 ? 173 ARG A N   1 
ATOM   1210 C  CA  . ARG A 1 165 ? 0.388   2.109   17.387  1.00 25.85 ? 173 ARG A CA  1 
ATOM   1211 C  C   . ARG A 1 165 ? -0.807  1.167   17.253  1.00 26.77 ? 173 ARG A C   1 
ATOM   1212 O  O   . ARG A 1 165 ? -1.230  0.825   16.140  1.00 20.60 ? 173 ARG A O   1 
ATOM   1213 C  CB  . ARG A 1 165 ? -0.109  3.530   17.679  1.00 26.37 ? 173 ARG A CB  1 
ATOM   1214 C  CG  . ARG A 1 165 ? -1.249  3.980   16.773  1.00 29.88 ? 173 ARG A CG  1 
ATOM   1215 C  CD  . ARG A 1 165 ? -1.534  5.479   16.902  1.00 33.22 ? 173 ARG A CD  1 
ATOM   1216 N  NE  . ARG A 1 165 ? -0.661  6.259   16.023  1.00 44.80 ? 173 ARG A NE  1 
ATOM   1217 C  CZ  . ARG A 1 165 ? -0.455  7.574   16.125  1.00 53.16 ? 173 ARG A CZ  1 
ATOM   1218 N  NH1 . ARG A 1 165 ? -1.056  8.279   17.079  1.00 43.54 ? 173 ARG A NH1 1 
ATOM   1219 N  NH2 . ARG A 1 165 ? 0.363   8.187   15.272  1.00 52.08 ? 173 ARG A NH2 1 
ATOM   1220 N  N   . THR A 1 166 ? -1.347  0.740   18.390  1.00 23.91 ? 174 THR A N   1 
ATOM   1221 C  CA  . THR A 1 166 ? -2.626  0.040   18.407  1.00 27.98 ? 174 THR A CA  1 
ATOM   1222 C  C   . THR A 1 166 ? -3.703  0.997   17.928  1.00 27.62 ? 174 THR A C   1 
ATOM   1223 O  O   . THR A 1 166 ? -3.706  2.172   18.305  1.00 29.86 ? 174 THR A O   1 
ATOM   1224 C  CB  . THR A 1 166 ? -2.962  -0.446  19.824  1.00 30.78 ? 174 THR A CB  1 
ATOM   1225 O  OG1 . THR A 1 166 ? -2.030  -1.471  20.193  1.00 31.20 ? 174 THR A OG1 1 
ATOM   1226 C  CG2 . THR A 1 166 ? -4.365  -1.012  19.871  1.00 35.59 ? 174 THR A CG2 1 
ATOM   1227 N  N   . ASP A 1 167 ? -4.607  0.517   17.081  1.00 24.28 ? 175 ASP A N   1 
ATOM   1228 C  CA  . ASP A 1 167 ? -5.642  1.387   16.532  1.00 31.94 ? 175 ASP A CA  1 
ATOM   1229 C  C   . ASP A 1 167 ? -6.955  1.178   17.273  1.00 39.49 ? 175 ASP A C   1 
ATOM   1230 O  O   . ASP A 1 167 ? -7.467  0.061   17.334  1.00 33.86 ? 175 ASP A O   1 
ATOM   1231 C  CB  . ASP A 1 167 ? -5.847  1.118   15.040  1.00 28.80 ? 175 ASP A CB  1 
ATOM   1232 C  CG  . ASP A 1 167 ? -6.874  2.040   14.418  1.00 35.33 ? 175 ASP A CG  1 
ATOM   1233 O  OD1 . ASP A 1 167 ? -6.899  3.239   14.768  1.00 41.04 ? 175 ASP A OD1 1 
ATOM   1234 O  OD2 . ASP A 1 167 ? -7.662  1.569   13.576  1.00 36.22 ? 175 ASP A OD2 1 
ATOM   1235 N  N   . THR A 1 168 ? -7.495  2.260   17.825  1.00 43.07 ? 176 THR A N   1 
ATOM   1236 C  CA  . THR A 1 168 ? -8.766  2.211   18.542  1.00 49.66 ? 176 THR A CA  1 
ATOM   1237 C  C   . THR A 1 168 ? -9.931  2.696   17.671  1.00 49.19 ? 176 THR A C   1 
ATOM   1238 O  O   . THR A 1 168 ? -11.050 2.860   18.157  1.00 51.08 ? 176 THR A O   1 
ATOM   1239 C  CB  . THR A 1 168 ? -8.706  3.044   19.841  1.00 46.11 ? 176 THR A CB  1 
ATOM   1240 O  OG1 . THR A 1 168 ? -8.234  4.364   19.540  1.00 55.25 ? 176 THR A OG1 1 
ATOM   1241 C  CG2 . THR A 1 168 ? -7.762  2.398   20.845  1.00 46.88 ? 176 THR A CG2 1 
ATOM   1242 N  N   . GLY A 1 169 ? -9.665  2.917   16.385  1.00 48.84 ? 177 GLY A N   1 
ATOM   1243 C  CA  . GLY A 1 169 ? -10.698 3.352   15.454  1.00 47.28 ? 177 GLY A CA  1 
ATOM   1244 C  C   . GLY A 1 169 ? -11.702 2.266   15.089  1.00 49.05 ? 177 GLY A C   1 
ATOM   1245 O  O   . GLY A 1 169 ? -11.805 1.245   15.770  1.00 49.15 ? 177 GLY A O   1 
ATOM   1246 N  N   . GLU A 1 170 ? -12.442 2.490   14.007  1.00 49.86 ? 178 GLU A N   1 
ATOM   1247 C  CA  . GLU A 1 170 ? -13.456 1.545   13.546  1.00 50.43 ? 178 GLU A CA  1 
ATOM   1248 C  C   . GLU A 1 170 ? -12.812 0.193   13.230  1.00 50.30 ? 178 GLU A C   1 
ATOM   1249 O  O   . GLU A 1 170 ? -11.748 0.140   12.615  1.00 43.27 ? 178 GLU A O   1 
ATOM   1250 C  CB  . GLU A 1 170 ? -14.158 2.106   12.306  1.00 48.02 ? 178 GLU A CB  1 
ATOM   1251 C  CG  . GLU A 1 170 ? -15.640 1.735   12.173  1.00 64.24 ? 178 GLU A CG  1 
ATOM   1252 C  CD  . GLU A 1 170 ? -16.526 2.382   13.237  1.00 68.60 ? 178 GLU A CD  1 
ATOM   1253 O  OE1 . GLU A 1 170 ? -16.847 1.704   14.239  1.00 64.88 ? 178 GLU A OE1 1 
ATOM   1254 O  OE2 . GLU A 1 170 ? -16.909 3.563   13.068  1.00 64.80 ? 178 GLU A OE2 1 
ATOM   1255 N  N   . PRO A 1 171 ? -13.460 -0.907  13.648  1.00 49.34 ? 179 PRO A N   1 
ATOM   1256 C  CA  . PRO A 1 171 ? -12.876 -2.249  13.504  1.00 43.93 ? 179 PRO A CA  1 
ATOM   1257 C  C   . PRO A 1 171 ? -12.914 -2.733  12.058  1.00 40.97 ? 179 PRO A C   1 
ATOM   1258 O  O   . PRO A 1 171 ? -13.957 -2.623  11.416  1.00 44.44 ? 179 PRO A O   1 
ATOM   1259 C  CB  . PRO A 1 171 ? -13.792 -3.130  14.374  1.00 50.04 ? 179 PRO A CB  1 
ATOM   1260 C  CG  . PRO A 1 171 ? -14.730 -2.178  15.101  1.00 46.58 ? 179 PRO A CG  1 
ATOM   1261 C  CD  . PRO A 1 171 ? -14.805 -0.958  14.245  1.00 52.91 ? 179 PRO A CD  1 
ATOM   1262 N  N   . MET A 1 172 ? -11.804 -3.270  11.557  1.00 34.01 ? 180 MET A N   1 
ATOM   1263 C  CA  . MET A 1 172 ? -11.718 -3.686  10.156  1.00 35.57 ? 180 MET A CA  1 
ATOM   1264 C  C   . MET A 1 172 ? -12.193 -5.104  9.870   1.00 32.63 ? 180 MET A C   1 
ATOM   1265 O  O   . MET A 1 172 ? -12.531 -5.427  8.731   1.00 36.73 ? 180 MET A O   1 
ATOM   1266 C  CB  . MET A 1 172 ? -10.277 -3.602  9.663   1.00 31.20 ? 180 MET A CB  1 
ATOM   1267 C  CG  . MET A 1 172 ? -9.714  -2.218  9.546   1.00 40.85 ? 180 MET A CG  1 
ATOM   1268 S  SD  . MET A 1 172 ? -8.183  -2.327  8.611   1.00 43.57 ? 180 MET A SD  1 
ATOM   1269 C  CE  . MET A 1 172 ? -8.810  -2.845  7.027   1.00 33.02 ? 180 MET A CE  1 
ATOM   1270 N  N   . GLY A 1 173 ? -12.165 -5.969  10.871  1.00 28.45 ? 181 GLY A N   1 
ATOM   1271 C  CA  . GLY A 1 173 ? -12.426 -7.377  10.614  1.00 25.66 ? 181 GLY A CA  1 
ATOM   1272 C  C   . GLY A 1 173 ? -11.154 -8.116  10.220  1.00 27.00 ? 181 GLY A C   1 
ATOM   1273 O  O   . GLY A 1 173 ? -10.614 -8.902  11.008  1.00 26.38 ? 181 GLY A O   1 
ATOM   1274 N  N   . ARG A 1 174 ? -10.672 -7.863  9.002   1.00 23.15 ? 182 ARG A N   1 
ATOM   1275 C  CA  . ARG A 1 174 ? -9.428  -8.468  8.517   1.00 23.16 ? 182 ARG A CA  1 
ATOM   1276 C  C   . ARG A 1 174 ? -8.982  -7.753  7.253   1.00 22.16 ? 182 ARG A C   1 
ATOM   1277 O  O   . ARG A 1 174 ? -9.800  -7.477  6.375   1.00 19.28 ? 182 ARG A O   1 
ATOM   1278 C  CB  . ARG A 1 174 ? -9.608  -9.967  8.209   1.00 20.98 ? 182 ARG A CB  1 
ATOM   1279 C  CG  . ARG A 1 174 ? -8.285  -10.663 7.860   1.00 20.45 ? 182 ARG A CG  1 
ATOM   1280 C  CD  . ARG A 1 174 ? -8.494  -11.961 7.104   1.00 20.43 ? 182 ARG A CD  1 
ATOM   1281 N  NE  . ARG A 1 174 ? -9.169  -11.731 5.831   1.00 19.24 ? 182 ARG A NE  1 
ATOM   1282 C  CZ  . ARG A 1 174 ? -10.404 -12.135 5.542   1.00 21.45 ? 182 ARG A CZ  1 
ATOM   1283 N  NH1 . ARG A 1 174 ? -11.119 -12.798 6.439   1.00 21.97 ? 182 ARG A NH1 1 
ATOM   1284 N  NH2 . ARG A 1 174 ? -10.928 -11.858 4.354   1.00 16.29 ? 182 ARG A NH2 1 
ATOM   1285 N  N   . GLY A 1 175 ? -7.688  -7.450  7.148   1.00 17.80 ? 183 GLY A N   1 
ATOM   1286 C  CA  . GLY A 1 175 ? -7.182  -6.883  5.907   1.00 15.41 ? 183 GLY A CA  1 
ATOM   1287 C  C   . GLY A 1 175 ? -6.318  -5.658  6.130   1.00 19.63 ? 183 GLY A C   1 
ATOM   1288 O  O   . GLY A 1 175 ? -5.770  -5.462  7.218   1.00 17.27 ? 183 GLY A O   1 
ATOM   1289 N  N   . THR A 1 176 ? -6.199  -4.832  5.093   1.00 16.35 ? 184 THR A N   1 
ATOM   1290 C  CA  . THR A 1 176 ? -5.300  -3.689  5.123   1.00 17.27 ? 184 THR A CA  1 
ATOM   1291 C  C   . THR A 1 176 ? -5.897  -2.548  4.338   1.00 20.24 ? 184 THR A C   1 
ATOM   1292 O  O   . THR A 1 176 ? -6.475  -2.750  3.266   1.00 18.73 ? 184 THR A O   1 
ATOM   1293 C  CB  . THR A 1 176 ? -3.933  -4.076  4.552   1.00 15.85 ? 184 THR A CB  1 
ATOM   1294 O  OG1 . THR A 1 176 ? -3.343  -5.037  5.422   1.00 16.45 ? 184 THR A OG1 1 
ATOM   1295 C  CG2 . THR A 1 176 ? -3.024  -2.864  4.454   1.00 19.57 ? 184 THR A CG2 1 
ATOM   1296 N  N   . LYS A 1 177 ? -5.774  -1.354  4.904   1.00 18.80 ? 185 LYS A N   1 
ATOM   1297 C  CA  . LYS A 1 177 ? -6.323  -0.132  4.330   1.00 17.87 ? 185 LYS A CA  1 
ATOM   1298 C  C   . LYS A 1 177 ? -5.179  0.861   4.196   1.00 20.73 ? 185 LYS A C   1 
ATOM   1299 O  O   . LYS A 1 177 ? -4.563  1.228   5.193   1.00 18.62 ? 185 LYS A O   1 
ATOM   1300 C  CB  . LYS A 1 177 ? -7.407  0.416   5.267   1.00 20.68 ? 185 LYS A CB  1 
ATOM   1301 C  CG  . LYS A 1 177 ? -7.883  1.816   4.956   1.00 28.69 ? 185 LYS A CG  1 
ATOM   1302 C  CD  . LYS A 1 177 ? -9.323  2.039   5.454   1.00 30.41 ? 185 LYS A CD  1 
ATOM   1303 C  CE  . LYS A 1 177 ? -9.414  2.044   6.972   1.00 37.43 ? 185 LYS A CE  1 
ATOM   1304 N  NZ  . LYS A 1 177 ? -10.823 2.311   7.425   1.00 39.96 ? 185 LYS A NZ  1 
ATOM   1305 N  N   . VAL A 1 178 ? -4.872  1.276   2.967   1.00 19.32 ? 186 VAL A N   1 
ATOM   1306 C  CA  . VAL A 1 178 ? -3.783  2.220   2.743   1.00 17.39 ? 186 VAL A CA  1 
ATOM   1307 C  C   . VAL A 1 178 ? -4.379  3.598   2.441   1.00 21.73 ? 186 VAL A C   1 
ATOM   1308 O  O   . VAL A 1 178 ? -5.113  3.775   1.452   1.00 19.31 ? 186 VAL A O   1 
ATOM   1309 C  CB  . VAL A 1 178 ? -2.851  1.757   1.585   1.00 18.55 ? 186 VAL A CB  1 
ATOM   1310 C  CG1 . VAL A 1 178 ? -1.718  2.778   1.352   1.00 17.01 ? 186 VAL A CG1 1 
ATOM   1311 C  CG2 . VAL A 1 178 ? -2.261  0.370   1.883   1.00 16.98 ? 186 VAL A CG2 1 
ATOM   1312 N  N   . ILE A 1 179 ? -4.070  4.577   3.290   1.00 17.77 ? 187 ILE A N   1 
ATOM   1313 C  CA  . ILE A 1 179 ? -4.646  5.910   3.138   1.00 18.10 ? 187 ILE A CA  1 
ATOM   1314 C  C   . ILE A 1 179 ? -3.558  6.854   2.647   1.00 19.53 ? 187 ILE A C   1 
ATOM   1315 O  O   . ILE A 1 179 ? -2.576  7.088   3.349   1.00 20.80 ? 187 ILE A O   1 
ATOM   1316 C  CB  . ILE A 1 179 ? -5.210  6.437   4.478   1.00 20.43 ? 187 ILE A CB  1 
ATOM   1317 C  CG1 . ILE A 1 179 ? -6.244  5.468   5.056   1.00 24.24 ? 187 ILE A CG1 1 
ATOM   1318 C  CG2 . ILE A 1 179 ? -5.839  7.813   4.301   1.00 20.37 ? 187 ILE A CG2 1 
ATOM   1319 C  CD1 . ILE A 1 179 ? -6.686  5.837   6.461   1.00 25.60 ? 187 ILE A CD1 1 
ATOM   1320 N  N   . LEU A 1 180 ? -3.716  7.381   1.437   1.00 16.27 ? 188 LEU A N   1 
ATOM   1321 C  CA  . LEU A 1 180 ? -2.708  8.275   0.882   1.00 17.46 ? 188 LEU A CA  1 
ATOM   1322 C  C   . LEU A 1 180 ? -3.189  9.700   1.082   1.00 20.34 ? 188 LEU A C   1 
ATOM   1323 O  O   . LEU A 1 180 ? -4.237  10.076  0.567   1.00 19.83 ? 188 LEU A O   1 
ATOM   1324 C  CB  . LEU A 1 180 ? -2.503  8.012   -0.607  1.00 16.09 ? 188 LEU A CB  1 
ATOM   1325 C  CG  . LEU A 1 180 ? -2.238  6.551   -0.988  1.00 20.11 ? 188 LEU A CG  1 
ATOM   1326 C  CD1 . LEU A 1 180 ? -2.199  6.413   -2.502  1.00 23.45 ? 188 LEU A CD1 1 
ATOM   1327 C  CD2 . LEU A 1 180 ? -0.939  6.075   -0.387  1.00 18.42 ? 188 LEU A CD2 1 
ATOM   1328 N  N   . HIS A 1 181 ? -2.436  10.479  1.846   1.00 18.51 ? 189 HIS A N   1 
ATOM   1329 C  CA  . HIS A 1 181 ? -2.732  11.903  2.013   1.00 21.77 ? 189 HIS A CA  1 
ATOM   1330 C  C   . HIS A 1 181 ? -2.000  12.625  0.895   1.00 21.10 ? 189 HIS A C   1 
ATOM   1331 O  O   . HIS A 1 181 ? -0.773  12.732  0.911   1.00 22.04 ? 189 HIS A O   1 
ATOM   1332 C  CB  . HIS A 1 181 ? -2.262  12.388  3.382   1.00 21.18 ? 189 HIS A CB  1 
ATOM   1333 C  CG  . HIS A 1 181 ? -2.796  11.581  4.528   1.00 23.68 ? 189 HIS A CG  1 
ATOM   1334 N  ND1 . HIS A 1 181 ? -3.900  11.963  5.261   1.00 27.40 ? 189 HIS A ND1 1 
ATOM   1335 C  CD2 . HIS A 1 181 ? -2.371  10.415  5.075   1.00 24.22 ? 189 HIS A CD2 1 
ATOM   1336 C  CE1 . HIS A 1 181 ? -4.137  11.068  6.203   1.00 28.28 ? 189 HIS A CE1 1 
ATOM   1337 N  NE2 . HIS A 1 181 ? -3.221  10.116  6.111   1.00 25.94 ? 189 HIS A NE2 1 
ATOM   1338 N  N   . LEU A 1 182 ? -2.747  13.078  -0.107  1.00 20.33 ? 190 LEU A N   1 
ATOM   1339 C  CA  . LEU A 1 182 ? -2.138  13.489  -1.371  1.00 22.08 ? 190 LEU A CA  1 
ATOM   1340 C  C   . LEU A 1 182 ? -1.475  14.864  -1.329  1.00 25.88 ? 190 LEU A C   1 
ATOM   1341 O  O   . LEU A 1 182 ? -1.941  15.764  -0.636  1.00 26.16 ? 190 LEU A O   1 
ATOM   1342 C  CB  . LEU A 1 182 ? -3.170  13.456  -2.490  1.00 19.58 ? 190 LEU A CB  1 
ATOM   1343 C  CG  . LEU A 1 182 ? -3.791  12.101  -2.832  1.00 23.15 ? 190 LEU A CG  1 
ATOM   1344 C  CD1 . LEU A 1 182 ? -4.813  12.286  -3.940  1.00 19.54 ? 190 LEU A CD1 1 
ATOM   1345 C  CD2 . LEU A 1 182 ? -2.726  11.100  -3.244  1.00 19.58 ? 190 LEU A CD2 1 
ATOM   1346 N  N   . LYS A 1 183 ? -0.392  15.016  -2.086  1.00 24.56 ? 191 LYS A N   1 
ATOM   1347 C  CA  . LYS A 1 183 ? 0.244   16.317  -2.240  1.00 25.45 ? 191 LYS A CA  1 
ATOM   1348 C  C   . LYS A 1 183 ? -0.724  17.225  -2.976  1.00 29.34 ? 191 LYS A C   1 
ATOM   1349 O  O   . LYS A 1 183 ? -1.532  16.764  -3.791  1.00 23.49 ? 191 LYS A O   1 
ATOM   1350 C  CB  . LYS A 1 183 ? 1.556   16.197  -3.022  1.00 24.83 ? 191 LYS A CB  1 
ATOM   1351 C  CG  . LYS A 1 183 ? 2.646   15.353  -2.354  1.00 26.98 ? 191 LYS A CG  1 
ATOM   1352 C  CD  . LYS A 1 183 ? 3.741   15.023  -3.381  1.00 27.67 ? 191 LYS A CD  1 
ATOM   1353 C  CE  . LYS A 1 183 ? 4.777   14.037  -2.848  1.00 31.73 ? 191 LYS A CE  1 
ATOM   1354 N  NZ  . LYS A 1 183 ? 5.846   13.727  -3.870  1.00 35.05 ? 191 LYS A NZ  1 
ATOM   1355 N  N   . GLU A 1 184 ? -0.633  18.518  -2.700  1.00 29.12 ? 192 GLU A N   1 
ATOM   1356 C  CA  . GLU A 1 184 ? -1.566  19.495  -3.255  1.00 31.65 ? 192 GLU A CA  1 
ATOM   1357 C  C   . GLU A 1 184 ? -1.697  19.443  -4.782  1.00 31.04 ? 192 GLU A C   1 
ATOM   1358 O  O   . GLU A 1 184 ? -2.764  19.700  -5.333  1.00 33.56 ? 192 GLU A O   1 
ATOM   1359 C  CB  . GLU A 1 184 ? -1.143  20.901  -2.818  1.00 37.31 ? 192 GLU A CB  1 
ATOM   1360 C  CG  . GLU A 1 184 ? -2.305  21.808  -2.460  1.00 45.63 ? 192 GLU A CG  1 
ATOM   1361 C  CD  . GLU A 1 184 ? -1.897  23.267  -2.372  1.00 56.83 ? 192 GLU A CD  1 
ATOM   1362 O  OE1 . GLU A 1 184 ? -0.743  23.545  -1.963  1.00 56.87 ? 192 GLU A OE1 1 
ATOM   1363 O  OE2 . GLU A 1 184 ? -2.730  24.134  -2.721  1.00 64.42 ? 192 GLU A OE2 1 
ATOM   1364 N  N   . ASP A 1 185 ? -0.613  19.105  -5.468  1.00 29.44 ? 193 ASP A N   1 
ATOM   1365 C  CA  . ASP A 1 185 ? -0.623  19.110  -6.924  1.00 32.46 ? 193 ASP A CA  1 
ATOM   1366 C  C   . ASP A 1 185 ? -1.017  17.758  -7.509  1.00 31.01 ? 193 ASP A C   1 
ATOM   1367 O  O   . ASP A 1 185 ? -0.883  17.541  -8.714  1.00 29.27 ? 193 ASP A O   1 
ATOM   1368 C  CB  . ASP A 1 185 ? 0.751   19.512  -7.455  1.00 36.78 ? 193 ASP A CB  1 
ATOM   1369 C  CG  . ASP A 1 185 ? 1.877   18.709  -6.821  1.00 41.91 ? 193 ASP A CG  1 
ATOM   1370 O  OD1 . ASP A 1 185 ? 1.979   18.701  -5.573  1.00 46.05 ? 193 ASP A OD1 1 
ATOM   1371 O  OD2 . ASP A 1 185 ? 2.656   18.077  -7.568  1.00 47.48 ? 193 ASP A OD2 1 
ATOM   1372 N  N   . GLN A 1 186 ? -1.498  16.846  -6.666  1.00 27.32 ? 194 GLN A N   1 
ATOM   1373 C  CA  . GLN A 1 186 ? -1.795  15.489  -7.134  1.00 27.49 ? 194 GLN A CA  1 
ATOM   1374 C  C   . GLN A 1 186 ? -3.252  15.096  -6.933  1.00 28.69 ? 194 GLN A C   1 
ATOM   1375 O  O   . GLN A 1 186 ? -3.557  13.919  -6.734  1.00 24.95 ? 194 GLN A O   1 
ATOM   1376 C  CB  . GLN A 1 186 ? -0.873  14.464  -6.458  1.00 24.05 ? 194 GLN A CB  1 
ATOM   1377 C  CG  . GLN A 1 186 ? 0.618   14.731  -6.667  1.00 25.02 ? 194 GLN A CG  1 
ATOM   1378 C  CD  . GLN A 1 186 ? 1.015   14.738  -8.131  1.00 31.28 ? 194 GLN A CD  1 
ATOM   1379 O  OE1 . GLN A 1 186 ? 0.431   14.022  -8.946  1.00 28.63 ? 194 GLN A OE1 1 
ATOM   1380 N  NE2 . GLN A 1 186 ? 2.016   15.549  -8.475  1.00 27.87 ? 194 GLN A NE2 1 
ATOM   1381 N  N   . THR A 1 187 ? -4.149  16.075  -7.010  1.00 27.80 ? 195 THR A N   1 
ATOM   1382 C  CA  . THR A 1 187 ? -5.563  15.830  -6.768  1.00 27.93 ? 195 THR A CA  1 
ATOM   1383 C  C   . THR A 1 187 ? -6.267  15.170  -7.948  1.00 24.66 ? 195 THR A C   1 
ATOM   1384 O  O   . THR A 1 187 ? -7.448  14.859  -7.859  1.00 25.32 ? 195 THR A O   1 
ATOM   1385 C  CB  . THR A 1 187 ? -6.321  17.128  -6.402  1.00 31.62 ? 195 THR A CB  1 
ATOM   1386 O  OG1 . THR A 1 187 ? -6.069  18.129  -7.398  1.00 34.26 ? 195 THR A OG1 1 
ATOM   1387 C  CG2 . THR A 1 187 ? -5.877  17.643  -5.051  1.00 29.95 ? 195 THR A CG2 1 
ATOM   1388 N  N   . GLU A 1 188 ? -5.558  14.963  -9.055  1.00 22.58 ? 196 GLU A N   1 
ATOM   1389 C  CA  . GLU A 1 188 ? -6.172  14.307  -10.206 1.00 25.15 ? 196 GLU A CA  1 
ATOM   1390 C  C   . GLU A 1 188 ? -6.557  12.859  -9.898  1.00 23.57 ? 196 GLU A C   1 
ATOM   1391 O  O   . GLU A 1 188 ? -7.464  12.304  -10.522 1.00 23.27 ? 196 GLU A O   1 
ATOM   1392 C  CB  . GLU A 1 188 ? -5.245  14.352  -11.428 1.00 29.23 ? 196 GLU A CB  1 
ATOM   1393 C  CG  . GLU A 1 188 ? -4.072  13.385  -11.356 1.00 26.63 ? 196 GLU A CG  1 
ATOM   1394 C  CD  . GLU A 1 188 ? -3.040  13.637  -12.440 1.00 28.26 ? 196 GLU A CD  1 
ATOM   1395 O  OE1 . GLU A 1 188 ? -2.224  14.563  -12.275 1.00 35.48 ? 196 GLU A OE1 1 
ATOM   1396 O  OE2 . GLU A 1 188 ? -3.045  12.905  -13.450 1.00 32.07 ? 196 GLU A OE2 1 
ATOM   1397 N  N   . TYR A 1 189 ? -5.862  12.255  -8.938  1.00 20.11 ? 197 TYR A N   1 
ATOM   1398 C  CA  . TYR A 1 189 ? -6.076  10.857  -8.571  1.00 21.79 ? 197 TYR A CA  1 
ATOM   1399 C  C   . TYR A 1 189 ? -7.294  10.697  -7.654  1.00 22.42 ? 197 TYR A C   1 
ATOM   1400 O  O   . TYR A 1 189 ? -7.587  9.606   -7.174  1.00 21.08 ? 197 TYR A O   1 
ATOM   1401 C  CB  . TYR A 1 189 ? -4.794  10.289  -7.930  1.00 19.51 ? 197 TYR A CB  1 
ATOM   1402 C  CG  . TYR A 1 189 ? -3.631  10.382  -8.903  1.00 23.80 ? 197 TYR A CG  1 
ATOM   1403 C  CD1 . TYR A 1 189 ? -3.599  9.584   -10.037 1.00 22.61 ? 197 TYR A CD1 1 
ATOM   1404 C  CD2 . TYR A 1 189 ? -2.601  11.302  -8.716  1.00 23.65 ? 197 TYR A CD2 1 
ATOM   1405 C  CE1 . TYR A 1 189 ? -2.567  9.683   -10.958 1.00 22.65 ? 197 TYR A CE1 1 
ATOM   1406 C  CE2 . TYR A 1 189 ? -1.568  11.411  -9.632  1.00 26.08 ? 197 TYR A CE2 1 
ATOM   1407 C  CZ  . TYR A 1 189 ? -1.559  10.600  -10.751 1.00 26.86 ? 197 TYR A CZ  1 
ATOM   1408 O  OH  . TYR A 1 189 ? -0.536  10.692  -11.668 1.00 29.18 ? 197 TYR A OH  1 
ATOM   1409 N  N   . LEU A 1 190 ? -7.993  11.801  -7.404  1.00 22.01 ? 198 LEU A N   1 
ATOM   1410 C  CA  . LEU A 1 190 ? -9.261  11.738  -6.681  1.00 22.65 ? 198 LEU A CA  1 
ATOM   1411 C  C   . LEU A 1 190 ? -10.423 11.758  -7.663  1.00 25.68 ? 198 LEU A C   1 
ATOM   1412 O  O   . LEU A 1 190 ? -11.568 11.594  -7.272  1.00 27.57 ? 198 LEU A O   1 
ATOM   1413 C  CB  . LEU A 1 190 ? -9.383  12.912  -5.713  1.00 25.10 ? 198 LEU A CB  1 
ATOM   1414 C  CG  . LEU A 1 190 ? -8.294  12.965  -4.650  1.00 25.30 ? 198 LEU A CG  1 
ATOM   1415 C  CD1 . LEU A 1 190 ? -8.414  14.219  -3.792  1.00 27.89 ? 198 LEU A CD1 1 
ATOM   1416 C  CD2 . LEU A 1 190 ? -8.374  11.711  -3.798  1.00 25.22 ? 198 LEU A CD2 1 
ATOM   1417 N  N   . GLU A 1 191 ? -10.127 11.951  -8.941  1.00 23.89 ? 199 GLU A N   1 
ATOM   1418 C  CA  . GLU A 1 191 ? -11.190 12.063  -9.940  1.00 29.58 ? 199 GLU A CA  1 
ATOM   1419 C  C   . GLU A 1 191 ? -11.625 10.700  -10.482 1.00 25.77 ? 199 GLU A C   1 
ATOM   1420 O  O   . GLU A 1 191 ? -10.791 9.854   -10.817 1.00 21.24 ? 199 GLU A O   1 
ATOM   1421 C  CB  . GLU A 1 191 ? -10.780 13.027  -11.063 1.00 31.70 ? 199 GLU A CB  1 
ATOM   1422 C  CG  . GLU A 1 191 ? -10.880 14.493  -10.640 1.00 35.31 ? 199 GLU A CG  1 
ATOM   1423 C  CD  . GLU A 1 191 ? -10.121 15.449  -11.550 1.00 54.13 ? 199 GLU A CD  1 
ATOM   1424 O  OE1 . GLU A 1 191 ? -9.859  15.096  -12.724 1.00 58.00 ? 199 GLU A OE1 1 
ATOM   1425 O  OE2 . GLU A 1 191 ? -9.786  16.565  -11.083 1.00 57.02 ? 199 GLU A OE2 1 
ATOM   1426 N  N   . GLU A 1 192 ? -12.936 10.494  -10.548 1.00 25.67 ? 200 GLU A N   1 
ATOM   1427 C  CA  . GLU A 1 192 ? -13.502 9.207   -10.947 1.00 27.95 ? 200 GLU A CA  1 
ATOM   1428 C  C   . GLU A 1 192 ? -12.990 8.664   -12.293 1.00 26.52 ? 200 GLU A C   1 
ATOM   1429 O  O   . GLU A 1 192 ? -12.549 7.523   -12.380 1.00 20.45 ? 200 GLU A O   1 
ATOM   1430 C  CB  . GLU A 1 192 ? -15.028 9.294   -10.953 1.00 31.09 ? 200 GLU A CB  1 
ATOM   1431 C  CG  . GLU A 1 192 ? -15.707 8.015   -11.369 1.00 34.89 ? 200 GLU A CG  1 
ATOM   1432 C  CD  . GLU A 1 192 ? -17.222 8.155   -11.426 1.00 42.61 ? 200 GLU A CD  1 
ATOM   1433 O  OE1 . GLU A 1 192 ? -17.724 9.287   -11.230 1.00 38.52 ? 200 GLU A OE1 1 
ATOM   1434 O  OE2 . GLU A 1 192 ? -17.903 7.130   -11.665 1.00 46.61 ? 200 GLU A OE2 1 
ATOM   1435 N  N   . ARG A 1 193 ? -13.028 9.469   -13.348 1.00 24.19 ? 201 ARG A N   1 
ATOM   1436 C  CA  . ARG A 1 193 ? -12.603 8.927   -14.636 1.00 27.96 ? 201 ARG A CA  1 
ATOM   1437 C  C   . ARG A 1 193 ? -11.094 8.701   -14.732 1.00 21.08 ? 201 ARG A C   1 
ATOM   1438 O  O   . ARG A 1 193 ? -10.646 7.864   -15.510 1.00 21.44 ? 201 ARG A O   1 
ATOM   1439 C  CB  . ARG A 1 193 ? -13.132 9.748   -15.810 1.00 31.81 ? 201 ARG A CB  1 
ATOM   1440 C  CG  . ARG A 1 193 ? -12.805 11.193  -15.731 1.00 37.42 ? 201 ARG A CG  1 
ATOM   1441 C  CD  . ARG A 1 193 ? -13.546 11.955  -16.818 1.00 39.77 ? 201 ARG A CD  1 
ATOM   1442 N  NE  . ARG A 1 193 ? -13.211 13.373  -16.766 1.00 49.00 ? 201 ARG A NE  1 
ATOM   1443 C  CZ  . ARG A 1 193 ? -13.463 14.240  -17.739 1.00 50.95 ? 201 ARG A CZ  1 
ATOM   1444 N  NH1 . ARG A 1 193 ? -14.052 13.837  -18.861 1.00 44.41 ? 201 ARG A NH1 1 
ATOM   1445 N  NH2 . ARG A 1 193 ? -13.116 15.509  -17.587 1.00 53.52 ? 201 ARG A NH2 1 
ATOM   1446 N  N   . ARG A 1 194 ? -10.316 9.421   -13.925 1.00 23.17 ? 202 ARG A N   1 
ATOM   1447 C  CA  . ARG A 1 194 ? -8.865  9.223   -13.921 1.00 22.15 ? 202 ARG A CA  1 
ATOM   1448 C  C   . ARG A 1 194 ? -8.522  7.907   -13.238 1.00 19.54 ? 202 ARG A C   1 
ATOM   1449 O  O   . ARG A 1 194 ? -7.681  7.139   -13.711 1.00 20.62 ? 202 ARG A O   1 
ATOM   1450 C  CB  . ARG A 1 194 ? -8.162  10.374  -13.195 1.00 21.91 ? 202 ARG A CB  1 
ATOM   1451 C  CG  . ARG A 1 194 ? -6.625  10.243  -13.154 1.00 21.58 ? 202 ARG A CG  1 
ATOM   1452 C  CD  . ARG A 1 194 ? -5.981  10.486  -14.528 1.00 26.11 ? 202 ARG A CD  1 
ATOM   1453 N  NE  . ARG A 1 194 ? -4.517  10.609  -14.450 1.00 26.06 ? 202 ARG A NE  1 
ATOM   1454 C  CZ  . ARG A 1 194 ? -3.655  9.769   -15.019 1.00 25.34 ? 202 ARG A CZ  1 
ATOM   1455 N  NH1 . ARG A 1 194 ? -4.099  8.742   -15.726 1.00 25.55 ? 202 ARG A NH1 1 
ATOM   1456 N  NH2 . ARG A 1 194 ? -2.345  9.958   -14.887 1.00 27.60 ? 202 ARG A NH2 1 
ATOM   1457 N  N   . ILE A 1 195 ? -9.168  7.647   -12.110 1.00 19.40 ? 203 ILE A N   1 
ATOM   1458 C  CA  . ILE A 1 195 ? -8.992  6.363   -11.441 1.00 19.49 ? 203 ILE A CA  1 
ATOM   1459 C  C   . ILE A 1 195 ? -9.396  5.180   -12.330 1.00 20.35 ? 203 ILE A C   1 
ATOM   1460 O  O   . ILE A 1 195 ? -8.668  4.192   -12.411 1.00 18.90 ? 203 ILE A O   1 
ATOM   1461 C  CB  . ILE A 1 195 ? -9.771  6.315   -10.121 1.00 21.99 ? 203 ILE A CB  1 
ATOM   1462 C  CG1 . ILE A 1 195 ? -9.217  7.361   -9.156  1.00 23.39 ? 203 ILE A CG1 1 
ATOM   1463 C  CG2 . ILE A 1 195 ? -9.692  4.921   -9.499  1.00 21.84 ? 203 ILE A CG2 1 
ATOM   1464 C  CD1 . ILE A 1 195 ? -10.133 7.624   -7.935  1.00 25.35 ? 203 ILE A CD1 1 
ATOM   1465 N  N   . LYS A 1 196 ? -10.544 5.279   -13.002 1.00 20.56 ? 204 LYS A N   1 
ATOM   1466 C  CA  . LYS A 1 196 ? -10.979 4.213   -13.903 1.00 20.65 ? 204 LYS A CA  1 
ATOM   1467 C  C   . LYS A 1 196 ? -9.977  3.977   -15.034 1.00 21.98 ? 204 LYS A C   1 
ATOM   1468 O  O   . LYS A 1 196 ? -9.662  2.834   -15.386 1.00 20.98 ? 204 LYS A O   1 
ATOM   1469 C  CB  . LYS A 1 196 ? -12.340 4.549   -14.509 1.00 24.83 ? 204 LYS A CB  1 
ATOM   1470 C  CG  . LYS A 1 196 ? -13.510 4.560   -13.539 1.00 30.22 ? 204 LYS A CG  1 
ATOM   1471 C  CD  . LYS A 1 196 ? -14.785 4.823   -14.338 1.00 36.33 ? 204 LYS A CD  1 
ATOM   1472 C  CE  . LYS A 1 196 ? -16.006 4.925   -13.458 1.00 40.12 ? 204 LYS A CE  1 
ATOM   1473 N  NZ  . LYS A 1 196 ? -17.196 5.355   -14.253 1.00 47.32 ? 204 LYS A NZ  1 
ATOM   1474 N  N   . GLU A 1 197 ? -9.481  5.064   -15.610 1.00 21.79 ? 205 GLU A N   1 
ATOM   1475 C  CA  . GLU A 1 197 ? -8.509  4.975   -16.693 1.00 22.27 ? 205 GLU A CA  1 
ATOM   1476 C  C   . GLU A 1 197 ? -7.285  4.205   -16.223 1.00 23.56 ? 205 GLU A C   1 
ATOM   1477 O  O   . GLU A 1 197 ? -6.765  3.331   -16.921 1.00 23.30 ? 205 GLU A O   1 
ATOM   1478 C  CB  . GLU A 1 197 ? -8.080  6.383   -17.122 1.00 24.26 ? 205 GLU A CB  1 
ATOM   1479 C  CG  . GLU A 1 197 ? -6.969  6.396   -18.168 1.00 26.42 ? 205 GLU A CG  1 
ATOM   1480 C  CD  . GLU A 1 197 ? -6.506  7.801   -18.517 1.00 31.28 ? 205 GLU A CD  1 
ATOM   1481 O  OE1 . GLU A 1 197 ? -6.362  8.646   -17.593 1.00 28.43 ? 205 GLU A OE1 1 
ATOM   1482 O  OE2 . GLU A 1 197 ? -6.283  8.057   -19.722 1.00 27.41 ? 205 GLU A OE2 1 
ATOM   1483 N  N   . ILE A 1 198 ? -6.831  4.527   -15.019 1.00 22.08 ? 206 ILE A N   1 
ATOM   1484 C  CA  . ILE A 1 198 ? -5.612  3.925   -14.499 1.00 23.78 ? 206 ILE A CA  1 
ATOM   1485 C  C   . ILE A 1 198 ? -5.784  2.431   -14.232 1.00 23.53 ? 206 ILE A C   1 
ATOM   1486 O  O   . ILE A 1 198 ? -4.918  1.619   -14.574 1.00 25.95 ? 206 ILE A O   1 
ATOM   1487 C  CB  . ILE A 1 198 ? -5.159  4.657   -13.229 1.00 19.97 ? 206 ILE A CB  1 
ATOM   1488 C  CG1 . ILE A 1 198 ? -4.741  6.094   -13.584 1.00 21.45 ? 206 ILE A CG1 1 
ATOM   1489 C  CG2 . ILE A 1 198 ? -4.002  3.923   -12.582 1.00 21.67 ? 206 ILE A CG2 1 
ATOM   1490 C  CD1 . ILE A 1 198 ? -4.474  6.968   -12.384 1.00 19.58 ? 206 ILE A CD1 1 
ATOM   1491 N  N   . VAL A 1 199 ? -6.907  2.079   -13.616 1.00 20.54 ? 207 VAL A N   1 
ATOM   1492 C  CA  . VAL A 1 199 ? -7.205  0.698   -13.254 1.00 22.59 ? 207 VAL A CA  1 
ATOM   1493 C  C   . VAL A 1 199 ? -7.361  -0.165  -14.513 1.00 27.99 ? 207 VAL A C   1 
ATOM   1494 O  O   . VAL A 1 199 ? -6.829  -1.274  -14.594 1.00 28.52 ? 207 VAL A O   1 
ATOM   1495 C  CB  . VAL A 1 199 ? -8.478  0.624   -12.382 1.00 24.13 ? 207 VAL A CB  1 
ATOM   1496 C  CG1 . VAL A 1 199 ? -8.883  -0.833  -12.126 1.00 26.87 ? 207 VAL A CG1 1 
ATOM   1497 C  CG2 . VAL A 1 199 ? -8.247  1.349   -11.058 1.00 22.44 ? 207 VAL A CG2 1 
ATOM   1498 N  N   . LYS A 1 200 ? -8.085  0.357   -15.494 1.00 26.08 ? 208 LYS A N   1 
ATOM   1499 C  CA  . LYS A 1 200 ? -8.243  -0.323  -16.782 1.00 33.14 ? 208 LYS A CA  1 
ATOM   1500 C  C   . LYS A 1 200 ? -6.897  -0.521  -17.492 1.00 31.94 ? 208 LYS A C   1 
ATOM   1501 O  O   . LYS A 1 200 ? -6.644  -1.557  -18.103 1.00 33.50 ? 208 LYS A O   1 
ATOM   1502 C  CB  . LYS A 1 200 ? -9.189  0.482   -17.674 1.00 28.32 ? 208 LYS A CB  1 
ATOM   1503 C  CG  . LYS A 1 200 ? -9.428  -0.103  -19.058 1.00 40.24 ? 208 LYS A CG  1 
ATOM   1504 C  CD  . LYS A 1 200 ? -10.305 0.841   -19.880 1.00 43.77 ? 208 LYS A CD  1 
ATOM   1505 C  CE  . LYS A 1 200 ? -10.471 0.375   -21.319 1.00 48.12 ? 208 LYS A CE  1 
ATOM   1506 N  NZ  . LYS A 1 200 ? -11.387 1.299   -22.055 1.00 57.68 ? 208 LYS A NZ  1 
ATOM   1507 N  N   . LYS A 1 201 ? -6.023  0.476   -17.401 1.00 35.07 ? 209 LYS A N   1 
ATOM   1508 C  CA  . LYS A 1 201 ? -4.749  0.419   -18.110 1.00 37.55 ? 209 LYS A CA  1 
ATOM   1509 C  C   . LYS A 1 201 ? -3.771  -0.579  -17.492 1.00 38.78 ? 209 LYS A C   1 
ATOM   1510 O  O   . LYS A 1 201 ? -3.097  -1.318  -18.204 1.00 35.48 ? 209 LYS A O   1 
ATOM   1511 C  CB  . LYS A 1 201 ? -4.110  1.814   -18.179 1.00 36.21 ? 209 LYS A CB  1 
ATOM   1512 C  CG  . LYS A 1 201 ? -2.788  1.858   -18.922 1.00 39.01 ? 209 LYS A CG  1 
ATOM   1513 C  CD  . LYS A 1 201 ? -2.232  3.282   -18.984 1.00 43.77 ? 209 LYS A CD  1 
ATOM   1514 C  CE  . LYS A 1 201 ? -0.842  3.310   -19.611 1.00 47.67 ? 209 LYS A CE  1 
ATOM   1515 N  NZ  . LYS A 1 201 ? -0.195  4.650   -19.475 1.00 49.93 ? 209 LYS A NZ  1 
ATOM   1516 N  N   . HIS A 1 202 ? -3.704  -0.605  -16.166 1.00 40.86 ? 210 HIS A N   1 
ATOM   1517 C  CA  . HIS A 1 202 ? -2.641  -1.334  -15.473 1.00 39.74 ? 210 HIS A CA  1 
ATOM   1518 C  C   . HIS A 1 202 ? -3.112  -2.610  -14.777 1.00 39.69 ? 210 HIS A C   1 
ATOM   1519 O  O   . HIS A 1 202 ? -2.341  -3.552  -14.604 1.00 47.44 ? 210 HIS A O   1 
ATOM   1520 C  CB  . HIS A 1 202 ? -1.984  -0.430  -14.421 1.00 37.18 ? 210 HIS A CB  1 
ATOM   1521 C  CG  . HIS A 1 202 ? -1.316  0.784   -14.984 1.00 40.90 ? 210 HIS A CG  1 
ATOM   1522 N  ND1 . HIS A 1 202 ? -0.381  0.720   -15.995 1.00 42.57 ? 210 HIS A ND1 1 
ATOM   1523 C  CD2 . HIS A 1 202 ? -1.439  2.097   -14.670 1.00 38.78 ? 210 HIS A CD2 1 
ATOM   1524 C  CE1 . HIS A 1 202 ? 0.041   1.939   -16.281 1.00 41.70 ? 210 HIS A CE1 1 
ATOM   1525 N  NE2 . HIS A 1 202 ? -0.584  2.795   -15.487 1.00 42.34 ? 210 HIS A NE2 1 
ATOM   1526 N  N   . SER A 1 203 ? -4.375  -2.631  -14.374 1.00 39.84 ? 211 SER A N   1 
ATOM   1527 C  CA  . SER A 1 203 ? -4.842  -3.605  -13.393 1.00 43.40 ? 211 SER A CA  1 
ATOM   1528 C  C   . SER A 1 203 ? -6.027  -4.420  -13.903 1.00 44.95 ? 211 SER A C   1 
ATOM   1529 O  O   . SER A 1 203 ? -6.855  -4.889  -13.122 1.00 41.50 ? 211 SER A O   1 
ATOM   1530 C  CB  . SER A 1 203 ? -5.216  -2.884  -12.088 1.00 38.99 ? 211 SER A CB  1 
ATOM   1531 O  OG  . SER A 1 203 ? -4.088  -2.224  -11.525 1.00 33.07 ? 211 SER A OG  1 
ATOM   1532 N  N   . GLN A 1 204 ? -6.095  -4.591  -15.220 1.00 46.51 ? 212 GLN A N   1 
ATOM   1533 C  CA  . GLN A 1 204 ? -7.225  -5.265  -15.851 1.00 48.85 ? 212 GLN A CA  1 
ATOM   1534 C  C   . GLN A 1 204 ? -7.235  -6.786  -15.644 1.00 47.73 ? 212 GLN A C   1 
ATOM   1535 O  O   . GLN A 1 204 ? -8.185  -7.457  -16.044 1.00 56.39 ? 212 GLN A O   1 
ATOM   1536 C  CB  . GLN A 1 204 ? -7.285  -4.919  -17.350 1.00 46.11 ? 212 GLN A CB  1 
ATOM   1537 C  CG  . GLN A 1 204 ? -6.055  -5.346  -18.169 1.00 49.85 ? 212 GLN A CG  1 
ATOM   1538 C  CD  . GLN A 1 204 ? -4.886  -4.350  -18.102 1.00 54.89 ? 212 GLN A CD  1 
ATOM   1539 O  OE1 . GLN A 1 204 ? -4.189  -4.239  -17.080 1.00 46.25 ? 212 GLN A OE1 1 
ATOM   1540 N  NE2 . GLN A 1 204 ? -4.661  -3.631  -19.206 1.00 50.92 ? 212 GLN A NE2 1 
ATOM   1541 N  N   . PHE A 1 205 ? -6.196  -7.324  -15.004 1.00 48.43 ? 213 PHE A N   1 
ATOM   1542 C  CA  . PHE A 1 205 ? -6.034  -8.779  -14.863 1.00 46.68 ? 213 PHE A CA  1 
ATOM   1543 C  C   . PHE A 1 205 ? -6.003  -9.301  -13.418 1.00 44.23 ? 213 PHE A C   1 
ATOM   1544 O  O   . PHE A 1 205 ? -5.613  -10.445 -13.170 1.00 41.64 ? 213 PHE A O   1 
ATOM   1545 C  CB  . PHE A 1 205 ? -4.768  -9.230  -15.595 1.00 51.46 ? 213 PHE A CB  1 
ATOM   1546 C  CG  . PHE A 1 205 ? -4.821  -9.012  -17.086 1.00 50.65 ? 213 PHE A CG  1 
ATOM   1547 C  CD1 . PHE A 1 205 ? -6.031  -9.091  -17.774 1.00 51.39 ? 213 PHE A CD1 1 
ATOM   1548 C  CD2 . PHE A 1 205 ? -3.665  -8.727  -17.799 1.00 52.45 ? 213 PHE A CD2 1 
ATOM   1549 C  CE1 . PHE A 1 205 ? -6.083  -8.887  -19.148 1.00 54.82 ? 213 PHE A CE1 1 
ATOM   1550 C  CE2 . PHE A 1 205 ? -3.710  -8.524  -19.167 1.00 53.06 ? 213 PHE A CE2 1 
ATOM   1551 C  CZ  . PHE A 1 205 ? -4.923  -8.606  -19.844 1.00 51.72 ? 213 PHE A CZ  1 
ATOM   1552 N  N   . ILE A 1 206 ? -6.401  -8.459  -12.474 1.00 40.00 ? 214 ILE A N   1 
ATOM   1553 C  CA  . ILE A 1 206 ? -6.485  -8.845  -11.068 1.00 37.59 ? 214 ILE A CA  1 
ATOM   1554 C  C   . ILE A 1 206 ? -7.690  -9.764  -10.827 1.00 33.80 ? 214 ILE A C   1 
ATOM   1555 O  O   . ILE A 1 206 ? -8.786  -9.492  -11.321 1.00 35.52 ? 214 ILE A O   1 
ATOM   1556 C  CB  . ILE A 1 206 ? -6.614  -7.583  -10.190 1.00 32.68 ? 214 ILE A CB  1 
ATOM   1557 C  CG1 . ILE A 1 206 ? -5.370  -6.700  -10.352 1.00 31.74 ? 214 ILE A CG1 1 
ATOM   1558 C  CG2 . ILE A 1 206 ? -6.875  -7.948  -8.722  1.00 29.70 ? 214 ILE A CG2 1 
ATOM   1559 C  CD1 . ILE A 1 206 ? -4.092  -7.334  -9.841  1.00 28.53 ? 214 ILE A CD1 1 
ATOM   1560 N  N   . GLY A 1 207 ? -7.498  -10.828 -10.051 1.00 29.53 ? 215 GLY A N   1 
ATOM   1561 C  CA  . GLY A 1 207 ? -8.545  -11.817 -9.830  1.00 31.81 ? 215 GLY A CA  1 
ATOM   1562 C  C   . GLY A 1 207 ? -9.513  -11.598 -8.670  1.00 31.09 ? 215 GLY A C   1 
ATOM   1563 O  O   . GLY A 1 207 ? -10.107 -12.548 -8.150  1.00 29.91 ? 215 GLY A O   1 
ATOM   1564 N  N   . TYR A 1 208 ? -9.690  -10.347 -8.263  1.00 27.17 ? 216 TYR A N   1 
ATOM   1565 C  CA  . TYR A 1 208 ? -10.649 -10.023 -7.217  1.00 23.84 ? 216 TYR A CA  1 
ATOM   1566 C  C   . TYR A 1 208 ? -11.375 -8.761  -7.662  1.00 21.70 ? 216 TYR A C   1 
ATOM   1567 O  O   . TYR A 1 208 ? -10.805 -7.960  -8.392  1.00 22.97 ? 216 TYR A O   1 
ATOM   1568 C  CB  . TYR A 1 208 ? -9.928  -9.819  -5.873  1.00 22.96 ? 216 TYR A CB  1 
ATOM   1569 C  CG  . TYR A 1 208 ? -9.106  -11.021 -5.438  1.00 23.61 ? 216 TYR A CG  1 
ATOM   1570 C  CD1 . TYR A 1 208 ? -9.698  -12.079 -4.769  1.00 21.56 ? 216 TYR A CD1 1 
ATOM   1571 C  CD2 . TYR A 1 208 ? -7.737  -11.094 -5.710  1.00 24.97 ? 216 TYR A CD2 1 
ATOM   1572 C  CE1 . TYR A 1 208 ? -8.960  -13.184 -4.366  1.00 23.67 ? 216 TYR A CE1 1 
ATOM   1573 C  CE2 . TYR A 1 208 ? -6.984  -12.200 -5.318  1.00 23.64 ? 216 TYR A CE2 1 
ATOM   1574 C  CZ  . TYR A 1 208 ? -7.610  -13.235 -4.643  1.00 23.31 ? 216 TYR A CZ  1 
ATOM   1575 O  OH  . TYR A 1 208 ? -6.887  -14.333 -4.252  1.00 25.99 ? 216 TYR A OH  1 
ATOM   1576 N  N   . PRO A 1 209 ? -12.643 -8.587  -7.241  1.00 19.71 ? 217 PRO A N   1 
ATOM   1577 C  CA  . PRO A 1 209 ? -13.381 -7.386  -7.639  1.00 22.88 ? 217 PRO A CA  1 
ATOM   1578 C  C   . PRO A 1 209 ? -12.670 -6.129  -7.139  1.00 21.18 ? 217 PRO A C   1 
ATOM   1579 O  O   . PRO A 1 209 ? -12.238 -6.084  -5.983  1.00 23.30 ? 217 PRO A O   1 
ATOM   1580 C  CB  . PRO A 1 209 ? -14.722 -7.524  -6.889  1.00 21.88 ? 217 PRO A CB  1 
ATOM   1581 C  CG  . PRO A 1 209 ? -14.813 -8.945  -6.482  1.00 28.20 ? 217 PRO A CG  1 
ATOM   1582 C  CD  . PRO A 1 209 ? -13.400 -9.410  -6.284  1.00 22.24 ? 217 PRO A CD  1 
ATOM   1583 N  N   . ILE A 1 210 ? -12.541 -5.130  -8.000  1.00 21.37 ? 218 ILE A N   1 
ATOM   1584 C  CA  . ILE A 1 210 ? -12.057 -3.825  -7.576  1.00 21.65 ? 218 ILE A CA  1 
ATOM   1585 C  C   . ILE A 1 210 ? -13.226 -2.866  -7.725  1.00 23.37 ? 218 ILE A C   1 
ATOM   1586 O  O   . ILE A 1 210 ? -13.736 -2.663  -8.828  1.00 27.94 ? 218 ILE A O   1 
ATOM   1587 C  CB  . ILE A 1 210 ? -10.887 -3.350  -8.437  1.00 20.79 ? 218 ILE A CB  1 
ATOM   1588 C  CG1 . ILE A 1 210 ? -9.724  -4.350  -8.355  1.00 19.20 ? 218 ILE A CG1 1 
ATOM   1589 C  CG2 . ILE A 1 210 ? -10.407 -1.957  -7.988  1.00 22.62 ? 218 ILE A CG2 1 
ATOM   1590 C  CD1 . ILE A 1 210 ? -8.568  -4.041  -9.327  1.00 25.35 ? 218 ILE A CD1 1 
ATOM   1591 N  N   . THR A 1 211 ? -13.672 -2.296  -6.612  1.00 19.66 ? 219 THR A N   1 
ATOM   1592 C  CA  . THR A 1 211 ? -14.821 -1.398  -6.639  1.00 20.49 ? 219 THR A CA  1 
ATOM   1593 C  C   . THR A 1 211 ? -14.409 0.026   -6.325  1.00 19.80 ? 219 THR A C   1 
ATOM   1594 O  O   . THR A 1 211 ? -13.783 0.296   -5.299  1.00 17.79 ? 219 THR A O   1 
ATOM   1595 C  CB  . THR A 1 211 ? -15.892 -1.851  -5.631  1.00 20.19 ? 219 THR A CB  1 
ATOM   1596 O  OG1 . THR A 1 211 ? -16.184 -3.235  -5.863  1.00 21.75 ? 219 THR A OG1 1 
ATOM   1597 C  CG2 . THR A 1 211 ? -17.172 -1.024  -5.787  1.00 20.91 ? 219 THR A CG2 1 
ATOM   1598 N  N   . LEU A 1 212 ? -14.769 0.938   -7.214  1.00 20.02 ? 220 LEU A N   1 
ATOM   1599 C  CA  . LEU A 1 212 ? -14.551 2.351   -6.979  1.00 21.60 ? 220 LEU A CA  1 
ATOM   1600 C  C   . LEU A 1 212 ? -15.777 2.932   -6.284  1.00 23.08 ? 220 LEU A C   1 
ATOM   1601 O  O   . LEU A 1 212 ? -16.889 2.838   -6.802  1.00 25.63 ? 220 LEU A O   1 
ATOM   1602 C  CB  . LEU A 1 212 ? -14.302 3.071   -8.311  1.00 25.73 ? 220 LEU A CB  1 
ATOM   1603 C  CG  . LEU A 1 212 ? -14.232 4.595   -8.269  1.00 28.23 ? 220 LEU A CG  1 
ATOM   1604 C  CD1 . LEU A 1 212 ? -13.239 5.073   -7.216  1.00 25.73 ? 220 LEU A CD1 1 
ATOM   1605 C  CD2 . LEU A 1 212 ? -13.872 5.151   -9.653  1.00 28.36 ? 220 LEU A CD2 1 
ATOM   1606 N  N   . PHE A 1 213 ? -15.583 3.521   -5.108  1.00 18.96 ? 221 PHE A N   1 
ATOM   1607 C  CA  . PHE A 1 213 ? -16.675 4.194   -4.414  1.00 22.80 ? 221 PHE A CA  1 
ATOM   1608 C  C   . PHE A 1 213 ? -16.775 5.605   -4.967  1.00 25.25 ? 221 PHE A C   1 
ATOM   1609 O  O   . PHE A 1 213 ? -15.817 6.371   -4.918  1.00 25.28 ? 221 PHE A O   1 
ATOM   1610 C  CB  . PHE A 1 213 ? -16.427 4.245   -2.906  1.00 25.03 ? 221 PHE A CB  1 
ATOM   1611 C  CG  . PHE A 1 213 ? -16.718 2.946   -2.194  1.00 23.28 ? 221 PHE A CG  1 
ATOM   1612 C  CD1 . PHE A 1 213 ? -16.636 1.733   -2.862  1.00 24.67 ? 221 PHE A CD1 1 
ATOM   1613 C  CD2 . PHE A 1 213 ? -17.101 2.946   -0.862  1.00 29.01 ? 221 PHE A CD2 1 
ATOM   1614 C  CE1 . PHE A 1 213 ? -16.907 0.529   -2.198  1.00 25.49 ? 221 PHE A CE1 1 
ATOM   1615 C  CE2 . PHE A 1 213 ? -17.378 1.750   -0.195  1.00 31.49 ? 221 PHE A CE2 1 
ATOM   1616 C  CZ  . PHE A 1 213 ? -17.283 0.546   -0.868  1.00 24.92 ? 221 PHE A CZ  1 
ATOM   1617 N  N   . VAL A 1 214 ? -17.923 5.949   -5.524  1.00 24.01 ? 222 VAL A N   1 
ATOM   1618 C  CA  . VAL A 1 214 ? -18.067 7.270   -6.107  1.00 21.29 ? 222 VAL A CA  1 
ATOM   1619 C  C   . VAL A 1 214 ? -18.557 8.239   -5.035  1.00 24.46 ? 222 VAL A C   1 
ATOM   1620 O  O   . VAL A 1 214 ? -19.419 7.894   -4.222  1.00 25.01 ? 222 VAL A O   1 
ATOM   1621 C  CB  . VAL A 1 214 ? -18.973 7.234   -7.362  1.00 27.29 ? 222 VAL A CB  1 
ATOM   1622 C  CG1 . VAL A 1 214 ? -18.246 6.535   -8.500  1.00 35.51 ? 222 VAL A CG1 1 
ATOM   1623 C  CG2 . VAL A 1 214 ? -20.200 6.461   -7.091  1.00 33.61 ? 222 VAL A CG2 1 
ATOM   1624 N  N   . GLU A 1 215 ? -17.990 9.439   -5.017  1.00 22.81 ? 223 GLU A N   1 
ATOM   1625 C  CA  . GLU A 1 215 ? -18.323 10.421  -3.992  1.00 26.89 ? 223 GLU A CA  1 
ATOM   1626 C  C   . GLU A 1 215 ? -19.710 11.014  -4.222  1.00 31.22 ? 223 GLU A C   1 
ATOM   1627 O  O   . GLU A 1 215 ? -20.103 11.240  -5.361  1.00 25.92 ? 223 GLU A O   1 
ATOM   1628 C  CB  . GLU A 1 215 ? -17.266 11.519  -3.946  1.00 31.20 ? 223 GLU A CB  1 
ATOM   1629 C  CG  . GLU A 1 215 ? -15.986 11.051  -3.288  1.00 29.97 ? 223 GLU A CG  1 
ATOM   1630 C  CD  . GLU A 1 215 ? -15.128 12.195  -2.813  1.00 29.81 ? 223 GLU A CD  1 
ATOM   1631 O  OE1 . GLU A 1 215 ? -15.260 12.604  -1.637  1.00 36.55 ? 223 GLU A OE1 1 
ATOM   1632 O  OE2 . GLU A 1 215 ? -14.318 12.688  -3.618  1.00 33.08 ? 223 GLU A OE2 1 
ATOM   1633 N  N   . LYS A 1 216 ? -20.451 11.235  -3.137  1.00 32.30 ? 224 LYS A N   1 
ATOM   1634 C  CA  . LYS A 1 216 ? -21.816 11.750  -3.223  1.00 32.70 ? 224 LYS A CA  1 
ATOM   1635 C  C   . LYS A 1 216 ? -21.815 13.276  -3.252  1.00 34.05 ? 224 LYS A C   1 
ATOM   1636 O  O   . LYS A 1 216 ? -20.768 13.906  -3.080  1.00 37.16 ? 224 LYS A O   1 
ATOM   1637 C  CB  . LYS A 1 216 ? -22.660 11.243  -2.040  1.00 28.60 ? 224 LYS A CB  1 
ATOM   1638 C  CG  . LYS A 1 216 ? -22.654 9.725   -1.867  1.00 28.36 ? 224 LYS A CG  1 
ATOM   1639 C  CD  . LYS A 1 216 ? -23.387 9.283   -0.593  1.00 28.83 ? 224 LYS A CD  1 
ATOM   1640 C  CE  . LYS A 1 216 ? -22.653 9.726   0.675   1.00 29.72 ? 224 LYS A CE  1 
ATOM   1641 N  NZ  . LYS A 1 216 ? -21.239 9.204   0.733   1.00 32.54 ? 224 LYS A NZ  1 
HETATM 1642 C  C01 . RL3 B 2 .   ? -1.640  -5.187  1.809   1.00 17.76 ? 301 RL3 A C01 1 
HETATM 1643 C  C02 . RL3 B 2 .   ? -1.485  -4.045  0.996   1.00 17.89 ? 301 RL3 A C02 1 
HETATM 1644 C  C03 . RL3 B 2 .   ? -0.227  -3.364  0.968   1.00 18.01 ? 301 RL3 A C03 1 
HETATM 1645 C  C04 . RL3 B 2 .   ? 0.800   -3.809  1.751   1.00 18.73 ? 301 RL3 A C04 1 
HETATM 1646 C  C05 . RL3 B 2 .   ? 0.627   -4.944  2.556   1.00 17.84 ? 301 RL3 A C05 1 
HETATM 1647 C  C06 . RL3 B 2 .   ? -0.606  -5.632  2.583   1.00 16.82 ? 301 RL3 A C06 1 
HETATM 1648 C  C07 . RL3 B 2 .   ? -0.747  -6.877  3.458   1.00 17.41 ? 301 RL3 A C07 1 
HETATM 1649 O  O08 . RL3 B 2 .   ? -1.563  -6.908  4.346   1.00 17.12 ? 301 RL3 A O08 1 
HETATM 1650 O  O09 . RL3 B 2 .   ? -0.075  -2.252  0.175   1.00 18.19 ? 301 RL3 A O09 1 
HETATM 1651 O  O10 . RL3 B 2 .   ? -2.871  -5.877  1.855   1.00 16.31 ? 301 RL3 A O10 1 
HETATM 1652 C  C11 . RL3 B 2 .   ? 2.182   -3.264  1.795   1.00 21.23 ? 301 RL3 A C11 1 
HETATM 1653 N  N12 . RL3 B 2 .   ? 2.841   -2.513  2.799   1.00 25.17 ? 301 RL3 A N12 1 
HETATM 1654 C  C13 . RL3 B 2 .   ? 4.087   -2.335  2.393   1.00 24.31 ? 301 RL3 A C13 1 
HETATM 1655 N  N14 . RL3 B 2 .   ? 4.226   -2.988  1.179   1.00 24.59 ? 301 RL3 A N14 1 
HETATM 1656 N  N15 . RL3 B 2 .   ? 3.078   -3.545  0.869   1.00 20.76 ? 301 RL3 A N15 1 
HETATM 1657 C  C16 . RL3 B 2 .   ? 2.384   -2.010  3.969   1.00 19.58 ? 301 RL3 A C16 1 
HETATM 1658 C  C17 . RL3 B 2 .   ? 3.274   -1.277  4.746   1.00 25.68 ? 301 RL3 A C17 1 
HETATM 1659 C  C18 . RL3 B 2 .   ? 4.582   -1.054  4.399   1.00 22.52 ? 301 RL3 A C18 1 
HETATM 1660 C  C19 . RL3 B 2 .   ? 5.007   -1.611  3.165   1.00 28.53 ? 301 RL3 A C19 1 
HETATM 1661 N  N20 . RL3 B 2 .   ? 0.110   -8.007  3.216   1.00 22.34 ? 301 RL3 A N20 1 
HETATM 1662 N  N21 . RL3 B 2 .   ? 2.491   -9.563  3.648   1.00 26.87 ? 301 RL3 A N21 1 
HETATM 1663 C  C22 . RL3 B 2 .   ? 3.837   -9.890  3.997   1.00 30.44 ? 301 RL3 A C22 1 
HETATM 1664 BR BR1 . RL3 B 2 .   ? 2.615   -0.599  6.385   1.00 33.96 ? 301 RL3 A BR1 1 
HETATM 1665 C  C24 . RL3 B 2 .   ? 1.073   -7.993  2.187   1.00 20.19 ? 301 RL3 A C24 1 
HETATM 1666 C  C25 . RL3 B 2 .   ? 2.340   -8.820  2.399   1.00 24.91 ? 301 RL3 A C25 1 
HETATM 1667 C  C26 . RL3 B 2 .   ? 1.408   -9.561  4.587   1.00 27.95 ? 301 RL3 A C26 1 
HETATM 1668 C  C27 . RL3 B 2 .   ? 0.062   -9.215  3.986   1.00 21.19 ? 301 RL3 A C27 1 
HETATM 1669 O  O   . HOH C 3 .   ? 1.136   5.076   13.918  1.00 21.39 ? 401 HOH A O   1 
HETATM 1670 O  O   . HOH C 3 .   ? 12.535  -0.578  7.240   1.00 20.93 ? 402 HOH A O   1 
HETATM 1671 O  O   . HOH C 3 .   ? -4.502  -1.885  0.737   1.00 15.71 ? 403 HOH A O   1 
HETATM 1672 O  O   . HOH C 3 .   ? -4.394  -7.676  3.741   1.00 15.23 ? 404 HOH A O   1 
HETATM 1673 O  O   . HOH C 3 .   ? 11.954  7.873   5.018   1.00 23.14 ? 405 HOH A O   1 
HETATM 1674 O  O   . HOH C 3 .   ? -10.044 8.284   1.200   1.00 21.38 ? 406 HOH A O   1 
HETATM 1675 O  O   . HOH C 3 .   ? -3.005  -7.497  13.024  1.00 22.73 ? 407 HOH A O   1 
HETATM 1676 O  O   . HOH C 3 .   ? -2.250  -1.666  -1.037  1.00 18.03 ? 408 HOH A O   1 
HETATM 1677 O  O   . HOH C 3 .   ? -4.972  -15.980 9.149   1.00 23.59 ? 409 HOH A O   1 
HETATM 1678 O  O   . HOH C 3 .   ? -2.982  16.450  -10.235 1.00 25.55 ? 410 HOH A O   1 
HETATM 1679 O  O   . HOH C 3 .   ? -5.455  -13.036 8.945   1.00 18.71 ? 411 HOH A O   1 
HETATM 1680 O  O   . HOH C 3 .   ? -18.905 2.643   -8.627  1.00 21.53 ? 412 HOH A O   1 
HETATM 1681 O  O   . HOH C 3 .   ? -14.693 -4.580  -4.377  1.00 23.79 ? 413 HOH A O   1 
HETATM 1682 O  O   . HOH C 3 .   ? 5.883   -3.246  -2.230  1.00 20.61 ? 414 HOH A O   1 
HETATM 1683 O  O   . HOH C 3 .   ? -19.387 7.411   -1.656  1.00 23.47 ? 415 HOH A O   1 
HETATM 1684 O  O   . HOH C 3 .   ? 12.651  11.412  2.698   1.00 29.19 ? 416 HOH A O   1 
HETATM 1685 O  O   . HOH C 3 .   ? -8.996  -10.575 11.870  1.00 26.63 ? 417 HOH A O   1 
HETATM 1686 O  O   . HOH C 3 .   ? -2.539  -3.687  -10.504 1.00 30.21 ? 418 HOH A O   1 
HETATM 1687 O  O   . HOH C 3 .   ? 7.577   10.197  9.037   1.00 23.61 ? 419 HOH A O   1 
HETATM 1688 O  O   . HOH C 3 .   ? -1.931  -11.431 -6.967  1.00 30.07 ? 420 HOH A O   1 
HETATM 1689 O  O   . HOH C 3 .   ? 0.951   -11.130 7.377   1.00 23.05 ? 421 HOH A O   1 
HETATM 1690 O  O   . HOH C 3 .   ? -12.453 -9.022  6.161   1.00 24.96 ? 422 HOH A O   1 
HETATM 1691 O  O   . HOH C 3 .   ? -3.646  -23.842 2.813   1.00 33.19 ? 423 HOH A O   1 
HETATM 1692 O  O   . HOH C 3 .   ? 8.692   -3.964  8.183   1.00 27.15 ? 424 HOH A O   1 
HETATM 1693 O  O   . HOH C 3 .   ? -14.065 11.981  -5.913  1.00 33.54 ? 425 HOH A O   1 
HETATM 1694 O  O   . HOH C 3 .   ? -19.430 10.446  -0.536  1.00 33.73 ? 426 HOH A O   1 
HETATM 1695 O  O   . HOH C 3 .   ? -15.174 7.742   -2.265  1.00 24.29 ? 427 HOH A O   1 
HETATM 1696 O  O   . HOH C 3 .   ? -14.186 -9.775  4.174   1.00 24.68 ? 428 HOH A O   1 
HETATM 1697 O  O   . HOH C 3 .   ? 8.023   15.005  -10.284 1.00 31.81 ? 429 HOH A O   1 
HETATM 1698 O  O   . HOH C 3 .   ? 9.238   -0.439  6.166   1.00 29.97 ? 430 HOH A O   1 
HETATM 1699 O  O   . HOH C 3 .   ? 13.823  -7.983  -1.847  1.00 31.03 ? 431 HOH A O   1 
HETATM 1700 O  O   . HOH C 3 .   ? 7.345   7.618   19.545  1.00 23.11 ? 432 HOH A O   1 
HETATM 1701 O  O   . HOH C 3 .   ? 16.030  6.029   8.748   1.00 33.14 ? 433 HOH A O   1 
HETATM 1702 O  O   . HOH C 3 .   ? 6.911   -3.496  0.406   1.00 26.62 ? 434 HOH A O   1 
HETATM 1703 O  O   . HOH C 3 .   ? -11.905 6.737   -17.578 1.00 27.69 ? 435 HOH A O   1 
HETATM 1704 O  O   . HOH C 3 .   ? 7.133   -1.286  7.367   1.00 34.36 ? 436 HOH A O   1 
HETATM 1705 O  O   . HOH C 3 .   ? 13.835  8.944   3.612   1.00 23.39 ? 437 HOH A O   1 
HETATM 1706 O  O   . HOH C 3 .   ? 7.768   9.132   12.077  1.00 30.21 ? 438 HOH A O   1 
HETATM 1707 O  O   . HOH C 3 .   ? 1.762   -7.932  -0.993  1.00 25.74 ? 439 HOH A O   1 
HETATM 1708 O  O   . HOH C 3 .   ? -4.841  -11.047 -9.188  1.00 35.55 ? 440 HOH A O   1 
HETATM 1709 O  O   . HOH C 3 .   ? -13.005 -0.835  -11.395 1.00 44.39 ? 441 HOH A O   1 
HETATM 1710 O  O   . HOH C 3 .   ? -15.294 -12.725 -2.303  1.00 31.92 ? 442 HOH A O   1 
HETATM 1711 O  O   . HOH C 3 .   ? -9.660  16.248  -7.703  1.00 33.67 ? 443 HOH A O   1 
HETATM 1712 O  O   . HOH C 3 .   ? -11.748 -9.441  13.432  1.00 31.61 ? 444 HOH A O   1 
HETATM 1713 O  O   . HOH C 3 .   ? 6.180   14.110  3.458   1.00 29.54 ? 445 HOH A O   1 
HETATM 1714 O  O   . HOH C 3 .   ? 3.367   -6.283  -0.033  1.00 27.27 ? 446 HOH A O   1 
HETATM 1715 O  O   . HOH C 3 .   ? 0.592   -13.847 -2.190  1.00 27.46 ? 447 HOH A O   1 
HETATM 1716 O  O   . HOH C 3 .   ? -12.938 -5.616  -10.933 1.00 36.57 ? 448 HOH A O   1 
HETATM 1717 O  O   . HOH C 3 .   ? -16.386 0.281   -9.458  1.00 29.15 ? 449 HOH A O   1 
HETATM 1718 O  O   . HOH C 3 .   ? 15.449  -8.914  1.022   1.00 34.23 ? 450 HOH A O   1 
HETATM 1719 O  O   . HOH C 3 .   ? 3.136   9.130   12.834  1.00 36.46 ? 451 HOH A O   1 
HETATM 1720 O  O   . HOH C 3 .   ? -14.292 12.178  -12.959 1.00 36.78 ? 452 HOH A O   1 
HETATM 1721 O  O   . HOH C 3 .   ? 4.113   11.455  9.827   1.00 33.94 ? 453 HOH A O   1 
HETATM 1722 O  O   . HOH C 3 .   ? -9.148  17.686  -2.740  1.00 32.32 ? 454 HOH A O   1 
HETATM 1723 O  O   . HOH C 3 .   ? -7.131  3.175   -19.596 1.00 27.03 ? 455 HOH A O   1 
HETATM 1724 O  O   . HOH C 3 .   ? 5.279   9.404   10.955  1.00 37.40 ? 456 HOH A O   1 
HETATM 1725 O  O   . HOH C 3 .   ? 3.569   -9.726  15.746  1.00 27.86 ? 457 HOH A O   1 
HETATM 1726 O  O   . HOH C 3 .   ? -3.605  15.350  1.986   1.00 37.33 ? 458 HOH A O   1 
HETATM 1727 O  O   . HOH C 3 .   ? 0.613   13.056  -11.613 1.00 31.64 ? 459 HOH A O   1 
HETATM 1728 O  O   . HOH C 3 .   ? -10.226 -4.859  5.205   1.00 28.37 ? 460 HOH A O   1 
HETATM 1729 O  O   . HOH C 3 .   ? -3.687  7.861   -20.630 1.00 37.67 ? 461 HOH A O   1 
HETATM 1730 O  O   . HOH C 3 .   ? -14.796 12.718  -9.998  1.00 36.66 ? 462 HOH A O   1 
HETATM 1731 O  O   . HOH C 3 .   ? -16.843 7.830   -0.550  1.00 29.35 ? 463 HOH A O   1 
HETATM 1732 O  O   . HOH C 3 .   ? 7.538   9.983   15.510  1.00 33.15 ? 464 HOH A O   1 
HETATM 1733 O  O   . HOH C 3 .   ? -7.097  -12.714 -13.668 1.00 43.27 ? 465 HOH A O   1 
HETATM 1734 O  O   . HOH C 3 .   ? -7.401  -17.950 12.865  1.00 45.88 ? 466 HOH A O   1 
HETATM 1735 O  O   . HOH C 3 .   ? -4.540  -22.557 6.393   1.00 34.60 ? 467 HOH A O   1 
HETATM 1736 O  O   . HOH C 3 .   ? -8.162  -5.248  17.536  1.00 32.09 ? 468 HOH A O   1 
HETATM 1737 O  O   . HOH C 3 .   ? -14.268 -0.602  2.388   1.00 28.35 ? 469 HOH A O   1 
HETATM 1738 O  O   . HOH C 3 .   ? -0.163  1.699   20.893  1.00 35.41 ? 470 HOH A O   1 
HETATM 1739 O  O   . HOH C 3 .   ? -5.000  -17.398 11.905  1.00 39.35 ? 471 HOH A O   1 
HETATM 1740 O  O   . HOH C 3 .   ? 8.075   -5.896  1.265   1.00 30.02 ? 472 HOH A O   1 
HETATM 1741 O  O   . HOH C 3 .   ? 9.170   -2.064  7.830   1.00 32.70 ? 473 HOH A O   1 
HETATM 1742 O  O   . HOH C 3 .   ? 2.843   -6.773  -5.759  1.00 31.42 ? 474 HOH A O   1 
HETATM 1743 O  O   . HOH C 3 .   ? 0.808   9.524   -14.492 1.00 32.95 ? 475 HOH A O   1 
HETATM 1744 O  O   . HOH C 3 .   ? -8.319  -14.160 -12.566 1.00 39.89 ? 476 HOH A O   1 
HETATM 1745 O  O   . HOH C 3 .   ? 2.480   14.043  -13.291 1.00 32.38 ? 477 HOH A O   1 
HETATM 1746 O  O   . HOH C 3 .   ? -15.907 10.278  -7.106  1.00 33.72 ? 478 HOH A O   1 
HETATM 1747 O  O   . HOH C 3 .   ? -12.142 8.606   3.078   1.00 31.27 ? 479 HOH A O   1 
HETATM 1748 O  O   . HOH C 3 .   ? 19.817  -0.295  8.234   1.00 35.91 ? 480 HOH A O   1 
HETATM 1749 O  O   . HOH C 3 .   ? -13.941 -12.493 -4.534  1.00 33.11 ? 481 HOH A O   1 
HETATM 1750 O  O   . HOH C 3 .   ? 7.682   12.855  -6.081  1.00 37.89 ? 482 HOH A O   1 
HETATM 1751 O  O   . HOH C 3 .   ? -16.240 7.240   2.167   1.00 34.11 ? 483 HOH A O   1 
# 
loop_
_pdbx_poly_seq_scheme.asym_id 
_pdbx_poly_seq_scheme.entity_id 
_pdbx_poly_seq_scheme.seq_id 
_pdbx_poly_seq_scheme.mon_id 
_pdbx_poly_seq_scheme.ndb_seq_num 
_pdbx_poly_seq_scheme.pdb_seq_num 
_pdbx_poly_seq_scheme.auth_seq_num 
_pdbx_poly_seq_scheme.pdb_mon_id 
_pdbx_poly_seq_scheme.auth_mon_id 
_pdbx_poly_seq_scheme.pdb_strand_id 
_pdbx_poly_seq_scheme.pdb_ins_code 
_pdbx_poly_seq_scheme.hetero 
A 1 1   ASP 1   9   ?   ?   ?   A . n 
A 1 2   GLN 2   10  ?   ?   ?   A . n 
A 1 3   PRO 3   11  ?   ?   ?   A . n 
A 1 4   MET 4   12  ?   ?   ?   A . n 
A 1 5   GLU 5   13  ?   ?   ?   A . n 
A 1 6   GLU 6   14  ?   ?   ?   A . n 
A 1 7   GLU 7   15  ?   ?   ?   A . n 
A 1 8   GLU 8   16  ?   ?   ?   A . n 
A 1 9   VAL 9   17  17  VAL VAL A . n 
A 1 10  GLU 10  18  18  GLU GLU A . n 
A 1 11  THR 11  19  19  THR THR A . n 
A 1 12  PHE 12  20  20  PHE PHE A . n 
A 1 13  ALA 13  21  21  ALA ALA A . n 
A 1 14  PHE 14  22  22  PHE PHE A . n 
A 1 15  GLN 15  23  23  GLN GLN A . n 
A 1 16  ALA 16  24  24  ALA ALA A . n 
A 1 17  GLU 17  25  25  GLU GLU A . n 
A 1 18  ILE 18  26  26  ILE ILE A . n 
A 1 19  ALA 19  27  27  ALA ALA A . n 
A 1 20  GLN 20  28  28  GLN GLN A . n 
A 1 21  LEU 21  29  29  LEU LEU A . n 
A 1 22  MET 22  30  30  MET MET A . n 
A 1 23  SER 23  31  31  SER SER A . n 
A 1 24  LEU 24  32  32  LEU LEU A . n 
A 1 25  ILE 25  33  33  ILE ILE A . n 
A 1 26  ILE 26  34  34  ILE ILE A . n 
A 1 27  ASN 27  35  35  ASN ASN A . n 
A 1 28  THR 28  36  36  THR THR A . n 
A 1 29  PHE 29  37  37  PHE PHE A . n 
A 1 30  TYR 30  38  38  TYR TYR A . n 
A 1 31  SER 31  39  39  SER SER A . n 
A 1 32  ASN 32  40  40  ASN ASN A . n 
A 1 33  LYS 33  41  41  LYS LYS A . n 
A 1 34  GLU 34  42  42  GLU GLU A . n 
A 1 35  ILE 35  43  43  ILE ILE A . n 
A 1 36  PHE 36  44  44  PHE PHE A . n 
A 1 37  LEU 37  45  45  LEU LEU A . n 
A 1 38  ARG 38  46  46  ARG ARG A . n 
A 1 39  GLU 39  47  47  GLU GLU A . n 
A 1 40  LEU 40  48  48  LEU LEU A . n 
A 1 41  ILE 41  49  49  ILE ILE A . n 
A 1 42  SER 42  50  50  SER SER A . n 
A 1 43  ASN 43  51  51  ASN ASN A . n 
A 1 44  SER 44  52  52  SER SER A . n 
A 1 45  SER 45  53  53  SER SER A . n 
A 1 46  ASP 46  54  54  ASP ASP A . n 
A 1 47  ALA 47  55  55  ALA ALA A . n 
A 1 48  LEU 48  56  56  LEU LEU A . n 
A 1 49  ASP 49  57  57  ASP ASP A . n 
A 1 50  LYS 50  58  58  LYS LYS A . n 
A 1 51  ILE 51  59  59  ILE ILE A . n 
A 1 52  ARG 52  60  60  ARG ARG A . n 
A 1 53  TYR 53  61  61  TYR TYR A . n 
A 1 54  GLU 54  62  62  GLU GLU A . n 
A 1 55  SER 55  63  63  SER SER A . n 
A 1 56  LEU 56  64  64  LEU LEU A . n 
A 1 57  THR 57  65  65  THR THR A . n 
A 1 58  ASP 58  66  66  ASP ASP A . n 
A 1 59  PRO 59  67  67  PRO PRO A . n 
A 1 60  SER 60  68  68  SER SER A . n 
A 1 61  LYS 61  69  69  LYS LYS A . n 
A 1 62  LEU 62  70  70  LEU LEU A . n 
A 1 63  ASP 63  71  71  ASP ASP A . n 
A 1 64  SER 64  72  72  SER SER A . n 
A 1 65  GLY 65  73  73  GLY GLY A . n 
A 1 66  LYS 66  74  74  LYS LYS A . n 
A 1 67  GLU 67  75  75  GLU GLU A . n 
A 1 68  LEU 68  76  76  LEU LEU A . n 
A 1 69  HIS 69  77  77  HIS HIS A . n 
A 1 70  ILE 70  78  78  ILE ILE A . n 
A 1 71  ASN 71  79  79  ASN ASN A . n 
A 1 72  LEU 72  80  80  LEU LEU A . n 
A 1 73  ILE 73  81  81  ILE ILE A . n 
A 1 74  PRO 74  82  82  PRO PRO A . n 
A 1 75  ASN 75  83  83  ASN ASN A . n 
A 1 76  LYS 76  84  84  LYS LYS A . n 
A 1 77  GLN 77  85  85  GLN GLN A . n 
A 1 78  ASP 78  86  86  ASP ASP A . n 
A 1 79  ARG 79  87  87  ARG ARG A . n 
A 1 80  THR 80  88  88  THR THR A . n 
A 1 81  LEU 81  89  89  LEU LEU A . n 
A 1 82  THR 82  90  90  THR THR A . n 
A 1 83  ILE 83  91  91  ILE ILE A . n 
A 1 84  VAL 84  92  92  VAL VAL A . n 
A 1 85  ASP 85  93  93  ASP ASP A . n 
A 1 86  THR 86  94  94  THR THR A . n 
A 1 87  GLY 87  95  95  GLY GLY A . n 
A 1 88  ILE 88  96  96  ILE ILE A . n 
A 1 89  GLY 89  97  97  GLY GLY A . n 
A 1 90  MET 90  98  98  MET MET A . n 
A 1 91  THR 91  99  99  THR THR A . n 
A 1 92  LYS 92  100 100 LYS LYS A . n 
A 1 93  ALA 93  101 101 ALA ALA A . n 
A 1 94  ASP 94  102 102 ASP ASP A . n 
A 1 95  LEU 95  103 103 LEU LEU A . n 
A 1 96  ILE 96  104 104 ILE ILE A . n 
A 1 97  ASN 97  105 105 ASN ASN A . n 
A 1 98  ASN 98  106 106 ASN ASN A . n 
A 1 99  LEU 99  107 107 LEU LEU A . n 
A 1 100 GLY 100 108 108 GLY GLY A . n 
A 1 101 THR 101 109 109 THR THR A . n 
A 1 102 ILE 102 110 110 ILE ILE A . n 
A 1 103 ALA 103 111 111 ALA ALA A . n 
A 1 104 LYS 104 112 112 LYS LYS A . n 
A 1 105 SER 105 113 113 SER SER A . n 
A 1 106 GLY 106 114 114 GLY GLY A . n 
A 1 107 THR 107 115 115 THR THR A . n 
A 1 108 LYS 108 116 116 LYS LYS A . n 
A 1 109 ALA 109 117 117 ALA ALA A . n 
A 1 110 PHE 110 118 118 PHE PHE A . n 
A 1 111 MET 111 119 119 MET MET A . n 
A 1 112 GLU 112 120 120 GLU GLU A . n 
A 1 113 ALA 113 121 121 ALA ALA A . n 
A 1 114 LEU 114 122 122 LEU LEU A . n 
A 1 115 GLN 115 123 123 GLN GLN A . n 
A 1 116 ALA 116 124 124 ALA ALA A . n 
A 1 117 GLY 117 125 125 GLY GLY A . n 
A 1 118 ALA 118 126 126 ALA ALA A . n 
A 1 119 ASP 119 127 127 ASP ASP A . n 
A 1 120 ILE 120 128 128 ILE ILE A . n 
A 1 121 SER 121 129 129 SER SER A . n 
A 1 122 MET 122 130 130 MET MET A . n 
A 1 123 ILE 123 131 131 ILE ILE A . n 
A 1 124 GLY 124 132 132 GLY GLY A . n 
A 1 125 GLN 125 133 133 GLN GLN A . n 
A 1 126 PHE 126 134 134 PHE PHE A . n 
A 1 127 GLY 127 135 135 GLY GLY A . n 
A 1 128 VAL 128 136 136 VAL VAL A . n 
A 1 129 GLY 129 137 137 GLY GLY A . n 
A 1 130 PHE 130 138 138 PHE PHE A . n 
A 1 131 TYR 131 139 139 TYR TYR A . n 
A 1 132 SER 132 140 140 SER SER A . n 
A 1 133 ALA 133 141 141 ALA ALA A . n 
A 1 134 TYR 134 142 142 TYR TYR A . n 
A 1 135 LEU 135 143 143 LEU LEU A . n 
A 1 136 VAL 136 144 144 VAL VAL A . n 
A 1 137 ALA 137 145 145 ALA ALA A . n 
A 1 138 GLU 138 146 146 GLU GLU A . n 
A 1 139 LYS 139 147 147 LYS LYS A . n 
A 1 140 VAL 140 148 148 VAL VAL A . n 
A 1 141 THR 141 149 149 THR THR A . n 
A 1 142 VAL 142 150 150 VAL VAL A . n 
A 1 143 ILE 143 151 151 ILE ILE A . n 
A 1 144 THR 144 152 152 THR THR A . n 
A 1 145 LYS 145 153 153 LYS LYS A . n 
A 1 146 HIS 146 154 154 HIS HIS A . n 
A 1 147 ASN 147 155 155 ASN ASN A . n 
A 1 148 ASP 148 156 156 ASP ASP A . n 
A 1 149 ASP 149 157 157 ASP ASP A . n 
A 1 150 GLU 150 158 158 GLU GLU A . n 
A 1 151 GLN 151 159 159 GLN GLN A . n 
A 1 152 TYR 152 160 160 TYR TYR A . n 
A 1 153 ALA 153 161 161 ALA ALA A . n 
A 1 154 TRP 154 162 162 TRP TRP A . n 
A 1 155 GLU 155 163 163 GLU GLU A . n 
A 1 156 SER 156 164 164 SER SER A . n 
A 1 157 SER 157 165 165 SER SER A . n 
A 1 158 ALA 158 166 166 ALA ALA A . n 
A 1 159 GLY 159 167 167 GLY GLY A . n 
A 1 160 GLY 160 168 168 GLY GLY A . n 
A 1 161 SER 161 169 169 SER SER A . n 
A 1 162 PHE 162 170 170 PHE PHE A . n 
A 1 163 THR 163 171 171 THR THR A . n 
A 1 164 VAL 164 172 172 VAL VAL A . n 
A 1 165 ARG 165 173 173 ARG ARG A . n 
A 1 166 THR 166 174 174 THR THR A . n 
A 1 167 ASP 167 175 175 ASP ASP A . n 
A 1 168 THR 168 176 176 THR THR A . n 
A 1 169 GLY 169 177 177 GLY GLY A . n 
A 1 170 GLU 170 178 178 GLU GLU A . n 
A 1 171 PRO 171 179 179 PRO PRO A . n 
A 1 172 MET 172 180 180 MET MET A . n 
A 1 173 GLY 173 181 181 GLY GLY A . n 
A 1 174 ARG 174 182 182 ARG ARG A . n 
A 1 175 GLY 175 183 183 GLY GLY A . n 
A 1 176 THR 176 184 184 THR THR A . n 
A 1 177 LYS 177 185 185 LYS LYS A . n 
A 1 178 VAL 178 186 186 VAL VAL A . n 
A 1 179 ILE 179 187 187 ILE ILE A . n 
A 1 180 LEU 180 188 188 LEU LEU A . n 
A 1 181 HIS 181 189 189 HIS HIS A . n 
A 1 182 LEU 182 190 190 LEU LEU A . n 
A 1 183 LYS 183 191 191 LYS LYS A . n 
A 1 184 GLU 184 192 192 GLU GLU A . n 
A 1 185 ASP 185 193 193 ASP ASP A . n 
A 1 186 GLN 186 194 194 GLN GLN A . n 
A 1 187 THR 187 195 195 THR THR A . n 
A 1 188 GLU 188 196 196 GLU GLU A . n 
A 1 189 TYR 189 197 197 TYR TYR A . n 
A 1 190 LEU 190 198 198 LEU LEU A . n 
A 1 191 GLU 191 199 199 GLU GLU A . n 
A 1 192 GLU 192 200 200 GLU GLU A . n 
A 1 193 ARG 193 201 201 ARG ARG A . n 
A 1 194 ARG 194 202 202 ARG ARG A . n 
A 1 195 ILE 195 203 203 ILE ILE A . n 
A 1 196 LYS 196 204 204 LYS LYS A . n 
A 1 197 GLU 197 205 205 GLU GLU A . n 
A 1 198 ILE 198 206 206 ILE ILE A . n 
A 1 199 VAL 199 207 207 VAL VAL A . n 
A 1 200 LYS 200 208 208 LYS LYS A . n 
A 1 201 LYS 201 209 209 LYS LYS A . n 
A 1 202 HIS 202 210 210 HIS HIS A . n 
A 1 203 SER 203 211 211 SER SER A . n 
A 1 204 GLN 204 212 212 GLN GLN A . n 
A 1 205 PHE 205 213 213 PHE PHE A . n 
A 1 206 ILE 206 214 214 ILE ILE A . n 
A 1 207 GLY 207 215 215 GLY GLY A . n 
A 1 208 TYR 208 216 216 TYR TYR A . n 
A 1 209 PRO 209 217 217 PRO PRO A . n 
A 1 210 ILE 210 218 218 ILE ILE A . n 
A 1 211 THR 211 219 219 THR THR A . n 
A 1 212 LEU 212 220 220 LEU LEU A . n 
A 1 213 PHE 213 221 221 PHE PHE A . n 
A 1 214 VAL 214 222 222 VAL VAL A . n 
A 1 215 GLU 215 223 223 GLU GLU A . n 
A 1 216 LYS 216 224 224 LYS LYS A . n 
A 1 217 GLU 217 225 ?   ?   ?   A . n 
A 1 218 ARG 218 226 ?   ?   ?   A . n 
A 1 219 ASP 219 227 ?   ?   ?   A . n 
A 1 220 LYS 220 228 ?   ?   ?   A . n 
A 1 221 GLU 221 229 ?   ?   ?   A . n 
A 1 222 VAL 222 230 ?   ?   ?   A . n 
A 1 223 SER 223 231 ?   ?   ?   A . n 
A 1 224 ASP 224 232 ?   ?   ?   A . n 
A 1 225 ASP 225 233 ?   ?   ?   A . n 
A 1 226 GLU 226 234 ?   ?   ?   A . n 
A 1 227 ALA 227 235 ?   ?   ?   A . n 
A 1 228 GLU 228 236 ?   ?   ?   A . n 
# 
loop_
_pdbx_nonpoly_scheme.asym_id 
_pdbx_nonpoly_scheme.entity_id 
_pdbx_nonpoly_scheme.mon_id 
_pdbx_nonpoly_scheme.ndb_seq_num 
_pdbx_nonpoly_scheme.pdb_seq_num 
_pdbx_nonpoly_scheme.auth_seq_num 
_pdbx_nonpoly_scheme.pdb_mon_id 
_pdbx_nonpoly_scheme.auth_mon_id 
_pdbx_nonpoly_scheme.pdb_strand_id 
_pdbx_nonpoly_scheme.pdb_ins_code 
B 2 RL3 1  301 1  RL3 RL3 A . 
C 3 HOH 1  401 1  HOH HOH A . 
C 3 HOH 2  402 2  HOH HOH A . 
C 3 HOH 3  403 3  HOH HOH A . 
C 3 HOH 4  404 4  HOH HOH A . 
C 3 HOH 5  405 5  HOH HOH A . 
C 3 HOH 6  406 6  HOH HOH A . 
C 3 HOH 7  407 7  HOH HOH A . 
C 3 HOH 8  408 8  HOH HOH A . 
C 3 HOH 9  409 9  HOH HOH A . 
C 3 HOH 10 410 10 HOH HOH A . 
C 3 HOH 11 411 11 HOH HOH A . 
C 3 HOH 12 412 12 HOH HOH A . 
C 3 HOH 13 413 13 HOH HOH A . 
C 3 HOH 14 414 14 HOH HOH A . 
C 3 HOH 15 415 15 HOH HOH A . 
C 3 HOH 16 416 16 HOH HOH A . 
C 3 HOH 17 417 17 HOH HOH A . 
C 3 HOH 18 418 18 HOH HOH A . 
C 3 HOH 19 419 19 HOH HOH A . 
C 3 HOH 20 420 20 HOH HOH A . 
C 3 HOH 21 421 21 HOH HOH A . 
C 3 HOH 22 422 22 HOH HOH A . 
C 3 HOH 23 423 23 HOH HOH A . 
C 3 HOH 24 424 24 HOH HOH A . 
C 3 HOH 25 425 25 HOH HOH A . 
C 3 HOH 26 426 26 HOH HOH A . 
C 3 HOH 27 427 27 HOH HOH A . 
C 3 HOH 28 428 28 HOH HOH A . 
C 3 HOH 29 429 29 HOH HOH A . 
C 3 HOH 30 430 30 HOH HOH A . 
C 3 HOH 31 431 31 HOH HOH A . 
C 3 HOH 32 432 32 HOH HOH A . 
C 3 HOH 33 433 33 HOH HOH A . 
C 3 HOH 34 434 34 HOH HOH A . 
C 3 HOH 35 435 35 HOH HOH A . 
C 3 HOH 36 436 36 HOH HOH A . 
C 3 HOH 37 437 37 HOH HOH A . 
C 3 HOH 38 438 38 HOH HOH A . 
C 3 HOH 39 439 39 HOH HOH A . 
C 3 HOH 40 440 40 HOH HOH A . 
C 3 HOH 41 441 41 HOH HOH A . 
C 3 HOH 42 442 42 HOH HOH A . 
C 3 HOH 43 443 43 HOH HOH A . 
C 3 HOH 44 444 44 HOH HOH A . 
C 3 HOH 45 445 45 HOH HOH A . 
C 3 HOH 46 446 46 HOH HOH A . 
C 3 HOH 47 447 47 HOH HOH A . 
C 3 HOH 48 448 48 HOH HOH A . 
C 3 HOH 49 449 49 HOH HOH A . 
C 3 HOH 50 450 50 HOH HOH A . 
C 3 HOH 51 451 51 HOH HOH A . 
C 3 HOH 52 452 52 HOH HOH A . 
C 3 HOH 53 453 53 HOH HOH A . 
C 3 HOH 54 454 54 HOH HOH A . 
C 3 HOH 55 455 55 HOH HOH A . 
C 3 HOH 56 456 56 HOH HOH A . 
C 3 HOH 57 457 57 HOH HOH A . 
C 3 HOH 58 458 58 HOH HOH A . 
C 3 HOH 59 459 59 HOH HOH A . 
C 3 HOH 60 460 60 HOH HOH A . 
C 3 HOH 61 461 61 HOH HOH A . 
C 3 HOH 62 462 62 HOH HOH A . 
C 3 HOH 63 463 63 HOH HOH A . 
C 3 HOH 64 464 64 HOH HOH A . 
C 3 HOH 65 465 65 HOH HOH A . 
C 3 HOH 66 466 66 HOH HOH A . 
C 3 HOH 67 467 67 HOH HOH A . 
C 3 HOH 68 468 68 HOH HOH A . 
C 3 HOH 69 469 69 HOH HOH A . 
C 3 HOH 70 470 70 HOH HOH A . 
C 3 HOH 71 471 71 HOH HOH A . 
C 3 HOH 72 472 72 HOH HOH A . 
C 3 HOH 73 473 73 HOH HOH A . 
C 3 HOH 74 474 74 HOH HOH A . 
C 3 HOH 75 475 75 HOH HOH A . 
C 3 HOH 76 476 76 HOH HOH A . 
C 3 HOH 77 477 77 HOH HOH A . 
C 3 HOH 78 478 78 HOH HOH A . 
C 3 HOH 79 479 79 HOH HOH A . 
C 3 HOH 80 480 80 HOH HOH A . 
C 3 HOH 81 481 81 HOH HOH A . 
C 3 HOH 82 482 82 HOH HOH A . 
C 3 HOH 83 483 83 HOH HOH A . 
# 
_pdbx_struct_assembly.id                   1 
_pdbx_struct_assembly.details              author_and_software_defined_assembly 
_pdbx_struct_assembly.method_details       PISA 
_pdbx_struct_assembly.oligomeric_details   monomeric 
_pdbx_struct_assembly.oligomeric_count     1 
# 
_pdbx_struct_assembly_gen.assembly_id       1 
_pdbx_struct_assembly_gen.oper_expression   1 
_pdbx_struct_assembly_gen.asym_id_list      A,B,C 
# 
_pdbx_struct_oper_list.id                   1 
_pdbx_struct_oper_list.type                 'identity operation' 
_pdbx_struct_oper_list.name                 1_555 
_pdbx_struct_oper_list.symmetry_operation   x,y,z 
_pdbx_struct_oper_list.matrix[1][1]         1.0000000000 
_pdbx_struct_oper_list.matrix[1][2]         0.0000000000 
_pdbx_struct_oper_list.matrix[1][3]         0.0000000000 
_pdbx_struct_oper_list.vector[1]            0.0000000000 
_pdbx_struct_oper_list.matrix[2][1]         0.0000000000 
_pdbx_struct_oper_list.matrix[2][2]         1.0000000000 
_pdbx_struct_oper_list.matrix[2][3]         0.0000000000 
_pdbx_struct_oper_list.vector[2]            0.0000000000 
_pdbx_struct_oper_list.matrix[3][1]         0.0000000000 
_pdbx_struct_oper_list.matrix[3][2]         0.0000000000 
_pdbx_struct_oper_list.matrix[3][3]         1.0000000000 
_pdbx_struct_oper_list.vector[3]            0.0000000000 
# 
loop_
_pdbx_audit_revision_history.ordinal 
_pdbx_audit_revision_history.data_content_type 
_pdbx_audit_revision_history.major_revision 
_pdbx_audit_revision_history.minor_revision 
_pdbx_audit_revision_history.revision_date 
1 'Structure model' 1 0 2014-06-18 
2 'Structure model' 1 1 2023-11-08 
# 
_pdbx_audit_revision_details.ordinal             1 
_pdbx_audit_revision_details.revision_ordinal    1 
_pdbx_audit_revision_details.data_content_type   'Structure model' 
_pdbx_audit_revision_details.provider            repository 
_pdbx_audit_revision_details.type                'Initial release' 
_pdbx_audit_revision_details.description         ? 
_pdbx_audit_revision_details.details             ? 
# 
loop_
_pdbx_audit_revision_group.ordinal 
_pdbx_audit_revision_group.revision_ordinal 
_pdbx_audit_revision_group.data_content_type 
_pdbx_audit_revision_group.group 
1 2 'Structure model' 'Data collection'        
2 2 'Structure model' 'Database references'    
3 2 'Structure model' 'Derived calculations'   
4 2 'Structure model' 'Refinement description' 
# 
loop_
_pdbx_audit_revision_category.ordinal 
_pdbx_audit_revision_category.revision_ordinal 
_pdbx_audit_revision_category.data_content_type 
_pdbx_audit_revision_category.category 
1 2 'Structure model' chem_comp_atom                
2 2 'Structure model' chem_comp_bond                
3 2 'Structure model' database_2                    
4 2 'Structure model' pdbx_initial_refinement_model 
5 2 'Structure model' struct_site                   
# 
loop_
_pdbx_audit_revision_item.ordinal 
_pdbx_audit_revision_item.revision_ordinal 
_pdbx_audit_revision_item.data_content_type 
_pdbx_audit_revision_item.item 
1 2 'Structure model' '_database_2.pdbx_DOI'                
2 2 'Structure model' '_database_2.pdbx_database_accession' 
3 2 'Structure model' '_struct_site.pdbx_auth_asym_id'      
4 2 'Structure model' '_struct_site.pdbx_auth_comp_id'      
5 2 'Structure model' '_struct_site.pdbx_auth_seq_id'       
# 
loop_
_software.name 
_software.classification 
_software.version 
_software.citation_id 
_software.pdbx_ordinal 
HKL-2000 'data collection' .                             ? 1 
PHENIX   'model building'  .                             ? 2 
PHENIX   refinement        '(phenix.refine: 1.8.1_1168)' ? 3 
HKL-2000 'data reduction'  .                             ? 4 
HKL-2000 'data scaling'    .                             ? 5 
PHENIX   phasing           .                             ? 6 
# 
loop_
_pdbx_validate_close_contact.id 
_pdbx_validate_close_contact.PDB_model_num 
_pdbx_validate_close_contact.auth_atom_id_1 
_pdbx_validate_close_contact.auth_asym_id_1 
_pdbx_validate_close_contact.auth_comp_id_1 
_pdbx_validate_close_contact.auth_seq_id_1 
_pdbx_validate_close_contact.PDB_ins_code_1 
_pdbx_validate_close_contact.label_alt_id_1 
_pdbx_validate_close_contact.auth_atom_id_2 
_pdbx_validate_close_contact.auth_asym_id_2 
_pdbx_validate_close_contact.auth_comp_id_2 
_pdbx_validate_close_contact.auth_seq_id_2 
_pdbx_validate_close_contact.PDB_ins_code_2 
_pdbx_validate_close_contact.label_alt_id_2 
_pdbx_validate_close_contact.dist 
1 1 O A HOH 424 ? ? O A HOH 473 ? ? 1.99 
2 1 O A HOH 465 ? ? O A HOH 476 ? ? 2.19 
# 
loop_
_pdbx_validate_torsion.id 
_pdbx_validate_torsion.PDB_model_num 
_pdbx_validate_torsion.auth_comp_id 
_pdbx_validate_torsion.auth_asym_id 
_pdbx_validate_torsion.auth_seq_id 
_pdbx_validate_torsion.PDB_ins_code 
_pdbx_validate_torsion.label_alt_id 
_pdbx_validate_torsion.phi 
_pdbx_validate_torsion.psi 
1 1 THR A 94  ? ? -104.28 41.15   
2 1 ASN A 105 ? ? -107.07 -60.18  
3 1 ALA A 166 ? ? 60.43   -147.06 
# 
loop_
_pdbx_unobs_or_zero_occ_residues.id 
_pdbx_unobs_or_zero_occ_residues.PDB_model_num 
_pdbx_unobs_or_zero_occ_residues.polymer_flag 
_pdbx_unobs_or_zero_occ_residues.occupancy_flag 
_pdbx_unobs_or_zero_occ_residues.auth_asym_id 
_pdbx_unobs_or_zero_occ_residues.auth_comp_id 
_pdbx_unobs_or_zero_occ_residues.auth_seq_id 
_pdbx_unobs_or_zero_occ_residues.PDB_ins_code 
_pdbx_unobs_or_zero_occ_residues.label_asym_id 
_pdbx_unobs_or_zero_occ_residues.label_comp_id 
_pdbx_unobs_or_zero_occ_residues.label_seq_id 
1  1 Y 1 A ASP 9   ? A ASP 1   
2  1 Y 1 A GLN 10  ? A GLN 2   
3  1 Y 1 A PRO 11  ? A PRO 3   
4  1 Y 1 A MET 12  ? A MET 4   
5  1 Y 1 A GLU 13  ? A GLU 5   
6  1 Y 1 A GLU 14  ? A GLU 6   
7  1 Y 1 A GLU 15  ? A GLU 7   
8  1 Y 1 A GLU 16  ? A GLU 8   
9  1 Y 1 A GLU 225 ? A GLU 217 
10 1 Y 1 A ARG 226 ? A ARG 218 
11 1 Y 1 A ASP 227 ? A ASP 219 
12 1 Y 1 A LYS 228 ? A LYS 220 
13 1 Y 1 A GLU 229 ? A GLU 221 
14 1 Y 1 A VAL 230 ? A VAL 222 
15 1 Y 1 A SER 231 ? A SER 223 
16 1 Y 1 A ASP 232 ? A ASP 224 
17 1 Y 1 A ASP 233 ? A ASP 225 
18 1 Y 1 A GLU 234 ? A GLU 226 
19 1 Y 1 A ALA 235 ? A ALA 227 
20 1 Y 1 A GLU 236 ? A GLU 228 
# 
loop_
_chem_comp_atom.comp_id 
_chem_comp_atom.atom_id 
_chem_comp_atom.type_symbol 
_chem_comp_atom.pdbx_aromatic_flag 
_chem_comp_atom.pdbx_stereo_config 
_chem_comp_atom.pdbx_ordinal 
ALA N    N  N N 1   
ALA CA   C  N S 2   
ALA C    C  N N 3   
ALA O    O  N N 4   
ALA CB   C  N N 5   
ALA OXT  O  N N 6   
ALA H    H  N N 7   
ALA H2   H  N N 8   
ALA HA   H  N N 9   
ALA HB1  H  N N 10  
ALA HB2  H  N N 11  
ALA HB3  H  N N 12  
ALA HXT  H  N N 13  
ARG N    N  N N 14  
ARG CA   C  N S 15  
ARG C    C  N N 16  
ARG O    O  N N 17  
ARG CB   C  N N 18  
ARG CG   C  N N 19  
ARG CD   C  N N 20  
ARG NE   N  N N 21  
ARG CZ   C  N N 22  
ARG NH1  N  N N 23  
ARG NH2  N  N N 24  
ARG OXT  O  N N 25  
ARG H    H  N N 26  
ARG H2   H  N N 27  
ARG HA   H  N N 28  
ARG HB2  H  N N 29  
ARG HB3  H  N N 30  
ARG HG2  H  N N 31  
ARG HG3  H  N N 32  
ARG HD2  H  N N 33  
ARG HD3  H  N N 34  
ARG HE   H  N N 35  
ARG HH11 H  N N 36  
ARG HH12 H  N N 37  
ARG HH21 H  N N 38  
ARG HH22 H  N N 39  
ARG HXT  H  N N 40  
ASN N    N  N N 41  
ASN CA   C  N S 42  
ASN C    C  N N 43  
ASN O    O  N N 44  
ASN CB   C  N N 45  
ASN CG   C  N N 46  
ASN OD1  O  N N 47  
ASN ND2  N  N N 48  
ASN OXT  O  N N 49  
ASN H    H  N N 50  
ASN H2   H  N N 51  
ASN HA   H  N N 52  
ASN HB2  H  N N 53  
ASN HB3  H  N N 54  
ASN HD21 H  N N 55  
ASN HD22 H  N N 56  
ASN HXT  H  N N 57  
ASP N    N  N N 58  
ASP CA   C  N S 59  
ASP C    C  N N 60  
ASP O    O  N N 61  
ASP CB   C  N N 62  
ASP CG   C  N N 63  
ASP OD1  O  N N 64  
ASP OD2  O  N N 65  
ASP OXT  O  N N 66  
ASP H    H  N N 67  
ASP H2   H  N N 68  
ASP HA   H  N N 69  
ASP HB2  H  N N 70  
ASP HB3  H  N N 71  
ASP HD2  H  N N 72  
ASP HXT  H  N N 73  
GLN N    N  N N 74  
GLN CA   C  N S 75  
GLN C    C  N N 76  
GLN O    O  N N 77  
GLN CB   C  N N 78  
GLN CG   C  N N 79  
GLN CD   C  N N 80  
GLN OE1  O  N N 81  
GLN NE2  N  N N 82  
GLN OXT  O  N N 83  
GLN H    H  N N 84  
GLN H2   H  N N 85  
GLN HA   H  N N 86  
GLN HB2  H  N N 87  
GLN HB3  H  N N 88  
GLN HG2  H  N N 89  
GLN HG3  H  N N 90  
GLN HE21 H  N N 91  
GLN HE22 H  N N 92  
GLN HXT  H  N N 93  
GLU N    N  N N 94  
GLU CA   C  N S 95  
GLU C    C  N N 96  
GLU O    O  N N 97  
GLU CB   C  N N 98  
GLU CG   C  N N 99  
GLU CD   C  N N 100 
GLU OE1  O  N N 101 
GLU OE2  O  N N 102 
GLU OXT  O  N N 103 
GLU H    H  N N 104 
GLU H2   H  N N 105 
GLU HA   H  N N 106 
GLU HB2  H  N N 107 
GLU HB3  H  N N 108 
GLU HG2  H  N N 109 
GLU HG3  H  N N 110 
GLU HE2  H  N N 111 
GLU HXT  H  N N 112 
GLY N    N  N N 113 
GLY CA   C  N N 114 
GLY C    C  N N 115 
GLY O    O  N N 116 
GLY OXT  O  N N 117 
GLY H    H  N N 118 
GLY H2   H  N N 119 
GLY HA2  H  N N 120 
GLY HA3  H  N N 121 
GLY HXT  H  N N 122 
HIS N    N  N N 123 
HIS CA   C  N S 124 
HIS C    C  N N 125 
HIS O    O  N N 126 
HIS CB   C  N N 127 
HIS CG   C  Y N 128 
HIS ND1  N  Y N 129 
HIS CD2  C  Y N 130 
HIS CE1  C  Y N 131 
HIS NE2  N  Y N 132 
HIS OXT  O  N N 133 
HIS H    H  N N 134 
HIS H2   H  N N 135 
HIS HA   H  N N 136 
HIS HB2  H  N N 137 
HIS HB3  H  N N 138 
HIS HD1  H  N N 139 
HIS HD2  H  N N 140 
HIS HE1  H  N N 141 
HIS HE2  H  N N 142 
HIS HXT  H  N N 143 
HOH O    O  N N 144 
HOH H1   H  N N 145 
HOH H2   H  N N 146 
ILE N    N  N N 147 
ILE CA   C  N S 148 
ILE C    C  N N 149 
ILE O    O  N N 150 
ILE CB   C  N S 151 
ILE CG1  C  N N 152 
ILE CG2  C  N N 153 
ILE CD1  C  N N 154 
ILE OXT  O  N N 155 
ILE H    H  N N 156 
ILE H2   H  N N 157 
ILE HA   H  N N 158 
ILE HB   H  N N 159 
ILE HG12 H  N N 160 
ILE HG13 H  N N 161 
ILE HG21 H  N N 162 
ILE HG22 H  N N 163 
ILE HG23 H  N N 164 
ILE HD11 H  N N 165 
ILE HD12 H  N N 166 
ILE HD13 H  N N 167 
ILE HXT  H  N N 168 
LEU N    N  N N 169 
LEU CA   C  N S 170 
LEU C    C  N N 171 
LEU O    O  N N 172 
LEU CB   C  N N 173 
LEU CG   C  N N 174 
LEU CD1  C  N N 175 
LEU CD2  C  N N 176 
LEU OXT  O  N N 177 
LEU H    H  N N 178 
LEU H2   H  N N 179 
LEU HA   H  N N 180 
LEU HB2  H  N N 181 
LEU HB3  H  N N 182 
LEU HG   H  N N 183 
LEU HD11 H  N N 184 
LEU HD12 H  N N 185 
LEU HD13 H  N N 186 
LEU HD21 H  N N 187 
LEU HD22 H  N N 188 
LEU HD23 H  N N 189 
LEU HXT  H  N N 190 
LYS N    N  N N 191 
LYS CA   C  N S 192 
LYS C    C  N N 193 
LYS O    O  N N 194 
LYS CB   C  N N 195 
LYS CG   C  N N 196 
LYS CD   C  N N 197 
LYS CE   C  N N 198 
LYS NZ   N  N N 199 
LYS OXT  O  N N 200 
LYS H    H  N N 201 
LYS H2   H  N N 202 
LYS HA   H  N N 203 
LYS HB2  H  N N 204 
LYS HB3  H  N N 205 
LYS HG2  H  N N 206 
LYS HG3  H  N N 207 
LYS HD2  H  N N 208 
LYS HD3  H  N N 209 
LYS HE2  H  N N 210 
LYS HE3  H  N N 211 
LYS HZ1  H  N N 212 
LYS HZ2  H  N N 213 
LYS HZ3  H  N N 214 
LYS HXT  H  N N 215 
MET N    N  N N 216 
MET CA   C  N S 217 
MET C    C  N N 218 
MET O    O  N N 219 
MET CB   C  N N 220 
MET CG   C  N N 221 
MET SD   S  N N 222 
MET CE   C  N N 223 
MET OXT  O  N N 224 
MET H    H  N N 225 
MET H2   H  N N 226 
MET HA   H  N N 227 
MET HB2  H  N N 228 
MET HB3  H  N N 229 
MET HG2  H  N N 230 
MET HG3  H  N N 231 
MET HE1  H  N N 232 
MET HE2  H  N N 233 
MET HE3  H  N N 234 
MET HXT  H  N N 235 
PHE N    N  N N 236 
PHE CA   C  N S 237 
PHE C    C  N N 238 
PHE O    O  N N 239 
PHE CB   C  N N 240 
PHE CG   C  Y N 241 
PHE CD1  C  Y N 242 
PHE CD2  C  Y N 243 
PHE CE1  C  Y N 244 
PHE CE2  C  Y N 245 
PHE CZ   C  Y N 246 
PHE OXT  O  N N 247 
PHE H    H  N N 248 
PHE H2   H  N N 249 
PHE HA   H  N N 250 
PHE HB2  H  N N 251 
PHE HB3  H  N N 252 
PHE HD1  H  N N 253 
PHE HD2  H  N N 254 
PHE HE1  H  N N 255 
PHE HE2  H  N N 256 
PHE HZ   H  N N 257 
PHE HXT  H  N N 258 
PRO N    N  N N 259 
PRO CA   C  N S 260 
PRO C    C  N N 261 
PRO O    O  N N 262 
PRO CB   C  N N 263 
PRO CG   C  N N 264 
PRO CD   C  N N 265 
PRO OXT  O  N N 266 
PRO H    H  N N 267 
PRO HA   H  N N 268 
PRO HB2  H  N N 269 
PRO HB3  H  N N 270 
PRO HG2  H  N N 271 
PRO HG3  H  N N 272 
PRO HD2  H  N N 273 
PRO HD3  H  N N 274 
PRO HXT  H  N N 275 
RL3 C01  C  Y N 276 
RL3 C02  C  Y N 277 
RL3 C03  C  Y N 278 
RL3 C04  C  Y N 279 
RL3 C05  C  Y N 280 
RL3 C06  C  Y N 281 
RL3 C07  C  N N 282 
RL3 O08  O  N N 283 
RL3 O09  O  N N 284 
RL3 O10  O  N N 285 
RL3 C11  C  Y N 286 
RL3 N12  N  Y N 287 
RL3 C13  C  Y N 288 
RL3 N14  N  Y N 289 
RL3 N15  N  Y N 290 
RL3 C16  C  Y N 291 
RL3 C17  C  Y N 292 
RL3 C18  C  Y N 293 
RL3 C19  C  Y N 294 
RL3 N20  N  N N 295 
RL3 N21  N  N N 296 
RL3 C22  C  N N 297 
RL3 BR1  BR N N 298 
RL3 C24  C  N N 299 
RL3 C25  C  N N 300 
RL3 C26  C  N N 301 
RL3 C27  C  N N 302 
RL3 H1   H  N N 303 
RL3 H2   H  N N 304 
RL3 H3   H  N N 305 
RL3 H4   H  N N 306 
RL3 H5   H  N N 307 
RL3 H6   H  N N 308 
RL3 H7   H  N N 309 
RL3 H9   H  N N 310 
RL3 H10  H  N N 311 
RL3 H11  H  N N 312 
RL3 H12  H  N N 313 
RL3 H13  H  N N 314 
RL3 H14  H  N N 315 
RL3 H15  H  N N 316 
RL3 H16  H  N N 317 
RL3 H17  H  N N 318 
RL3 H18  H  N N 319 
RL3 H19  H  N N 320 
SER N    N  N N 321 
SER CA   C  N S 322 
SER C    C  N N 323 
SER O    O  N N 324 
SER CB   C  N N 325 
SER OG   O  N N 326 
SER OXT  O  N N 327 
SER H    H  N N 328 
SER H2   H  N N 329 
SER HA   H  N N 330 
SER HB2  H  N N 331 
SER HB3  H  N N 332 
SER HG   H  N N 333 
SER HXT  H  N N 334 
THR N    N  N N 335 
THR CA   C  N S 336 
THR C    C  N N 337 
THR O    O  N N 338 
THR CB   C  N R 339 
THR OG1  O  N N 340 
THR CG2  C  N N 341 
THR OXT  O  N N 342 
THR H    H  N N 343 
THR H2   H  N N 344 
THR HA   H  N N 345 
THR HB   H  N N 346 
THR HG1  H  N N 347 
THR HG21 H  N N 348 
THR HG22 H  N N 349 
THR HG23 H  N N 350 
THR HXT  H  N N 351 
TRP N    N  N N 352 
TRP CA   C  N S 353 
TRP C    C  N N 354 
TRP O    O  N N 355 
TRP CB   C  N N 356 
TRP CG   C  Y N 357 
TRP CD1  C  Y N 358 
TRP CD2  C  Y N 359 
TRP NE1  N  Y N 360 
TRP CE2  C  Y N 361 
TRP CE3  C  Y N 362 
TRP CZ2  C  Y N 363 
TRP CZ3  C  Y N 364 
TRP CH2  C  Y N 365 
TRP OXT  O  N N 366 
TRP H    H  N N 367 
TRP H2   H  N N 368 
TRP HA   H  N N 369 
TRP HB2  H  N N 370 
TRP HB3  H  N N 371 
TRP HD1  H  N N 372 
TRP HE1  H  N N 373 
TRP HE3  H  N N 374 
TRP HZ2  H  N N 375 
TRP HZ3  H  N N 376 
TRP HH2  H  N N 377 
TRP HXT  H  N N 378 
TYR N    N  N N 379 
TYR CA   C  N S 380 
TYR C    C  N N 381 
TYR O    O  N N 382 
TYR CB   C  N N 383 
TYR CG   C  Y N 384 
TYR CD1  C  Y N 385 
TYR CD2  C  Y N 386 
TYR CE1  C  Y N 387 
TYR CE2  C  Y N 388 
TYR CZ   C  Y N 389 
TYR OH   O  N N 390 
TYR OXT  O  N N 391 
TYR H    H  N N 392 
TYR H2   H  N N 393 
TYR HA   H  N N 394 
TYR HB2  H  N N 395 
TYR HB3  H  N N 396 
TYR HD1  H  N N 397 
TYR HD2  H  N N 398 
TYR HE1  H  N N 399 
TYR HE2  H  N N 400 
TYR HH   H  N N 401 
TYR HXT  H  N N 402 
VAL N    N  N N 403 
VAL CA   C  N S 404 
VAL C    C  N N 405 
VAL O    O  N N 406 
VAL CB   C  N N 407 
VAL CG1  C  N N 408 
VAL CG2  C  N N 409 
VAL OXT  O  N N 410 
VAL H    H  N N 411 
VAL H2   H  N N 412 
VAL HA   H  N N 413 
VAL HB   H  N N 414 
VAL HG11 H  N N 415 
VAL HG12 H  N N 416 
VAL HG13 H  N N 417 
VAL HG21 H  N N 418 
VAL HG22 H  N N 419 
VAL HG23 H  N N 420 
VAL HXT  H  N N 421 
# 
loop_
_chem_comp_bond.comp_id 
_chem_comp_bond.atom_id_1 
_chem_comp_bond.atom_id_2 
_chem_comp_bond.value_order 
_chem_comp_bond.pdbx_aromatic_flag 
_chem_comp_bond.pdbx_stereo_config 
_chem_comp_bond.pdbx_ordinal 
ALA N   CA   sing N N 1   
ALA N   H    sing N N 2   
ALA N   H2   sing N N 3   
ALA CA  C    sing N N 4   
ALA CA  CB   sing N N 5   
ALA CA  HA   sing N N 6   
ALA C   O    doub N N 7   
ALA C   OXT  sing N N 8   
ALA CB  HB1  sing N N 9   
ALA CB  HB2  sing N N 10  
ALA CB  HB3  sing N N 11  
ALA OXT HXT  sing N N 12  
ARG N   CA   sing N N 13  
ARG N   H    sing N N 14  
ARG N   H2   sing N N 15  
ARG CA  C    sing N N 16  
ARG CA  CB   sing N N 17  
ARG CA  HA   sing N N 18  
ARG C   O    doub N N 19  
ARG C   OXT  sing N N 20  
ARG CB  CG   sing N N 21  
ARG CB  HB2  sing N N 22  
ARG CB  HB3  sing N N 23  
ARG CG  CD   sing N N 24  
ARG CG  HG2  sing N N 25  
ARG CG  HG3  sing N N 26  
ARG CD  NE   sing N N 27  
ARG CD  HD2  sing N N 28  
ARG CD  HD3  sing N N 29  
ARG NE  CZ   sing N N 30  
ARG NE  HE   sing N N 31  
ARG CZ  NH1  sing N N 32  
ARG CZ  NH2  doub N N 33  
ARG NH1 HH11 sing N N 34  
ARG NH1 HH12 sing N N 35  
ARG NH2 HH21 sing N N 36  
ARG NH2 HH22 sing N N 37  
ARG OXT HXT  sing N N 38  
ASN N   CA   sing N N 39  
ASN N   H    sing N N 40  
ASN N   H2   sing N N 41  
ASN CA  C    sing N N 42  
ASN CA  CB   sing N N 43  
ASN CA  HA   sing N N 44  
ASN C   O    doub N N 45  
ASN C   OXT  sing N N 46  
ASN CB  CG   sing N N 47  
ASN CB  HB2  sing N N 48  
ASN CB  HB3  sing N N 49  
ASN CG  OD1  doub N N 50  
ASN CG  ND2  sing N N 51  
ASN ND2 HD21 sing N N 52  
ASN ND2 HD22 sing N N 53  
ASN OXT HXT  sing N N 54  
ASP N   CA   sing N N 55  
ASP N   H    sing N N 56  
ASP N   H2   sing N N 57  
ASP CA  C    sing N N 58  
ASP CA  CB   sing N N 59  
ASP CA  HA   sing N N 60  
ASP C   O    doub N N 61  
ASP C   OXT  sing N N 62  
ASP CB  CG   sing N N 63  
ASP CB  HB2  sing N N 64  
ASP CB  HB3  sing N N 65  
ASP CG  OD1  doub N N 66  
ASP CG  OD2  sing N N 67  
ASP OD2 HD2  sing N N 68  
ASP OXT HXT  sing N N 69  
GLN N   CA   sing N N 70  
GLN N   H    sing N N 71  
GLN N   H2   sing N N 72  
GLN CA  C    sing N N 73  
GLN CA  CB   sing N N 74  
GLN CA  HA   sing N N 75  
GLN C   O    doub N N 76  
GLN C   OXT  sing N N 77  
GLN CB  CG   sing N N 78  
GLN CB  HB2  sing N N 79  
GLN CB  HB3  sing N N 80  
GLN CG  CD   sing N N 81  
GLN CG  HG2  sing N N 82  
GLN CG  HG3  sing N N 83  
GLN CD  OE1  doub N N 84  
GLN CD  NE2  sing N N 85  
GLN NE2 HE21 sing N N 86  
GLN NE2 HE22 sing N N 87  
GLN OXT HXT  sing N N 88  
GLU N   CA   sing N N 89  
GLU N   H    sing N N 90  
GLU N   H2   sing N N 91  
GLU CA  C    sing N N 92  
GLU CA  CB   sing N N 93  
GLU CA  HA   sing N N 94  
GLU C   O    doub N N 95  
GLU C   OXT  sing N N 96  
GLU CB  CG   sing N N 97  
GLU CB  HB2  sing N N 98  
GLU CB  HB3  sing N N 99  
GLU CG  CD   sing N N 100 
GLU CG  HG2  sing N N 101 
GLU CG  HG3  sing N N 102 
GLU CD  OE1  doub N N 103 
GLU CD  OE2  sing N N 104 
GLU OE2 HE2  sing N N 105 
GLU OXT HXT  sing N N 106 
GLY N   CA   sing N N 107 
GLY N   H    sing N N 108 
GLY N   H2   sing N N 109 
GLY CA  C    sing N N 110 
GLY CA  HA2  sing N N 111 
GLY CA  HA3  sing N N 112 
GLY C   O    doub N N 113 
GLY C   OXT  sing N N 114 
GLY OXT HXT  sing N N 115 
HIS N   CA   sing N N 116 
HIS N   H    sing N N 117 
HIS N   H2   sing N N 118 
HIS CA  C    sing N N 119 
HIS CA  CB   sing N N 120 
HIS CA  HA   sing N N 121 
HIS C   O    doub N N 122 
HIS C   OXT  sing N N 123 
HIS CB  CG   sing N N 124 
HIS CB  HB2  sing N N 125 
HIS CB  HB3  sing N N 126 
HIS CG  ND1  sing Y N 127 
HIS CG  CD2  doub Y N 128 
HIS ND1 CE1  doub Y N 129 
HIS ND1 HD1  sing N N 130 
HIS CD2 NE2  sing Y N 131 
HIS CD2 HD2  sing N N 132 
HIS CE1 NE2  sing Y N 133 
HIS CE1 HE1  sing N N 134 
HIS NE2 HE2  sing N N 135 
HIS OXT HXT  sing N N 136 
HOH O   H1   sing N N 137 
HOH O   H2   sing N N 138 
ILE N   CA   sing N N 139 
ILE N   H    sing N N 140 
ILE N   H2   sing N N 141 
ILE CA  C    sing N N 142 
ILE CA  CB   sing N N 143 
ILE CA  HA   sing N N 144 
ILE C   O    doub N N 145 
ILE C   OXT  sing N N 146 
ILE CB  CG1  sing N N 147 
ILE CB  CG2  sing N N 148 
ILE CB  HB   sing N N 149 
ILE CG1 CD1  sing N N 150 
ILE CG1 HG12 sing N N 151 
ILE CG1 HG13 sing N N 152 
ILE CG2 HG21 sing N N 153 
ILE CG2 HG22 sing N N 154 
ILE CG2 HG23 sing N N 155 
ILE CD1 HD11 sing N N 156 
ILE CD1 HD12 sing N N 157 
ILE CD1 HD13 sing N N 158 
ILE OXT HXT  sing N N 159 
LEU N   CA   sing N N 160 
LEU N   H    sing N N 161 
LEU N   H2   sing N N 162 
LEU CA  C    sing N N 163 
LEU CA  CB   sing N N 164 
LEU CA  HA   sing N N 165 
LEU C   O    doub N N 166 
LEU C   OXT  sing N N 167 
LEU CB  CG   sing N N 168 
LEU CB  HB2  sing N N 169 
LEU CB  HB3  sing N N 170 
LEU CG  CD1  sing N N 171 
LEU CG  CD2  sing N N 172 
LEU CG  HG   sing N N 173 
LEU CD1 HD11 sing N N 174 
LEU CD1 HD12 sing N N 175 
LEU CD1 HD13 sing N N 176 
LEU CD2 HD21 sing N N 177 
LEU CD2 HD22 sing N N 178 
LEU CD2 HD23 sing N N 179 
LEU OXT HXT  sing N N 180 
LYS N   CA   sing N N 181 
LYS N   H    sing N N 182 
LYS N   H2   sing N N 183 
LYS CA  C    sing N N 184 
LYS CA  CB   sing N N 185 
LYS CA  HA   sing N N 186 
LYS C   O    doub N N 187 
LYS C   OXT  sing N N 188 
LYS CB  CG   sing N N 189 
LYS CB  HB2  sing N N 190 
LYS CB  HB3  sing N N 191 
LYS CG  CD   sing N N 192 
LYS CG  HG2  sing N N 193 
LYS CG  HG3  sing N N 194 
LYS CD  CE   sing N N 195 
LYS CD  HD2  sing N N 196 
LYS CD  HD3  sing N N 197 
LYS CE  NZ   sing N N 198 
LYS CE  HE2  sing N N 199 
LYS CE  HE3  sing N N 200 
LYS NZ  HZ1  sing N N 201 
LYS NZ  HZ2  sing N N 202 
LYS NZ  HZ3  sing N N 203 
LYS OXT HXT  sing N N 204 
MET N   CA   sing N N 205 
MET N   H    sing N N 206 
MET N   H2   sing N N 207 
MET CA  C    sing N N 208 
MET CA  CB   sing N N 209 
MET CA  HA   sing N N 210 
MET C   O    doub N N 211 
MET C   OXT  sing N N 212 
MET CB  CG   sing N N 213 
MET CB  HB2  sing N N 214 
MET CB  HB3  sing N N 215 
MET CG  SD   sing N N 216 
MET CG  HG2  sing N N 217 
MET CG  HG3  sing N N 218 
MET SD  CE   sing N N 219 
MET CE  HE1  sing N N 220 
MET CE  HE2  sing N N 221 
MET CE  HE3  sing N N 222 
MET OXT HXT  sing N N 223 
PHE N   CA   sing N N 224 
PHE N   H    sing N N 225 
PHE N   H2   sing N N 226 
PHE CA  C    sing N N 227 
PHE CA  CB   sing N N 228 
PHE CA  HA   sing N N 229 
PHE C   O    doub N N 230 
PHE C   OXT  sing N N 231 
PHE CB  CG   sing N N 232 
PHE CB  HB2  sing N N 233 
PHE CB  HB3  sing N N 234 
PHE CG  CD1  doub Y N 235 
PHE CG  CD2  sing Y N 236 
PHE CD1 CE1  sing Y N 237 
PHE CD1 HD1  sing N N 238 
PHE CD2 CE2  doub Y N 239 
PHE CD2 HD2  sing N N 240 
PHE CE1 CZ   doub Y N 241 
PHE CE1 HE1  sing N N 242 
PHE CE2 CZ   sing Y N 243 
PHE CE2 HE2  sing N N 244 
PHE CZ  HZ   sing N N 245 
PHE OXT HXT  sing N N 246 
PRO N   CA   sing N N 247 
PRO N   CD   sing N N 248 
PRO N   H    sing N N 249 
PRO CA  C    sing N N 250 
PRO CA  CB   sing N N 251 
PRO CA  HA   sing N N 252 
PRO C   O    doub N N 253 
PRO C   OXT  sing N N 254 
PRO CB  CG   sing N N 255 
PRO CB  HB2  sing N N 256 
PRO CB  HB3  sing N N 257 
PRO CG  CD   sing N N 258 
PRO CG  HG2  sing N N 259 
PRO CG  HG3  sing N N 260 
PRO CD  HD2  sing N N 261 
PRO CD  HD3  sing N N 262 
PRO OXT HXT  sing N N 263 
RL3 O09 C03  sing N N 264 
RL3 N14 N15  sing Y N 265 
RL3 N14 C13  doub Y N 266 
RL3 N15 C11  doub Y N 267 
RL3 C03 C02  doub Y N 268 
RL3 C03 C04  sing Y N 269 
RL3 C13 C19  sing Y N 270 
RL3 C13 N12  sing Y N 271 
RL3 C19 C18  doub Y N 272 
RL3 C11 N12  sing Y N 273 
RL3 C11 C04  sing N N 274 
RL3 C02 C01  sing Y N 275 
RL3 N12 C16  sing Y N 276 
RL3 C04 C05  doub Y N 277 
RL3 C18 C17  sing Y N 278 
RL3 C16 C17  doub Y N 279 
RL3 C17 BR1  sing N N 280 
RL3 C01 O10  sing N N 281 
RL3 C01 C06  doub Y N 282 
RL3 C05 C06  sing Y N 283 
RL3 C06 C07  sing N N 284 
RL3 C24 C25  sing N N 285 
RL3 C24 N20  sing N N 286 
RL3 C25 N21  sing N N 287 
RL3 C07 N20  sing N N 288 
RL3 C07 O08  doub N N 289 
RL3 N20 C27  sing N N 290 
RL3 N21 C22  sing N N 291 
RL3 N21 C26  sing N N 292 
RL3 C27 C26  sing N N 293 
RL3 C02 H1   sing N N 294 
RL3 C05 H2   sing N N 295 
RL3 O09 H3   sing N N 296 
RL3 O10 H4   sing N N 297 
RL3 C16 H5   sing N N 298 
RL3 C18 H6   sing N N 299 
RL3 C19 H7   sing N N 300 
RL3 C22 H9   sing N N 301 
RL3 C22 H10  sing N N 302 
RL3 C22 H11  sing N N 303 
RL3 C24 H12  sing N N 304 
RL3 C24 H13  sing N N 305 
RL3 C25 H14  sing N N 306 
RL3 C25 H15  sing N N 307 
RL3 C26 H16  sing N N 308 
RL3 C26 H17  sing N N 309 
RL3 C27 H18  sing N N 310 
RL3 C27 H19  sing N N 311 
SER N   CA   sing N N 312 
SER N   H    sing N N 313 
SER N   H2   sing N N 314 
SER CA  C    sing N N 315 
SER CA  CB   sing N N 316 
SER CA  HA   sing N N 317 
SER C   O    doub N N 318 
SER C   OXT  sing N N 319 
SER CB  OG   sing N N 320 
SER CB  HB2  sing N N 321 
SER CB  HB3  sing N N 322 
SER OG  HG   sing N N 323 
SER OXT HXT  sing N N 324 
THR N   CA   sing N N 325 
THR N   H    sing N N 326 
THR N   H2   sing N N 327 
THR CA  C    sing N N 328 
THR CA  CB   sing N N 329 
THR CA  HA   sing N N 330 
THR C   O    doub N N 331 
THR C   OXT  sing N N 332 
THR CB  OG1  sing N N 333 
THR CB  CG2  sing N N 334 
THR CB  HB   sing N N 335 
THR OG1 HG1  sing N N 336 
THR CG2 HG21 sing N N 337 
THR CG2 HG22 sing N N 338 
THR CG2 HG23 sing N N 339 
THR OXT HXT  sing N N 340 
TRP N   CA   sing N N 341 
TRP N   H    sing N N 342 
TRP N   H2   sing N N 343 
TRP CA  C    sing N N 344 
TRP CA  CB   sing N N 345 
TRP CA  HA   sing N N 346 
TRP C   O    doub N N 347 
TRP C   OXT  sing N N 348 
TRP CB  CG   sing N N 349 
TRP CB  HB2  sing N N 350 
TRP CB  HB3  sing N N 351 
TRP CG  CD1  doub Y N 352 
TRP CG  CD2  sing Y N 353 
TRP CD1 NE1  sing Y N 354 
TRP CD1 HD1  sing N N 355 
TRP CD2 CE2  doub Y N 356 
TRP CD2 CE3  sing Y N 357 
TRP NE1 CE2  sing Y N 358 
TRP NE1 HE1  sing N N 359 
TRP CE2 CZ2  sing Y N 360 
TRP CE3 CZ3  doub Y N 361 
TRP CE3 HE3  sing N N 362 
TRP CZ2 CH2  doub Y N 363 
TRP CZ2 HZ2  sing N N 364 
TRP CZ3 CH2  sing Y N 365 
TRP CZ3 HZ3  sing N N 366 
TRP CH2 HH2  sing N N 367 
TRP OXT HXT  sing N N 368 
TYR N   CA   sing N N 369 
TYR N   H    sing N N 370 
TYR N   H2   sing N N 371 
TYR CA  C    sing N N 372 
TYR CA  CB   sing N N 373 
TYR CA  HA   sing N N 374 
TYR C   O    doub N N 375 
TYR C   OXT  sing N N 376 
TYR CB  CG   sing N N 377 
TYR CB  HB2  sing N N 378 
TYR CB  HB3  sing N N 379 
TYR CG  CD1  doub Y N 380 
TYR CG  CD2  sing Y N 381 
TYR CD1 CE1  sing Y N 382 
TYR CD1 HD1  sing N N 383 
TYR CD2 CE2  doub Y N 384 
TYR CD2 HD2  sing N N 385 
TYR CE1 CZ   doub Y N 386 
TYR CE1 HE1  sing N N 387 
TYR CE2 CZ   sing Y N 388 
TYR CE2 HE2  sing N N 389 
TYR CZ  OH   sing N N 390 
TYR OH  HH   sing N N 391 
TYR OXT HXT  sing N N 392 
VAL N   CA   sing N N 393 
VAL N   H    sing N N 394 
VAL N   H2   sing N N 395 
VAL CA  C    sing N N 396 
VAL CA  CB   sing N N 397 
VAL CA  HA   sing N N 398 
VAL C   O    doub N N 399 
VAL C   OXT  sing N N 400 
VAL CB  CG1  sing N N 401 
VAL CB  CG2  sing N N 402 
VAL CB  HB   sing N N 403 
VAL CG1 HG11 sing N N 404 
VAL CG1 HG12 sing N N 405 
VAL CG1 HG13 sing N N 406 
VAL CG2 HG21 sing N N 407 
VAL CG2 HG22 sing N N 408 
VAL CG2 HG23 sing N N 409 
VAL OXT HXT  sing N N 410 
# 
loop_
_pdbx_entity_nonpoly.entity_id 
_pdbx_entity_nonpoly.name 
_pdbx_entity_nonpoly.comp_id 
2 '[5-(6-bromo[1,2,4]triazolo[4,3-a]pyridin-3-yl)-2,4-dihydroxyphenyl](4-methylpiperazin-1-yl)methanone' RL3 
3 water                                                                                                  HOH 
# 
_pdbx_initial_refinement_model.id               1 
_pdbx_initial_refinement_model.entity_id_list   ? 
_pdbx_initial_refinement_model.type             'experimental model' 
_pdbx_initial_refinement_model.source_name      PDB 
_pdbx_initial_refinement_model.accession_code   3T0Z 
_pdbx_initial_refinement_model.details          ? 
# 
